data_6C4X
# 
_entry.id   6C4X 
# 
_audit_conform.dict_name       mmcif_pdbx.dic 
_audit_conform.dict_version    5.397 
_audit_conform.dict_location   http://mmcif.pdb.org/dictionaries/ascii/mmcif_pdbx.dic 
# 
loop_
_database_2.database_id 
_database_2.database_code 
_database_2.pdbx_database_accession 
_database_2.pdbx_DOI 
PDB   6C4X         pdb_00006c4x 10.2210/pdb6c4x/pdb 
WWPDB D_1000232040 ?            ?                   
# 
loop_
_pdbx_audit_revision_history.ordinal 
_pdbx_audit_revision_history.data_content_type 
_pdbx_audit_revision_history.major_revision 
_pdbx_audit_revision_history.minor_revision 
_pdbx_audit_revision_history.revision_date 
1 'Structure model' 1 0 2018-08-15 
2 'Structure model' 1 1 2018-08-29 
3 'Structure model' 1 2 2019-12-18 
4 'Structure model' 1 3 2024-03-13 
5 'Structure model' 1 4 2024-10-30 
# 
_pdbx_audit_revision_details.ordinal             1 
_pdbx_audit_revision_details.revision_ordinal    1 
_pdbx_audit_revision_details.data_content_type   'Structure model' 
_pdbx_audit_revision_details.provider            repository 
_pdbx_audit_revision_details.type                'Initial release' 
_pdbx_audit_revision_details.description         ? 
_pdbx_audit_revision_details.details             ? 
# 
loop_
_pdbx_audit_revision_group.ordinal 
_pdbx_audit_revision_group.revision_ordinal 
_pdbx_audit_revision_group.data_content_type 
_pdbx_audit_revision_group.group 
1 2 'Structure model' 'Data collection'            
2 2 'Structure model' 'Database references'        
3 3 'Structure model' 'Author supporting evidence' 
4 4 'Structure model' 'Data collection'            
5 4 'Structure model' 'Database references'        
6 5 'Structure model' 'Structure summary'          
# 
loop_
_pdbx_audit_revision_category.ordinal 
_pdbx_audit_revision_category.revision_ordinal 
_pdbx_audit_revision_category.data_content_type 
_pdbx_audit_revision_category.category 
1 2 'Structure model' citation           
2 3 'Structure model' pdbx_audit_support 
3 4 'Structure model' chem_comp_atom     
4 4 'Structure model' chem_comp_bond     
5 4 'Structure model' database_2         
6 5 'Structure model' pdbx_entry_details 
# 
loop_
_pdbx_audit_revision_item.ordinal 
_pdbx_audit_revision_item.revision_ordinal 
_pdbx_audit_revision_item.data_content_type 
_pdbx_audit_revision_item.item 
1 2 'Structure model' '_citation.journal_volume'                 
2 2 'Structure model' '_citation.page_first'                     
3 2 'Structure model' '_citation.page_last'                      
4 3 'Structure model' '_pdbx_audit_support.funding_organization' 
5 4 'Structure model' '_database_2.pdbx_DOI'                     
6 4 'Structure model' '_database_2.pdbx_database_accession'      
# 
_pdbx_database_status.status_code                     REL 
_pdbx_database_status.status_code_sf                  REL 
_pdbx_database_status.status_code_mr                  ? 
_pdbx_database_status.entry_id                        6C4X 
_pdbx_database_status.recvd_initial_deposition_date   2018-01-13 
_pdbx_database_status.SG_entry                        N 
_pdbx_database_status.deposit_site                    RCSB 
_pdbx_database_status.process_site                    RCSB 
_pdbx_database_status.status_code_cs                  ? 
_pdbx_database_status.methods_development_category    ? 
_pdbx_database_status.pdb_format_compatible           Y 
_pdbx_database_status.status_code_nmr_data            ? 
# 
loop_
_audit_author.name 
_audit_author.pdbx_ordinal 
_audit_author.identifier_ORCID 
'Liu, L.'     1 ? 
'Zhang, S.Q.' 2 ? 
# 
_citation.abstract                  ? 
_citation.abstract_id_CAS           ? 
_citation.book_id_ISBN              ? 
_citation.book_publisher            ? 
_citation.book_publisher_city       ? 
_citation.book_title                ? 
_citation.coordinate_linkage        ? 
_citation.country                   US 
_citation.database_id_Medline       ? 
_citation.details                   ? 
_citation.id                        primary 
_citation.journal_abbrev            'Nat. Chem. Biol.' 
_citation.journal_id_ASTM           ? 
_citation.journal_id_CSD            ? 
_citation.journal_id_ISSN           1552-4469 
_citation.journal_full              ? 
_citation.journal_issue             ? 
_citation.journal_volume            14 
_citation.language                  ? 
_citation.page_first                870 
_citation.page_last                 875 
_citation.title                     'Designed peptides that assemble into cross-alpha amyloid-like structures.' 
_citation.year                      2018 
_citation.database_id_CSD           ? 
_citation.pdbx_database_id_DOI      10.1038/s41589-018-0105-5 
_citation.pdbx_database_id_PubMed   30061717 
_citation.unpublished_flag          ? 
# 
loop_
_citation_author.citation_id 
_citation_author.name 
_citation_author.ordinal 
_citation_author.identifier_ORCID 
primary 'Zhang, S.Q.'      1 0000-0001-5853-592X 
primary 'Huang, H.'        2 0000-0003-2331-6238 
primary 'Yang, J.'         3 0000-0003-4844-2492 
primary 'Kratochvil, H.T.' 4 0000-0001-8039-6823 
primary 'Lolicato, M.'     5 0000-0002-2022-7961 
primary 'Liu, Y.'          6 0000-0002-2253-3698 
primary 'Shu, X.'          7 ?                   
primary 'Liu, L.'          8 0000-0003-0514-281X 
primary 'DeGrado, W.F.'    9 0000-0003-4745-263X 
# 
loop_
_entity.id 
_entity.type 
_entity.src_method 
_entity.pdbx_description 
_entity.formula_weight 
_entity.pdbx_number_of_molecules 
_entity.pdbx_ec 
_entity.pdbx_mutation 
_entity.pdbx_fragment 
_entity.details 
1 polymer     syn 'cross-alpha amyloid-like membrane peptide alpha-AmMEM' 2824.621 8 ? ? ? ? 
2 non-polymer syn '(4S)-2-METHYL-2,4-PENTANEDIOL'                         118.174  1 ? ? ? ? 
3 non-polymer syn 'ZINC ION'                                              65.409   1 ? ? ? ? 
4 water       nat water                                                   18.015   3 ? ? ? ? 
# 
_entity_poly.entity_id                      1 
_entity_poly.type                           'polypeptide(L)' 
_entity_poly.nstd_linkage                   no 
_entity_poly.nstd_monomer                   yes 
_entity_poly.pdbx_seq_one_letter_code       '(ACE)SKLLLLLIILSEALHLAILLLIKWG(NH2)' 
_entity_poly.pdbx_seq_one_letter_code_can   XSKLLLLLIILSEALHLAILLLIKWGX 
_entity_poly.pdbx_strand_id                 A,B,C,D,E,F,G,H 
_entity_poly.pdbx_target_identifier         ? 
# 
loop_
_pdbx_entity_nonpoly.entity_id 
_pdbx_entity_nonpoly.name 
_pdbx_entity_nonpoly.comp_id 
2 '(4S)-2-METHYL-2,4-PENTANEDIOL' MPD 
3 'ZINC ION'                      ZN  
4 water                           HOH 
# 
loop_
_entity_poly_seq.entity_id 
_entity_poly_seq.num 
_entity_poly_seq.mon_id 
_entity_poly_seq.hetero 
1 1  ACE n 
1 2  SER n 
1 3  LYS n 
1 4  LEU n 
1 5  LEU n 
1 6  LEU n 
1 7  LEU n 
1 8  LEU n 
1 9  ILE n 
1 10 ILE n 
1 11 LEU n 
1 12 SER n 
1 13 GLU n 
1 14 ALA n 
1 15 LEU n 
1 16 HIS n 
1 17 LEU n 
1 18 ALA n 
1 19 ILE n 
1 20 LEU n 
1 21 LEU n 
1 22 LEU n 
1 23 ILE n 
1 24 LYS n 
1 25 TRP n 
1 26 GLY n 
1 27 NH2 n 
# 
_pdbx_entity_src_syn.entity_id              1 
_pdbx_entity_src_syn.pdbx_src_id            1 
_pdbx_entity_src_syn.pdbx_alt_source_flag   sample 
_pdbx_entity_src_syn.pdbx_beg_seq_num       ? 
_pdbx_entity_src_syn.pdbx_end_seq_num       ? 
_pdbx_entity_src_syn.organism_scientific    'synthetic construct' 
_pdbx_entity_src_syn.organism_common_name   ? 
_pdbx_entity_src_syn.ncbi_taxonomy_id       32630 
_pdbx_entity_src_syn.details                ? 
# 
loop_
_chem_comp.id 
_chem_comp.type 
_chem_comp.mon_nstd_flag 
_chem_comp.name 
_chem_comp.pdbx_synonyms 
_chem_comp.formula 
_chem_comp.formula_weight 
ACE non-polymer         . 'ACETYL GROUP'                  ? 'C2 H4 O'        44.053  
ALA 'L-peptide linking' y ALANINE                         ? 'C3 H7 N O2'     89.093  
GLU 'L-peptide linking' y 'GLUTAMIC ACID'                 ? 'C5 H9 N O4'     147.129 
GLY 'peptide linking'   y GLYCINE                         ? 'C2 H5 N O2'     75.067  
HIS 'L-peptide linking' y HISTIDINE                       ? 'C6 H10 N3 O2 1' 156.162 
HOH non-polymer         . WATER                           ? 'H2 O'           18.015  
ILE 'L-peptide linking' y ISOLEUCINE                      ? 'C6 H13 N O2'    131.173 
LEU 'L-peptide linking' y LEUCINE                         ? 'C6 H13 N O2'    131.173 
LYS 'L-peptide linking' y LYSINE                          ? 'C6 H15 N2 O2 1' 147.195 
MPD non-polymer         . '(4S)-2-METHYL-2,4-PENTANEDIOL' ? 'C6 H14 O2'      118.174 
NH2 non-polymer         . 'AMINO GROUP'                   ? 'H2 N'           16.023  
SER 'L-peptide linking' y SERINE                          ? 'C3 H7 N O3'     105.093 
TRP 'L-peptide linking' y TRYPTOPHAN                      ? 'C11 H12 N2 O2'  204.225 
ZN  non-polymer         . 'ZINC ION'                      ? 'Zn 2'           65.409  
# 
loop_
_pdbx_poly_seq_scheme.asym_id 
_pdbx_poly_seq_scheme.entity_id 
_pdbx_poly_seq_scheme.seq_id 
_pdbx_poly_seq_scheme.mon_id 
_pdbx_poly_seq_scheme.ndb_seq_num 
_pdbx_poly_seq_scheme.pdb_seq_num 
_pdbx_poly_seq_scheme.auth_seq_num 
_pdbx_poly_seq_scheme.pdb_mon_id 
_pdbx_poly_seq_scheme.auth_mon_id 
_pdbx_poly_seq_scheme.pdb_strand_id 
_pdbx_poly_seq_scheme.pdb_ins_code 
_pdbx_poly_seq_scheme.hetero 
A 1 1  ACE 1  0  ?  ?   ?   A . n 
A 1 2  SER 2  1  1  SER SER A . n 
A 1 3  LYS 3  2  2  LYS LYS A . n 
A 1 4  LEU 4  3  3  LEU LEU A . n 
A 1 5  LEU 5  4  4  LEU LEU A . n 
A 1 6  LEU 6  5  5  LEU LEU A . n 
A 1 7  LEU 7  6  6  LEU LEU A . n 
A 1 8  LEU 8  7  7  LEU LEU A . n 
A 1 9  ILE 9  8  8  ILE ILE A . n 
A 1 10 ILE 10 9  9  ILE ILE A . n 
A 1 11 LEU 11 10 10 LEU LEU A . n 
A 1 12 SER 12 11 11 SER SER A . n 
A 1 13 GLU 13 12 12 GLU GLU A . n 
A 1 14 ALA 14 13 13 ALA ALA A . n 
A 1 15 LEU 15 14 14 LEU LEU A . n 
A 1 16 HIS 16 15 15 HIS HIS A . n 
A 1 17 LEU 17 16 16 LEU LEU A . n 
A 1 18 ALA 18 17 17 ALA ALA A . n 
A 1 19 ILE 19 18 18 ILE ILE A . n 
A 1 20 LEU 20 19 19 LEU LEU A . n 
A 1 21 LEU 21 20 20 LEU LEU A . n 
A 1 22 LEU 22 21 21 LEU LEU A . n 
A 1 23 ILE 23 22 22 ILE ILE A . n 
A 1 24 LYS 24 23 23 LYS LYS A . n 
A 1 25 TRP 25 24 24 TRP TRP A . n 
A 1 26 GLY 26 25 ?  ?   ?   A . n 
A 1 27 NH2 27 26 ?  ?   ?   A . n 
B 1 1  ACE 1  0  ?  ?   ?   B . n 
B 1 2  SER 2  1  1  SER SER B . n 
B 1 3  LYS 3  2  2  LYS LYS B . n 
B 1 4  LEU 4  3  3  LEU LEU B . n 
B 1 5  LEU 5  4  4  LEU LEU B . n 
B 1 6  LEU 6  5  5  LEU LEU B . n 
B 1 7  LEU 7  6  6  LEU LEU B . n 
B 1 8  LEU 8  7  7  LEU LEU B . n 
B 1 9  ILE 9  8  8  ILE ILE B . n 
B 1 10 ILE 10 9  9  ILE ILE B . n 
B 1 11 LEU 11 10 10 LEU LEU B . n 
B 1 12 SER 12 11 11 SER SER B . n 
B 1 13 GLU 13 12 12 GLU GLU B . n 
B 1 14 ALA 14 13 13 ALA ALA B . n 
B 1 15 LEU 15 14 14 LEU LEU B . n 
B 1 16 HIS 16 15 15 HIS HIS B . n 
B 1 17 LEU 17 16 16 LEU LEU B . n 
B 1 18 ALA 18 17 17 ALA ALA B . n 
B 1 19 ILE 19 18 18 ILE ILE B . n 
B 1 20 LEU 20 19 19 LEU LEU B . n 
B 1 21 LEU 21 20 20 LEU LEU B . n 
B 1 22 LEU 22 21 21 LEU LEU B . n 
B 1 23 ILE 23 22 22 ILE ILE B . n 
B 1 24 LYS 24 23 23 LYS LYS B . n 
B 1 25 TRP 25 24 24 TRP TRP B . n 
B 1 26 GLY 26 25 ?  ?   ?   B . n 
B 1 27 NH2 27 26 ?  ?   ?   B . n 
C 1 1  ACE 1  0  ?  ?   ?   C . n 
C 1 2  SER 2  1  1  SER SER C . n 
C 1 3  LYS 3  2  2  LYS LYS C . n 
C 1 4  LEU 4  3  3  LEU LEU C . n 
C 1 5  LEU 5  4  4  LEU LEU C . n 
C 1 6  LEU 6  5  5  LEU LEU C . n 
C 1 7  LEU 7  6  6  LEU LEU C . n 
C 1 8  LEU 8  7  7  LEU LEU C . n 
C 1 9  ILE 9  8  8  ILE ILE C . n 
C 1 10 ILE 10 9  9  ILE ILE C . n 
C 1 11 LEU 11 10 10 LEU LEU C . n 
C 1 12 SER 12 11 11 SER SER C . n 
C 1 13 GLU 13 12 12 GLU GLU C . n 
C 1 14 ALA 14 13 13 ALA ALA C . n 
C 1 15 LEU 15 14 14 LEU LEU C . n 
C 1 16 HIS 16 15 15 HIS HIS C . n 
C 1 17 LEU 17 16 16 LEU LEU C . n 
C 1 18 ALA 18 17 17 ALA ALA C . n 
C 1 19 ILE 19 18 18 ILE ILE C . n 
C 1 20 LEU 20 19 19 LEU LEU C . n 
C 1 21 LEU 21 20 20 LEU LEU C . n 
C 1 22 LEU 22 21 21 LEU LEU C . n 
C 1 23 ILE 23 22 22 ILE ILE C . n 
C 1 24 LYS 24 23 23 LYS LYS C . n 
C 1 25 TRP 25 24 24 TRP TRP C . n 
C 1 26 GLY 26 25 ?  ?   ?   C . n 
C 1 27 NH2 27 26 ?  ?   ?   C . n 
D 1 1  ACE 1  0  ?  ?   ?   D . n 
D 1 2  SER 2  1  1  SER SER D . n 
D 1 3  LYS 3  2  2  LYS LYS D . n 
D 1 4  LEU 4  3  3  LEU LEU D . n 
D 1 5  LEU 5  4  4  LEU LEU D . n 
D 1 6  LEU 6  5  5  LEU LEU D . n 
D 1 7  LEU 7  6  6  LEU LEU D . n 
D 1 8  LEU 8  7  7  LEU LEU D . n 
D 1 9  ILE 9  8  8  ILE ILE D . n 
D 1 10 ILE 10 9  9  ILE ILE D . n 
D 1 11 LEU 11 10 10 LEU LEU D . n 
D 1 12 SER 12 11 11 SER SER D . n 
D 1 13 GLU 13 12 12 GLU GLU D . n 
D 1 14 ALA 14 13 13 ALA ALA D . n 
D 1 15 LEU 15 14 14 LEU LEU D . n 
D 1 16 HIS 16 15 15 HIS HIS D . n 
D 1 17 LEU 17 16 16 LEU LEU D . n 
D 1 18 ALA 18 17 17 ALA ALA D . n 
D 1 19 ILE 19 18 18 ILE ILE D . n 
D 1 20 LEU 20 19 19 LEU LEU D . n 
D 1 21 LEU 21 20 20 LEU LEU D . n 
D 1 22 LEU 22 21 21 LEU LEU D . n 
D 1 23 ILE 23 22 22 ILE ILE D . n 
D 1 24 LYS 24 23 23 LYS LYS D . n 
D 1 25 TRP 25 24 24 TRP TRP D . n 
D 1 26 GLY 26 25 ?  ?   ?   D . n 
D 1 27 NH2 27 26 ?  ?   ?   D . n 
E 1 1  ACE 1  0  ?  ?   ?   E . n 
E 1 2  SER 2  1  1  SER SER E . n 
E 1 3  LYS 3  2  2  LYS LYS E . n 
E 1 4  LEU 4  3  3  LEU LEU E . n 
E 1 5  LEU 5  4  4  LEU LEU E . n 
E 1 6  LEU 6  5  5  LEU LEU E . n 
E 1 7  LEU 7  6  6  LEU LEU E . n 
E 1 8  LEU 8  7  7  LEU LEU E . n 
E 1 9  ILE 9  8  8  ILE ILE E . n 
E 1 10 ILE 10 9  9  ILE ILE E . n 
E 1 11 LEU 11 10 10 LEU LEU E . n 
E 1 12 SER 12 11 11 SER SER E . n 
E 1 13 GLU 13 12 12 GLU GLU E . n 
E 1 14 ALA 14 13 13 ALA ALA E . n 
E 1 15 LEU 15 14 14 LEU LEU E . n 
E 1 16 HIS 16 15 15 HIS HIS E . n 
E 1 17 LEU 17 16 16 LEU LEU E . n 
E 1 18 ALA 18 17 17 ALA ALA E . n 
E 1 19 ILE 19 18 18 ILE ILE E . n 
E 1 20 LEU 20 19 19 LEU LEU E . n 
E 1 21 LEU 21 20 20 LEU LEU E . n 
E 1 22 LEU 22 21 21 LEU LEU E . n 
E 1 23 ILE 23 22 22 ILE ILE E . n 
E 1 24 LYS 24 23 23 LYS LYS E . n 
E 1 25 TRP 25 24 24 TRP TRP E . n 
E 1 26 GLY 26 25 ?  ?   ?   E . n 
E 1 27 NH2 27 26 ?  ?   ?   E . n 
F 1 1  ACE 1  0  ?  ?   ?   F . n 
F 1 2  SER 2  1  1  SER SER F . n 
F 1 3  LYS 3  2  2  LYS LYS F . n 
F 1 4  LEU 4  3  3  LEU LEU F . n 
F 1 5  LEU 5  4  4  LEU LEU F . n 
F 1 6  LEU 6  5  5  LEU LEU F . n 
F 1 7  LEU 7  6  6  LEU LEU F . n 
F 1 8  LEU 8  7  7  LEU LEU F . n 
F 1 9  ILE 9  8  8  ILE ILE F . n 
F 1 10 ILE 10 9  9  ILE ILE F . n 
F 1 11 LEU 11 10 10 LEU LEU F . n 
F 1 12 SER 12 11 11 SER SER F . n 
F 1 13 GLU 13 12 12 GLU GLU F . n 
F 1 14 ALA 14 13 13 ALA ALA F . n 
F 1 15 LEU 15 14 14 LEU LEU F . n 
F 1 16 HIS 16 15 15 HIS HIS F . n 
F 1 17 LEU 17 16 16 LEU LEU F . n 
F 1 18 ALA 18 17 17 ALA ALA F . n 
F 1 19 ILE 19 18 18 ILE ILE F . n 
F 1 20 LEU 20 19 19 LEU LEU F . n 
F 1 21 LEU 21 20 20 LEU LEU F . n 
F 1 22 LEU 22 21 21 LEU LEU F . n 
F 1 23 ILE 23 22 22 ILE ILE F . n 
F 1 24 LYS 24 23 23 LYS LYS F . n 
F 1 25 TRP 25 24 24 TRP TRP F . n 
F 1 26 GLY 26 25 25 GLY GLY F . n 
F 1 27 NH2 27 26 ?  ?   ?   F . n 
G 1 1  ACE 1  0  ?  ?   ?   G . n 
G 1 2  SER 2  1  1  SER SER G . n 
G 1 3  LYS 3  2  2  LYS LYS G . n 
G 1 4  LEU 4  3  3  LEU LEU G . n 
G 1 5  LEU 5  4  4  LEU LEU G . n 
G 1 6  LEU 6  5  5  LEU LEU G . n 
G 1 7  LEU 7  6  6  LEU LEU G . n 
G 1 8  LEU 8  7  7  LEU LEU G . n 
G 1 9  ILE 9  8  8  ILE ILE G . n 
G 1 10 ILE 10 9  9  ILE ILE G . n 
G 1 11 LEU 11 10 10 LEU LEU G . n 
G 1 12 SER 12 11 11 SER SER G . n 
G 1 13 GLU 13 12 12 GLU GLU G . n 
G 1 14 ALA 14 13 13 ALA ALA G . n 
G 1 15 LEU 15 14 14 LEU LEU G . n 
G 1 16 HIS 16 15 15 HIS HIS G . n 
G 1 17 LEU 17 16 16 LEU LEU G . n 
G 1 18 ALA 18 17 17 ALA ALA G . n 
G 1 19 ILE 19 18 18 ILE ILE G . n 
G 1 20 LEU 20 19 19 LEU LEU G . n 
G 1 21 LEU 21 20 20 LEU LEU G . n 
G 1 22 LEU 22 21 21 LEU LEU G . n 
G 1 23 ILE 23 22 22 ILE ILE G . n 
G 1 24 LYS 24 23 23 LYS LYS G . n 
G 1 25 TRP 25 24 24 TRP TRP G . n 
G 1 26 GLY 26 25 25 GLY GLY G . n 
G 1 27 NH2 27 26 ?  ?   ?   G . n 
H 1 1  ACE 1  0  ?  ?   ?   H . n 
H 1 2  SER 2  1  1  SER SER H . n 
H 1 3  LYS 3  2  2  LYS LYS H . n 
H 1 4  LEU 4  3  3  LEU LEU H . n 
H 1 5  LEU 5  4  4  LEU LEU H . n 
H 1 6  LEU 6  5  5  LEU LEU H . n 
H 1 7  LEU 7  6  6  LEU LEU H . n 
H 1 8  LEU 8  7  7  LEU LEU H . n 
H 1 9  ILE 9  8  8  ILE ILE H . n 
H 1 10 ILE 10 9  9  ILE ILE H . n 
H 1 11 LEU 11 10 10 LEU LEU H . n 
H 1 12 SER 12 11 11 SER SER H . n 
H 1 13 GLU 13 12 12 GLU GLU H . n 
H 1 14 ALA 14 13 13 ALA ALA H . n 
H 1 15 LEU 15 14 14 LEU LEU H . n 
H 1 16 HIS 16 15 15 HIS HIS H . n 
H 1 17 LEU 17 16 16 LEU LEU H . n 
H 1 18 ALA 18 17 17 ALA ALA H . n 
H 1 19 ILE 19 18 18 ILE ILE H . n 
H 1 20 LEU 20 19 19 LEU LEU H . n 
H 1 21 LEU 21 20 20 LEU LEU H . n 
H 1 22 LEU 22 21 21 LEU LEU H . n 
H 1 23 ILE 23 22 22 ILE ILE H . n 
H 1 24 LYS 24 23 23 LYS LYS H . n 
H 1 25 TRP 25 24 24 TRP TRP H . n 
H 1 26 GLY 26 25 25 GLY GLY H . n 
H 1 27 NH2 27 26 ?  ?   ?   H . n 
# 
loop_
_pdbx_nonpoly_scheme.asym_id 
_pdbx_nonpoly_scheme.entity_id 
_pdbx_nonpoly_scheme.mon_id 
_pdbx_nonpoly_scheme.ndb_seq_num 
_pdbx_nonpoly_scheme.pdb_seq_num 
_pdbx_nonpoly_scheme.auth_seq_num 
_pdbx_nonpoly_scheme.pdb_mon_id 
_pdbx_nonpoly_scheme.auth_mon_id 
_pdbx_nonpoly_scheme.pdb_strand_id 
_pdbx_nonpoly_scheme.pdb_ins_code 
I 2 MPD 1 101 1   MPD MPD B . 
J 3 ZN  1 101 101 ZN  ZN  H . 
K 4 HOH 1 101 1   HOH HOH F . 
L 4 HOH 1 101 2   HOH HOH G . 
M 4 HOH 1 201 3   HOH HOH H . 
# 
loop_
_pdbx_unobs_or_zero_occ_atoms.id 
_pdbx_unobs_or_zero_occ_atoms.PDB_model_num 
_pdbx_unobs_or_zero_occ_atoms.polymer_flag 
_pdbx_unobs_or_zero_occ_atoms.occupancy_flag 
_pdbx_unobs_or_zero_occ_atoms.auth_asym_id 
_pdbx_unobs_or_zero_occ_atoms.auth_comp_id 
_pdbx_unobs_or_zero_occ_atoms.auth_seq_id 
_pdbx_unobs_or_zero_occ_atoms.PDB_ins_code 
_pdbx_unobs_or_zero_occ_atoms.auth_atom_id 
_pdbx_unobs_or_zero_occ_atoms.label_alt_id 
_pdbx_unobs_or_zero_occ_atoms.label_asym_id 
_pdbx_unobs_or_zero_occ_atoms.label_comp_id 
_pdbx_unobs_or_zero_occ_atoms.label_seq_id 
_pdbx_unobs_or_zero_occ_atoms.label_atom_id 
1   1 Y 1 A SER 1  ? OG  ? A SER 2  OG  
2   1 Y 1 A LYS 2  ? CG  ? A LYS 3  CG  
3   1 Y 1 A LYS 2  ? CD  ? A LYS 3  CD  
4   1 Y 1 A LYS 2  ? CE  ? A LYS 3  CE  
5   1 Y 1 A LYS 2  ? NZ  ? A LYS 3  NZ  
6   1 Y 1 A LEU 3  ? CG  ? A LEU 4  CG  
7   1 Y 1 A LEU 3  ? CD1 ? A LEU 4  CD1 
8   1 Y 1 A LEU 3  ? CD2 ? A LEU 4  CD2 
9   1 Y 1 A LEU 4  ? CG  ? A LEU 5  CG  
10  1 Y 1 A LEU 4  ? CD1 ? A LEU 5  CD1 
11  1 Y 1 A LEU 4  ? CD2 ? A LEU 5  CD2 
12  1 Y 1 A LEU 5  ? CG  ? A LEU 6  CG  
13  1 Y 1 A LEU 5  ? CD1 ? A LEU 6  CD1 
14  1 Y 1 A LEU 5  ? CD2 ? A LEU 6  CD2 
15  1 Y 1 A ILE 8  ? CG1 ? A ILE 9  CG1 
16  1 Y 1 A ILE 8  ? CG2 ? A ILE 9  CG2 
17  1 Y 1 A ILE 8  ? CD1 ? A ILE 9  CD1 
18  1 Y 1 A LEU 16 ? CG  ? A LEU 17 CG  
19  1 Y 1 A LEU 16 ? CD1 ? A LEU 17 CD1 
20  1 Y 1 A LEU 16 ? CD2 ? A LEU 17 CD2 
21  1 Y 1 A LEU 19 ? CG  ? A LEU 20 CG  
22  1 Y 1 A LEU 19 ? CD1 ? A LEU 20 CD1 
23  1 Y 1 A LEU 19 ? CD2 ? A LEU 20 CD2 
24  1 Y 1 A ILE 22 ? CG1 ? A ILE 23 CG1 
25  1 Y 1 A ILE 22 ? CG2 ? A ILE 23 CG2 
26  1 Y 1 A ILE 22 ? CD1 ? A ILE 23 CD1 
27  1 Y 1 A LYS 23 ? CG  ? A LYS 24 CG  
28  1 Y 1 A LYS 23 ? CD  ? A LYS 24 CD  
29  1 Y 1 A LYS 23 ? CE  ? A LYS 24 CE  
30  1 Y 1 A LYS 23 ? NZ  ? A LYS 24 NZ  
31  1 Y 1 B LYS 2  ? CG  ? B LYS 3  CG  
32  1 Y 1 B LYS 2  ? CD  ? B LYS 3  CD  
33  1 Y 1 B LYS 2  ? CE  ? B LYS 3  CE  
34  1 Y 1 B LYS 2  ? NZ  ? B LYS 3  NZ  
35  1 Y 1 B LEU 5  ? CG  ? B LEU 6  CG  
36  1 Y 1 B LEU 5  ? CD1 ? B LEU 6  CD1 
37  1 Y 1 B LEU 5  ? CD2 ? B LEU 6  CD2 
38  1 Y 1 B LEU 16 ? CG  ? B LEU 17 CG  
39  1 Y 1 B LEU 16 ? CD1 ? B LEU 17 CD1 
40  1 Y 1 B LEU 16 ? CD2 ? B LEU 17 CD2 
41  1 Y 1 B LEU 19 ? CG  ? B LEU 20 CG  
42  1 Y 1 B LEU 19 ? CD1 ? B LEU 20 CD1 
43  1 Y 1 B LEU 19 ? CD2 ? B LEU 20 CD2 
44  1 Y 1 B ILE 22 ? CG1 ? B ILE 23 CG1 
45  1 Y 1 B ILE 22 ? CG2 ? B ILE 23 CG2 
46  1 Y 1 B ILE 22 ? CD1 ? B ILE 23 CD1 
47  1 Y 1 C LYS 2  ? CG  ? C LYS 3  CG  
48  1 Y 1 C LYS 2  ? CD  ? C LYS 3  CD  
49  1 Y 1 C LYS 2  ? CE  ? C LYS 3  CE  
50  1 Y 1 C LYS 2  ? NZ  ? C LYS 3  NZ  
51  1 Y 1 C LEU 3  ? CG  ? C LEU 4  CG  
52  1 Y 1 C LEU 3  ? CD1 ? C LEU 4  CD1 
53  1 Y 1 C LEU 3  ? CD2 ? C LEU 4  CD2 
54  1 Y 1 C LEU 4  ? CG  ? C LEU 5  CG  
55  1 Y 1 C LEU 4  ? CD1 ? C LEU 5  CD1 
56  1 Y 1 C LEU 4  ? CD2 ? C LEU 5  CD2 
57  1 Y 1 C LEU 5  ? CG  ? C LEU 6  CG  
58  1 Y 1 C LEU 5  ? CD1 ? C LEU 6  CD1 
59  1 Y 1 C LEU 5  ? CD2 ? C LEU 6  CD2 
60  1 Y 1 C LEU 16 ? CG  ? C LEU 17 CG  
61  1 Y 1 C LEU 16 ? CD1 ? C LEU 17 CD1 
62  1 Y 1 C LEU 16 ? CD2 ? C LEU 17 CD2 
63  1 Y 1 C LEU 19 ? CG  ? C LEU 20 CG  
64  1 Y 1 C LEU 19 ? CD1 ? C LEU 20 CD1 
65  1 Y 1 C LEU 19 ? CD2 ? C LEU 20 CD2 
66  1 Y 1 C LEU 20 ? CG  ? C LEU 21 CG  
67  1 Y 1 C LEU 20 ? CD1 ? C LEU 21 CD1 
68  1 Y 1 C LEU 20 ? CD2 ? C LEU 21 CD2 
69  1 Y 1 C ILE 22 ? CG1 ? C ILE 23 CG1 
70  1 Y 1 C ILE 22 ? CG2 ? C ILE 23 CG2 
71  1 Y 1 C ILE 22 ? CD1 ? C ILE 23 CD1 
72  1 Y 1 C LYS 23 ? CG  ? C LYS 24 CG  
73  1 Y 1 C LYS 23 ? CD  ? C LYS 24 CD  
74  1 Y 1 C LYS 23 ? CE  ? C LYS 24 CE  
75  1 Y 1 C LYS 23 ? NZ  ? C LYS 24 NZ  
76  1 Y 1 D SER 1  ? OG  ? D SER 2  OG  
77  1 Y 1 D LYS 2  ? CG  ? D LYS 3  CG  
78  1 Y 1 D LYS 2  ? CD  ? D LYS 3  CD  
79  1 Y 1 D LYS 2  ? CE  ? D LYS 3  CE  
80  1 Y 1 D LYS 2  ? NZ  ? D LYS 3  NZ  
81  1 Y 1 D LEU 5  ? CG  ? D LEU 6  CG  
82  1 Y 1 D LEU 5  ? CD1 ? D LEU 6  CD1 
83  1 Y 1 D LEU 5  ? CD2 ? D LEU 6  CD2 
84  1 Y 1 D LEU 16 ? CG  ? D LEU 17 CG  
85  1 Y 1 D LEU 16 ? CD1 ? D LEU 17 CD1 
86  1 Y 1 D LEU 16 ? CD2 ? D LEU 17 CD2 
87  1 Y 1 D ILE 22 ? CG1 ? D ILE 23 CG1 
88  1 Y 1 D ILE 22 ? CG2 ? D ILE 23 CG2 
89  1 Y 1 D ILE 22 ? CD1 ? D ILE 23 CD1 
90  1 Y 1 D TRP 24 ? CG  ? D TRP 25 CG  
91  1 Y 1 D TRP 24 ? CD1 ? D TRP 25 CD1 
92  1 Y 1 D TRP 24 ? CD2 ? D TRP 25 CD2 
93  1 Y 1 D TRP 24 ? NE1 ? D TRP 25 NE1 
94  1 Y 1 D TRP 24 ? CE2 ? D TRP 25 CE2 
95  1 Y 1 D TRP 24 ? CE3 ? D TRP 25 CE3 
96  1 Y 1 D TRP 24 ? CZ2 ? D TRP 25 CZ2 
97  1 Y 1 D TRP 24 ? CZ3 ? D TRP 25 CZ3 
98  1 Y 1 D TRP 24 ? CH2 ? D TRP 25 CH2 
99  1 Y 1 E LYS 2  ? CG  ? E LYS 3  CG  
100 1 Y 1 E LYS 2  ? CD  ? E LYS 3  CD  
101 1 Y 1 E LYS 2  ? CE  ? E LYS 3  CE  
102 1 Y 1 E LYS 2  ? NZ  ? E LYS 3  NZ  
103 1 Y 1 E LEU 3  ? CG  ? E LEU 4  CG  
104 1 Y 1 E LEU 3  ? CD1 ? E LEU 4  CD1 
105 1 Y 1 E LEU 3  ? CD2 ? E LEU 4  CD2 
106 1 Y 1 E LEU 4  ? CG  ? E LEU 5  CG  
107 1 Y 1 E LEU 4  ? CD1 ? E LEU 5  CD1 
108 1 Y 1 E LEU 4  ? CD2 ? E LEU 5  CD2 
109 1 Y 1 E LEU 5  ? CG  ? E LEU 6  CG  
110 1 Y 1 E LEU 5  ? CD1 ? E LEU 6  CD1 
111 1 Y 1 E LEU 5  ? CD2 ? E LEU 6  CD2 
112 1 Y 1 E LEU 16 ? CG  ? E LEU 17 CG  
113 1 Y 1 E LEU 16 ? CD1 ? E LEU 17 CD1 
114 1 Y 1 E LEU 16 ? CD2 ? E LEU 17 CD2 
115 1 Y 1 E LEU 19 ? CG  ? E LEU 20 CG  
116 1 Y 1 E LEU 19 ? CD1 ? E LEU 20 CD1 
117 1 Y 1 E LEU 19 ? CD2 ? E LEU 20 CD2 
118 1 Y 1 E LEU 20 ? CG  ? E LEU 21 CG  
119 1 Y 1 E LEU 20 ? CD1 ? E LEU 21 CD1 
120 1 Y 1 E LEU 20 ? CD2 ? E LEU 21 CD2 
121 1 Y 1 E ILE 22 ? CG1 ? E ILE 23 CG1 
122 1 Y 1 E ILE 22 ? CG2 ? E ILE 23 CG2 
123 1 Y 1 E ILE 22 ? CD1 ? E ILE 23 CD1 
124 1 Y 1 E LYS 23 ? CG  ? E LYS 24 CG  
125 1 Y 1 E LYS 23 ? CD  ? E LYS 24 CD  
126 1 Y 1 E LYS 23 ? CE  ? E LYS 24 CE  
127 1 Y 1 E LYS 23 ? NZ  ? E LYS 24 NZ  
128 1 Y 1 E TRP 24 ? CG  ? E TRP 25 CG  
129 1 Y 1 E TRP 24 ? CD1 ? E TRP 25 CD1 
130 1 Y 1 E TRP 24 ? CD2 ? E TRP 25 CD2 
131 1 Y 1 E TRP 24 ? NE1 ? E TRP 25 NE1 
132 1 Y 1 E TRP 24 ? CE2 ? E TRP 25 CE2 
133 1 Y 1 E TRP 24 ? CE3 ? E TRP 25 CE3 
134 1 Y 1 E TRP 24 ? CZ2 ? E TRP 25 CZ2 
135 1 Y 1 E TRP 24 ? CZ3 ? E TRP 25 CZ3 
136 1 Y 1 E TRP 24 ? CH2 ? E TRP 25 CH2 
137 1 Y 1 F SER 1  ? OG  ? F SER 2  OG  
138 1 Y 1 F LYS 2  ? CG  ? F LYS 3  CG  
139 1 Y 1 F LYS 2  ? CD  ? F LYS 3  CD  
140 1 Y 1 F LYS 2  ? CE  ? F LYS 3  CE  
141 1 Y 1 F LYS 2  ? NZ  ? F LYS 3  NZ  
142 1 Y 1 F LEU 5  ? CG  ? F LEU 6  CG  
143 1 Y 1 F LEU 5  ? CD1 ? F LEU 6  CD1 
144 1 Y 1 F LEU 5  ? CD2 ? F LEU 6  CD2 
145 1 Y 1 F LEU 16 ? CG  ? F LEU 17 CG  
146 1 Y 1 F LEU 16 ? CD1 ? F LEU 17 CD1 
147 1 Y 1 F LEU 16 ? CD2 ? F LEU 17 CD2 
148 1 Y 1 F LEU 19 ? CG  ? F LEU 20 CG  
149 1 Y 1 F LEU 19 ? CD1 ? F LEU 20 CD1 
150 1 Y 1 F LEU 19 ? CD2 ? F LEU 20 CD2 
151 1 Y 1 F LEU 20 ? CG  ? F LEU 21 CG  
152 1 Y 1 F LEU 20 ? CD1 ? F LEU 21 CD1 
153 1 Y 1 F LEU 20 ? CD2 ? F LEU 21 CD2 
154 1 Y 1 F ILE 22 ? CG1 ? F ILE 23 CG1 
155 1 Y 1 F ILE 22 ? CG2 ? F ILE 23 CG2 
156 1 Y 1 F ILE 22 ? CD1 ? F ILE 23 CD1 
157 1 Y 1 F TRP 24 ? CG  ? F TRP 25 CG  
158 1 Y 1 F TRP 24 ? CD1 ? F TRP 25 CD1 
159 1 Y 1 F TRP 24 ? CD2 ? F TRP 25 CD2 
160 1 Y 1 F TRP 24 ? NE1 ? F TRP 25 NE1 
161 1 Y 1 F TRP 24 ? CE2 ? F TRP 25 CE2 
162 1 Y 1 F TRP 24 ? CE3 ? F TRP 25 CE3 
163 1 Y 1 F TRP 24 ? CZ2 ? F TRP 25 CZ2 
164 1 Y 1 F TRP 24 ? CZ3 ? F TRP 25 CZ3 
165 1 Y 1 F TRP 24 ? CH2 ? F TRP 25 CH2 
166 1 Y 1 G SER 1  ? OG  ? G SER 2  OG  
167 1 Y 1 G LYS 2  ? CG  ? G LYS 3  CG  
168 1 Y 1 G LYS 2  ? CD  ? G LYS 3  CD  
169 1 Y 1 G LYS 2  ? CE  ? G LYS 3  CE  
170 1 Y 1 G LYS 2  ? NZ  ? G LYS 3  NZ  
171 1 Y 1 G LEU 3  ? CG  ? G LEU 4  CG  
172 1 Y 1 G LEU 3  ? CD1 ? G LEU 4  CD1 
173 1 Y 1 G LEU 3  ? CD2 ? G LEU 4  CD2 
174 1 Y 1 G LEU 4  ? CG  ? G LEU 5  CG  
175 1 Y 1 G LEU 4  ? CD1 ? G LEU 5  CD1 
176 1 Y 1 G LEU 4  ? CD2 ? G LEU 5  CD2 
177 1 Y 1 G LEU 5  ? CG  ? G LEU 6  CG  
178 1 Y 1 G LEU 5  ? CD1 ? G LEU 6  CD1 
179 1 Y 1 G LEU 5  ? CD2 ? G LEU 6  CD2 
180 1 Y 1 G LEU 16 ? CG  ? G LEU 17 CG  
181 1 Y 1 G LEU 16 ? CD1 ? G LEU 17 CD1 
182 1 Y 1 G LEU 16 ? CD2 ? G LEU 17 CD2 
183 1 Y 1 G LEU 19 ? CG  ? G LEU 20 CG  
184 1 Y 1 G LEU 19 ? CD1 ? G LEU 20 CD1 
185 1 Y 1 G LEU 19 ? CD2 ? G LEU 20 CD2 
186 1 Y 1 G LEU 20 ? CG  ? G LEU 21 CG  
187 1 Y 1 G LEU 20 ? CD1 ? G LEU 21 CD1 
188 1 Y 1 G LEU 20 ? CD2 ? G LEU 21 CD2 
189 1 Y 1 G ILE 22 ? CG1 ? G ILE 23 CG1 
190 1 Y 1 G ILE 22 ? CG2 ? G ILE 23 CG2 
191 1 Y 1 G ILE 22 ? CD1 ? G ILE 23 CD1 
192 1 Y 1 G LYS 23 ? CG  ? G LYS 24 CG  
193 1 Y 1 G LYS 23 ? CD  ? G LYS 24 CD  
194 1 Y 1 G LYS 23 ? CE  ? G LYS 24 CE  
195 1 Y 1 G LYS 23 ? NZ  ? G LYS 24 NZ  
196 1 Y 1 G TRP 24 ? CG  ? G TRP 25 CG  
197 1 Y 1 G TRP 24 ? CD1 ? G TRP 25 CD1 
198 1 Y 1 G TRP 24 ? CD2 ? G TRP 25 CD2 
199 1 Y 1 G TRP 24 ? NE1 ? G TRP 25 NE1 
200 1 Y 1 G TRP 24 ? CE2 ? G TRP 25 CE2 
201 1 Y 1 G TRP 24 ? CE3 ? G TRP 25 CE3 
202 1 Y 1 G TRP 24 ? CZ2 ? G TRP 25 CZ2 
203 1 Y 1 G TRP 24 ? CZ3 ? G TRP 25 CZ3 
204 1 Y 1 G TRP 24 ? CH2 ? G TRP 25 CH2 
205 1 Y 1 H SER 1  ? OG  ? H SER 2  OG  
206 1 Y 1 H LYS 2  ? CG  ? H LYS 3  CG  
207 1 Y 1 H LYS 2  ? CD  ? H LYS 3  CD  
208 1 Y 1 H LYS 2  ? CE  ? H LYS 3  CE  
209 1 Y 1 H LYS 2  ? NZ  ? H LYS 3  NZ  
210 1 Y 1 H LEU 5  ? CG  ? H LEU 6  CG  
211 1 Y 1 H LEU 5  ? CD1 ? H LEU 6  CD1 
212 1 Y 1 H LEU 5  ? CD2 ? H LEU 6  CD2 
213 1 Y 1 H LEU 16 ? CG  ? H LEU 17 CG  
214 1 Y 1 H LEU 16 ? CD1 ? H LEU 17 CD1 
215 1 Y 1 H LEU 16 ? CD2 ? H LEU 17 CD2 
216 1 Y 1 H LEU 19 ? CG  ? H LEU 20 CG  
217 1 Y 1 H LEU 19 ? CD1 ? H LEU 20 CD1 
218 1 Y 1 H LEU 19 ? CD2 ? H LEU 20 CD2 
219 1 Y 1 H LEU 20 ? CG  ? H LEU 21 CG  
220 1 Y 1 H LEU 20 ? CD1 ? H LEU 21 CD1 
221 1 Y 1 H LEU 20 ? CD2 ? H LEU 21 CD2 
222 1 Y 1 H ILE 22 ? CG1 ? H ILE 23 CG1 
223 1 Y 1 H ILE 22 ? CG2 ? H ILE 23 CG2 
224 1 Y 1 H ILE 22 ? CD1 ? H ILE 23 CD1 
225 1 Y 1 H TRP 24 ? CG  ? H TRP 25 CG  
226 1 Y 1 H TRP 24 ? CD1 ? H TRP 25 CD1 
227 1 Y 1 H TRP 24 ? CD2 ? H TRP 25 CD2 
228 1 Y 1 H TRP 24 ? NE1 ? H TRP 25 NE1 
229 1 Y 1 H TRP 24 ? CE2 ? H TRP 25 CE2 
230 1 Y 1 H TRP 24 ? CE3 ? H TRP 25 CE3 
231 1 Y 1 H TRP 24 ? CZ2 ? H TRP 25 CZ2 
232 1 Y 1 H TRP 24 ? CZ3 ? H TRP 25 CZ3 
233 1 Y 1 H TRP 24 ? CH2 ? H TRP 25 CH2 
# 
loop_
_software.citation_id 
_software.classification 
_software.compiler_name 
_software.compiler_version 
_software.contact_author 
_software.contact_author_email 
_software.date 
_software.description 
_software.dependencies 
_software.hardware 
_software.language 
_software.location 
_software.mods 
_software.name 
_software.os 
_software.os_version 
_software.type 
_software.version 
_software.pdbx_ordinal 
? refinement       ? ? ? ? ? ? ? ? ? ? ? REFMAC ? ? ? 5.8.0158 1 
? 'data reduction' ? ? ? ? ? ? ? ? ? ? ? XDS    ? ? ? .        2 
? 'data scaling'   ? ? ? ? ? ? ? ? ? ? ? XDS    ? ? ? .        3 
? phasing          ? ? ? ? ? ? ? ? ? ? ? MOLREP ? ? ? .        4 
# 
_cell.angle_alpha                  90.00 
_cell.angle_alpha_esd              ? 
_cell.angle_beta                   90.00 
_cell.angle_beta_esd               ? 
_cell.angle_gamma                  120.00 
_cell.angle_gamma_esd              ? 
_cell.entry_id                     6C4X 
_cell.details                      ? 
_cell.formula_units_Z              ? 
_cell.length_a                     82.676 
_cell.length_a_esd                 ? 
_cell.length_b                     82.676 
_cell.length_b_esd                 ? 
_cell.length_c                     155.009 
_cell.length_c_esd                 ? 
_cell.volume                       ? 
_cell.volume_esd                   ? 
_cell.Z_PDB                        96 
_cell.reciprocal_angle_alpha       ? 
_cell.reciprocal_angle_beta        ? 
_cell.reciprocal_angle_gamma       ? 
_cell.reciprocal_angle_alpha_esd   ? 
_cell.reciprocal_angle_beta_esd    ? 
_cell.reciprocal_angle_gamma_esd   ? 
_cell.reciprocal_length_a          ? 
_cell.reciprocal_length_b          ? 
_cell.reciprocal_length_c          ? 
_cell.reciprocal_length_a_esd      ? 
_cell.reciprocal_length_b_esd      ? 
_cell.reciprocal_length_c_esd      ? 
_cell.pdbx_unique_axis             ? 
# 
_symmetry.entry_id                         6C4X 
_symmetry.cell_setting                     ? 
_symmetry.Int_Tables_number                178 
_symmetry.space_group_name_Hall            ? 
_symmetry.space_group_name_H-M             'P 61 2 2' 
_symmetry.pdbx_full_space_group_name_H-M   ? 
# 
_exptl.absorpt_coefficient_mu     ? 
_exptl.absorpt_correction_T_max   ? 
_exptl.absorpt_correction_T_min   ? 
_exptl.absorpt_correction_type    ? 
_exptl.absorpt_process_details    ? 
_exptl.entry_id                   6C4X 
_exptl.crystals_number            1 
_exptl.details                    ? 
_exptl.method                     'X-RAY DIFFRACTION' 
_exptl.method_details             ? 
# 
_exptl_crystal.colour                      ? 
_exptl_crystal.density_diffrn              ? 
_exptl_crystal.density_Matthews            3.41 
_exptl_crystal.density_method              ? 
_exptl_crystal.density_percent_sol         63.96 
_exptl_crystal.description                 ? 
_exptl_crystal.F_000                       ? 
_exptl_crystal.id                          1 
_exptl_crystal.preparation                 ? 
_exptl_crystal.size_max                    ? 
_exptl_crystal.size_mid                    ? 
_exptl_crystal.size_min                    ? 
_exptl_crystal.size_rad                    ? 
_exptl_crystal.colour_lustre               ? 
_exptl_crystal.colour_modifier             ? 
_exptl_crystal.colour_primary              ? 
_exptl_crystal.density_meas                ? 
_exptl_crystal.density_meas_esd            ? 
_exptl_crystal.density_meas_gt             ? 
_exptl_crystal.density_meas_lt             ? 
_exptl_crystal.density_meas_temp           ? 
_exptl_crystal.density_meas_temp_esd       ? 
_exptl_crystal.density_meas_temp_gt        ? 
_exptl_crystal.density_meas_temp_lt        ? 
_exptl_crystal.pdbx_crystal_image_url      ? 
_exptl_crystal.pdbx_crystal_image_format   ? 
_exptl_crystal.pdbx_mosaicity              ? 
_exptl_crystal.pdbx_mosaicity_esd          ? 
# 
_exptl_crystal_grow.apparatus       ? 
_exptl_crystal_grow.atmosphere      ? 
_exptl_crystal_grow.crystal_id      1 
_exptl_crystal_grow.details         ? 
_exptl_crystal_grow.method          'VAPOR DIFFUSION, HANGING DROP' 
_exptl_crystal_grow.method_ref      ? 
_exptl_crystal_grow.pH              ? 
_exptl_crystal_grow.pressure        ? 
_exptl_crystal_grow.pressure_esd    ? 
_exptl_crystal_grow.seeding         ? 
_exptl_crystal_grow.seeding_ref     ? 
_exptl_crystal_grow.temp            298 
_exptl_crystal_grow.temp_details    ? 
_exptl_crystal_grow.temp_esd        ? 
_exptl_crystal_grow.time            ? 
_exptl_crystal_grow.pdbx_details    '35% MPD, 0.2 M MgCl2 and imidazole 0.1 M pH 8' 
_exptl_crystal_grow.pdbx_pH_range   ? 
# 
_diffrn.ambient_environment    ? 
_diffrn.ambient_temp           100 
_diffrn.ambient_temp_details   ? 
_diffrn.ambient_temp_esd       ? 
_diffrn.crystal_id             1 
_diffrn.crystal_support        ? 
_diffrn.crystal_treatment      ? 
_diffrn.details                ? 
_diffrn.id                     1 
_diffrn.ambient_pressure       ? 
_diffrn.ambient_pressure_esd   ? 
_diffrn.ambient_pressure_gt    ? 
_diffrn.ambient_pressure_lt    ? 
_diffrn.ambient_temp_gt        ? 
_diffrn.ambient_temp_lt        ? 
# 
_diffrn_detector.details                      ? 
_diffrn_detector.detector                     PIXEL 
_diffrn_detector.diffrn_id                    1 
_diffrn_detector.type                         'DECTRIS PILATUS3 S 6M' 
_diffrn_detector.area_resol_mean              ? 
_diffrn_detector.dtime                        ? 
_diffrn_detector.pdbx_frames_total            ? 
_diffrn_detector.pdbx_collection_time_total   ? 
_diffrn_detector.pdbx_collection_date         2016-03-31 
# 
_diffrn_radiation.collimation                      ? 
_diffrn_radiation.diffrn_id                        1 
_diffrn_radiation.filter_edge                      ? 
_diffrn_radiation.inhomogeneity                    ? 
_diffrn_radiation.monochromator                    ? 
_diffrn_radiation.polarisn_norm                    ? 
_diffrn_radiation.polarisn_ratio                   ? 
_diffrn_radiation.probe                            ? 
_diffrn_radiation.type                             ? 
_diffrn_radiation.xray_symbol                      ? 
_diffrn_radiation.wavelength_id                    1 
_diffrn_radiation.pdbx_monochromatic_or_laue_m_l   M 
_diffrn_radiation.pdbx_wavelength_list             ? 
_diffrn_radiation.pdbx_wavelength                  ? 
_diffrn_radiation.pdbx_diffrn_protocol             'SINGLE WAVELENGTH' 
_diffrn_radiation.pdbx_analyzer                    ? 
_diffrn_radiation.pdbx_scattering_type             x-ray 
# 
_diffrn_radiation_wavelength.id           1 
_diffrn_radiation_wavelength.wavelength   1.11584 
_diffrn_radiation_wavelength.wt           1.0 
# 
_diffrn_source.current                     ? 
_diffrn_source.details                     ? 
_diffrn_source.diffrn_id                   1 
_diffrn_source.power                       ? 
_diffrn_source.size                        ? 
_diffrn_source.source                      SYNCHROTRON 
_diffrn_source.target                      ? 
_diffrn_source.type                        'ALS BEAMLINE 8.3.1' 
_diffrn_source.voltage                     ? 
_diffrn_source.take-off_angle              ? 
_diffrn_source.pdbx_wavelength_list        1.11584 
_diffrn_source.pdbx_wavelength             ? 
_diffrn_source.pdbx_synchrotron_beamline   8.3.1 
_diffrn_source.pdbx_synchrotron_site       ALS 
# 
_reflns.B_iso_Wilson_estimate            ? 
_reflns.entry_id                         6C4X 
_reflns.data_reduction_details           ? 
_reflns.data_reduction_method            ? 
_reflns.d_resolution_high                3.55 
_reflns.d_resolution_low                 72 
_reflns.details                          ? 
_reflns.limit_h_max                      ? 
_reflns.limit_h_min                      ? 
_reflns.limit_k_max                      ? 
_reflns.limit_k_min                      ? 
_reflns.limit_l_max                      ? 
_reflns.limit_l_min                      ? 
_reflns.number_all                       ? 
_reflns.number_obs                       7070 
_reflns.observed_criterion               ? 
_reflns.observed_criterion_F_max         ? 
_reflns.observed_criterion_F_min         ? 
_reflns.observed_criterion_I_max         ? 
_reflns.observed_criterion_I_min         ? 
_reflns.observed_criterion_sigma_F       ? 
_reflns.observed_criterion_sigma_I       ? 
_reflns.percent_possible_obs             97.9 
_reflns.R_free_details                   ? 
_reflns.Rmerge_F_all                     ? 
_reflns.Rmerge_F_obs                     ? 
_reflns.Friedel_coverage                 ? 
_reflns.number_gt                        ? 
_reflns.threshold_expression             ? 
_reflns.pdbx_redundancy                  4.1 
_reflns.pdbx_Rmerge_I_obs                ? 
_reflns.pdbx_Rmerge_I_all                ? 
_reflns.pdbx_Rsym_value                  ? 
_reflns.pdbx_netI_over_av_sigmaI         ? 
_reflns.pdbx_netI_over_sigmaI            6.4 
_reflns.pdbx_res_netI_over_av_sigmaI_2   ? 
_reflns.pdbx_res_netI_over_sigmaI_2      ? 
_reflns.pdbx_chi_squared                 ? 
_reflns.pdbx_scaling_rejects             ? 
_reflns.pdbx_d_res_high_opt              ? 
_reflns.pdbx_d_res_low_opt               ? 
_reflns.pdbx_d_res_opt_method            ? 
_reflns.phase_calculation_details        ? 
_reflns.pdbx_Rrim_I_all                  ? 
_reflns.pdbx_Rpim_I_all                  ? 
_reflns.pdbx_d_opt                       ? 
_reflns.pdbx_number_measured_all         ? 
_reflns.pdbx_diffrn_id                   1 
_reflns.pdbx_ordinal                     1 
_reflns.pdbx_CC_half                     ? 
_reflns.pdbx_R_split                     ? 
# 
_reflns_shell.d_res_high                  3.55 
_reflns_shell.d_res_low                   3.77 
_reflns_shell.meanI_over_sigI_all         ? 
_reflns_shell.meanI_over_sigI_obs         ? 
_reflns_shell.number_measured_all         ? 
_reflns_shell.number_measured_obs         ? 
_reflns_shell.number_possible             ? 
_reflns_shell.number_unique_all           ? 
_reflns_shell.number_unique_obs           ? 
_reflns_shell.percent_possible_all        ? 
_reflns_shell.percent_possible_obs        ? 
_reflns_shell.Rmerge_F_all                ? 
_reflns_shell.Rmerge_F_obs                ? 
_reflns_shell.Rmerge_I_all                ? 
_reflns_shell.Rmerge_I_obs                ? 
_reflns_shell.meanI_over_sigI_gt          ? 
_reflns_shell.meanI_over_uI_all           ? 
_reflns_shell.meanI_over_uI_gt            ? 
_reflns_shell.number_measured_gt          ? 
_reflns_shell.number_unique_gt            ? 
_reflns_shell.percent_possible_gt         ? 
_reflns_shell.Rmerge_F_gt                 ? 
_reflns_shell.Rmerge_I_gt                 ? 
_reflns_shell.pdbx_redundancy             ? 
_reflns_shell.pdbx_Rsym_value             ? 
_reflns_shell.pdbx_chi_squared            ? 
_reflns_shell.pdbx_netI_over_sigmaI_all   ? 
_reflns_shell.pdbx_netI_over_sigmaI_obs   ? 
_reflns_shell.pdbx_Rrim_I_all             ? 
_reflns_shell.pdbx_Rpim_I_all             ? 
_reflns_shell.pdbx_rejects                ? 
_reflns_shell.pdbx_ordinal                1 
_reflns_shell.pdbx_diffrn_id              1 
_reflns_shell.pdbx_CC_half                ? 
_reflns_shell.pdbx_R_split                ? 
# 
_refine.aniso_B[1][1]                            3.26 
_refine.aniso_B[1][2]                            1.63 
_refine.aniso_B[1][3]                            0.00 
_refine.aniso_B[2][2]                            3.26 
_refine.aniso_B[2][3]                            -0.00 
_refine.aniso_B[3][3]                            -10.56 
_refine.B_iso_max                                ? 
_refine.B_iso_mean                               96.592 
_refine.B_iso_min                                ? 
_refine.correlation_coeff_Fo_to_Fc               0.923 
_refine.correlation_coeff_Fo_to_Fc_free          0.952 
_refine.details                                  'HYDROGENS HAVE BEEN ADDED IN THE RIDING POSITIONS' 
_refine.diff_density_max                         ? 
_refine.diff_density_max_esd                     ? 
_refine.diff_density_min                         ? 
_refine.diff_density_min_esd                     ? 
_refine.diff_density_rms                         ? 
_refine.diff_density_rms_esd                     ? 
_refine.entry_id                                 6C4X 
_refine.pdbx_refine_id                           'X-RAY DIFFRACTION' 
_refine.ls_abs_structure_details                 ? 
_refine.ls_abs_structure_Flack                   ? 
_refine.ls_abs_structure_Flack_esd               ? 
_refine.ls_abs_structure_Rogers                  ? 
_refine.ls_abs_structure_Rogers_esd              ? 
_refine.ls_d_res_high                            3.55 
_refine.ls_d_res_low                             71.60 
_refine.ls_extinction_coef                       ? 
_refine.ls_extinction_coef_esd                   ? 
_refine.ls_extinction_expression                 ? 
_refine.ls_extinction_method                     ? 
_refine.ls_goodness_of_fit_all                   ? 
_refine.ls_goodness_of_fit_all_esd               ? 
_refine.ls_goodness_of_fit_obs                   ? 
_refine.ls_goodness_of_fit_obs_esd               ? 
_refine.ls_hydrogen_treatment                    ? 
_refine.ls_matrix_type                           ? 
_refine.ls_number_constraints                    ? 
_refine.ls_number_parameters                     ? 
_refine.ls_number_reflns_all                     ? 
_refine.ls_number_reflns_obs                     3944 
_refine.ls_number_reflns_R_free                  206 
_refine.ls_number_reflns_R_work                  ? 
_refine.ls_number_restraints                     ? 
_refine.ls_percent_reflns_obs                    99.23 
_refine.ls_percent_reflns_R_free                 5.0 
_refine.ls_R_factor_all                          ? 
_refine.ls_R_factor_obs                          0.30948 
_refine.ls_R_factor_R_free                       0.34514 
_refine.ls_R_factor_R_free_error                 ? 
_refine.ls_R_factor_R_free_error_details         ? 
_refine.ls_R_factor_R_work                       0.30746 
_refine.ls_R_Fsqd_factor_obs                     ? 
_refine.ls_R_I_factor_obs                        ? 
_refine.ls_redundancy_reflns_all                 ? 
_refine.ls_redundancy_reflns_obs                 ? 
_refine.ls_restrained_S_all                      ? 
_refine.ls_restrained_S_obs                      ? 
_refine.ls_shift_over_esd_max                    ? 
_refine.ls_shift_over_esd_mean                   ? 
_refine.ls_structure_factor_coef                 ? 
_refine.ls_weighting_details                     ? 
_refine.ls_weighting_scheme                      ? 
_refine.ls_wR_factor_all                         ? 
_refine.ls_wR_factor_obs                         ? 
_refine.ls_wR_factor_R_free                      ? 
_refine.ls_wR_factor_R_work                      ? 
_refine.occupancy_max                            ? 
_refine.occupancy_min                            ? 
_refine.solvent_model_details                    ? 
_refine.solvent_model_param_bsol                 ? 
_refine.solvent_model_param_ksol                 ? 
_refine.ls_R_factor_gt                           ? 
_refine.ls_goodness_of_fit_gt                    ? 
_refine.ls_goodness_of_fit_ref                   ? 
_refine.ls_shift_over_su_max                     ? 
_refine.ls_shift_over_su_max_lt                  ? 
_refine.ls_shift_over_su_mean                    ? 
_refine.ls_shift_over_su_mean_lt                 ? 
_refine.pdbx_ls_sigma_I                          ? 
_refine.pdbx_ls_sigma_F                          ? 
_refine.pdbx_ls_sigma_Fsqd                       ? 
_refine.pdbx_data_cutoff_high_absF               ? 
_refine.pdbx_data_cutoff_high_rms_absF           ? 
_refine.pdbx_data_cutoff_low_absF                ? 
_refine.pdbx_isotropic_thermal_model             ? 
_refine.pdbx_ls_cross_valid_method               THROUGHOUT 
_refine.pdbx_method_to_determine_struct          ? 
_refine.pdbx_starting_model                      ? 
_refine.pdbx_stereochemistry_target_values       ? 
_refine.pdbx_R_Free_selection_details            RANDOM 
_refine.pdbx_stereochem_target_val_spec_case     ? 
_refine.pdbx_overall_ESU_R                       ? 
_refine.pdbx_overall_ESU_R_Free                  0.727 
_refine.pdbx_solvent_vdw_probe_radii             1.20 
_refine.pdbx_solvent_ion_probe_radii             0.80 
_refine.pdbx_solvent_shrinkage_radii             0.80 
_refine.pdbx_real_space_R                        ? 
_refine.pdbx_density_correlation                 ? 
_refine.pdbx_pd_number_of_powder_patterns        ? 
_refine.pdbx_pd_number_of_points                 ? 
_refine.pdbx_pd_meas_number_of_points            ? 
_refine.pdbx_pd_proc_ls_prof_R_factor            ? 
_refine.pdbx_pd_proc_ls_prof_wR_factor           ? 
_refine.pdbx_pd_Marquardt_correlation_coeff      ? 
_refine.pdbx_pd_Fsqrd_R_factor                   ? 
_refine.pdbx_pd_ls_matrix_band_width             ? 
_refine.pdbx_overall_phase_error                 ? 
_refine.pdbx_overall_SU_R_free_Cruickshank_DPI   ? 
_refine.pdbx_overall_SU_R_free_Blow_DPI          ? 
_refine.pdbx_overall_SU_R_Blow_DPI               ? 
_refine.pdbx_TLS_residual_ADP_flag               ? 
_refine.pdbx_diffrn_id                           1 
_refine.overall_SU_B                             58.227 
_refine.overall_SU_ML                            0.844 
_refine.overall_SU_R_Cruickshank_DPI             ? 
_refine.overall_SU_R_free                        ? 
_refine.overall_FOM_free_R_set                   ? 
_refine.overall_FOM_work_R_set                   ? 
_refine.pdbx_average_fsc_overall                 ? 
_refine.pdbx_average_fsc_work                    ? 
_refine.pdbx_average_fsc_free                    ? 
# 
_refine_hist.pdbx_refine_id                   'X-RAY DIFFRACTION' 
_refine_hist.cycle_id                         1 
_refine_hist.pdbx_number_atoms_protein        1323 
_refine_hist.pdbx_number_atoms_nucleic_acid   0 
_refine_hist.pdbx_number_atoms_ligand         9 
_refine_hist.number_atoms_solvent             3 
_refine_hist.number_atoms_total               1335 
_refine_hist.d_res_high                       3.55 
_refine_hist.d_res_low                        71.60 
# 
loop_
_refine_ls_restr.pdbx_refine_id 
_refine_ls_restr.criterion 
_refine_ls_restr.dev_ideal 
_refine_ls_restr.dev_ideal_target 
_refine_ls_restr.number 
_refine_ls_restr.rejects 
_refine_ls_restr.type 
_refine_ls_restr.weight 
_refine_ls_restr.pdbx_restraint_function 
'X-RAY DIFFRACTION' ? 0.009  0.019  1336 ? r_bond_refined_d             ? ? 
'X-RAY DIFFRACTION' ? 0.002  0.020  1357 ? r_bond_other_d               ? ? 
'X-RAY DIFFRACTION' ? 1.368  2.029  1824 ? r_angle_refined_deg          ? ? 
'X-RAY DIFFRACTION' ? 0.992  3.000  3056 ? r_angle_other_deg            ? ? 
'X-RAY DIFFRACTION' ? 5.554  5.000  187  ? r_dihedral_angle_1_deg       ? ? 
'X-RAY DIFFRACTION' ? 40.237 24.211 19   ? r_dihedral_angle_2_deg       ? ? 
'X-RAY DIFFRACTION' ? 20.475 15.000 204  ? r_dihedral_angle_3_deg       ? ? 
'X-RAY DIFFRACTION' ? ?      ?      ?    ? r_dihedral_angle_4_deg       ? ? 
'X-RAY DIFFRACTION' ? 0.068  0.200  269  ? r_chiral_restr               ? ? 
'X-RAY DIFFRACTION' ? 0.004  0.020  1419 ? r_gen_planes_refined         ? ? 
'X-RAY DIFFRACTION' ? 0.002  0.020  221  ? r_gen_planes_other           ? ? 
'X-RAY DIFFRACTION' ? ?      ?      ?    ? r_nbd_refined                ? ? 
'X-RAY DIFFRACTION' ? ?      ?      ?    ? r_nbd_other                  ? ? 
'X-RAY DIFFRACTION' ? ?      ?      ?    ? r_nbtor_refined              ? ? 
'X-RAY DIFFRACTION' ? ?      ?      ?    ? r_nbtor_other                ? ? 
'X-RAY DIFFRACTION' ? ?      ?      ?    ? r_xyhbond_nbd_refined        ? ? 
'X-RAY DIFFRACTION' ? ?      ?      ?    ? r_xyhbond_nbd_other          ? ? 
'X-RAY DIFFRACTION' ? ?      ?      ?    ? r_metal_ion_refined          ? ? 
'X-RAY DIFFRACTION' ? ?      ?      ?    ? r_metal_ion_other            ? ? 
'X-RAY DIFFRACTION' ? ?      ?      ?    ? r_symmetry_vdw_refined       ? ? 
'X-RAY DIFFRACTION' ? ?      ?      ?    ? r_symmetry_vdw_other         ? ? 
'X-RAY DIFFRACTION' ? ?      ?      ?    ? r_symmetry_hbond_refined     ? ? 
'X-RAY DIFFRACTION' ? ?      ?      ?    ? r_symmetry_hbond_other       ? ? 
'X-RAY DIFFRACTION' ? ?      ?      ?    ? r_symmetry_metal_ion_refined ? ? 
'X-RAY DIFFRACTION' ? ?      ?      ?    ? r_symmetry_metal_ion_other   ? ? 
'X-RAY DIFFRACTION' ? 6.006  10.508 772  ? r_mcbond_it                  ? ? 
'X-RAY DIFFRACTION' ? 6.001  10.509 771  ? r_mcbond_other               ? ? 
'X-RAY DIFFRACTION' ? 9.983  15.679 951  ? r_mcangle_it                 ? ? 
'X-RAY DIFFRACTION' ? 9.978  15.681 952  ? r_mcangle_other              ? ? 
'X-RAY DIFFRACTION' ? 5.926  11.353 564  ? r_scbond_it                  ? ? 
'X-RAY DIFFRACTION' ? 5.921  11.357 565  ? r_scbond_other               ? ? 
'X-RAY DIFFRACTION' ? ?      ?      ?    ? r_scangle_it                 ? ? 
'X-RAY DIFFRACTION' ? 10.356 16.773 874  ? r_scangle_other              ? ? 
'X-RAY DIFFRACTION' ? 18.045 ?      5201 ? r_long_range_B_refined       ? ? 
'X-RAY DIFFRACTION' ? 18.043 ?      5202 ? r_long_range_B_other         ? ? 
'X-RAY DIFFRACTION' ? ?      ?      ?    ? r_rigid_bond_restr           ? ? 
'X-RAY DIFFRACTION' ? ?      ?      ?    ? r_sphericity_free            ? ? 
'X-RAY DIFFRACTION' ? ?      ?      ?    ? r_sphericity_bonded          ? ? 
# 
_refine_ls_shell.pdbx_refine_id                   'X-RAY DIFFRACTION' 
_refine_ls_shell.d_res_high                       3.550 
_refine_ls_shell.d_res_low                        3.642 
_refine_ls_shell.number_reflns_all                ? 
_refine_ls_shell.number_reflns_obs                ? 
_refine_ls_shell.number_reflns_R_free             10 
_refine_ls_shell.number_reflns_R_work             287 
_refine_ls_shell.percent_reflns_obs               100.00 
_refine_ls_shell.percent_reflns_R_free            ? 
_refine_ls_shell.R_factor_all                     ? 
_refine_ls_shell.R_factor_obs                     ? 
_refine_ls_shell.R_factor_R_free                  0.301 
_refine_ls_shell.R_factor_R_free_error            ? 
_refine_ls_shell.R_factor_R_work                  0.370 
_refine_ls_shell.redundancy_reflns_all            ? 
_refine_ls_shell.redundancy_reflns_obs            ? 
_refine_ls_shell.wR_factor_all                    ? 
_refine_ls_shell.wR_factor_obs                    ? 
_refine_ls_shell.wR_factor_R_free                 ? 
_refine_ls_shell.wR_factor_R_work                 ? 
_refine_ls_shell.pdbx_total_number_of_bins_used   20 
_refine_ls_shell.pdbx_phase_error                 ? 
_refine_ls_shell.pdbx_fsc_work                    ? 
_refine_ls_shell.pdbx_fsc_free                    ? 
# 
_struct.entry_id                     6C4X 
_struct.title                        'Cross-alpha Amyloid-like Structure alphaAmmem' 
_struct.pdbx_model_details           ? 
_struct.pdbx_formula_weight          ? 
_struct.pdbx_formula_weight_method   ? 
_struct.pdbx_model_type_details      ? 
_struct.pdbx_CASP_flag               N 
# 
_struct_keywords.entry_id        6C4X 
_struct_keywords.text            'Protein Design, Cross-alpha Amyloid, DE NOVO PROTEIN' 
_struct_keywords.pdbx_keywords   'DE NOVO PROTEIN' 
# 
loop_
_struct_asym.id 
_struct_asym.pdbx_blank_PDB_chainid_flag 
_struct_asym.pdbx_modified 
_struct_asym.entity_id 
_struct_asym.details 
A N N 1 ? 
B N N 1 ? 
C N N 1 ? 
D N N 1 ? 
E N N 1 ? 
F N N 1 ? 
G N N 1 ? 
H N N 1 ? 
I N N 2 ? 
J N N 3 ? 
K N N 4 ? 
L N N 4 ? 
M N N 4 ? 
# 
_struct_ref.id                         1 
_struct_ref.db_name                    PDB 
_struct_ref.db_code                    6C4X 
_struct_ref.pdbx_db_accession          6C4X 
_struct_ref.pdbx_db_isoform            ? 
_struct_ref.entity_id                  1 
_struct_ref.pdbx_seq_one_letter_code   ? 
_struct_ref.pdbx_align_begin           1 
# 
loop_
_struct_ref_seq.align_id 
_struct_ref_seq.ref_id 
_struct_ref_seq.pdbx_PDB_id_code 
_struct_ref_seq.pdbx_strand_id 
_struct_ref_seq.seq_align_beg 
_struct_ref_seq.pdbx_seq_align_beg_ins_code 
_struct_ref_seq.seq_align_end 
_struct_ref_seq.pdbx_seq_align_end_ins_code 
_struct_ref_seq.pdbx_db_accession 
_struct_ref_seq.db_align_beg 
_struct_ref_seq.pdbx_db_align_beg_ins_code 
_struct_ref_seq.db_align_end 
_struct_ref_seq.pdbx_db_align_end_ins_code 
_struct_ref_seq.pdbx_auth_seq_align_beg 
_struct_ref_seq.pdbx_auth_seq_align_end 
1 1 6C4X A 1 ? 27 ? 6C4X 0 ? 26 ? 0 26 
2 1 6C4X B 1 ? 27 ? 6C4X 0 ? 26 ? 0 26 
3 1 6C4X C 1 ? 27 ? 6C4X 0 ? 26 ? 0 26 
4 1 6C4X D 1 ? 27 ? 6C4X 0 ? 26 ? 0 26 
5 1 6C4X E 1 ? 27 ? 6C4X 0 ? 26 ? 0 26 
6 1 6C4X F 1 ? 27 ? 6C4X 0 ? 26 ? 0 26 
7 1 6C4X G 1 ? 27 ? 6C4X 0 ? 26 ? 0 26 
8 1 6C4X H 1 ? 27 ? 6C4X 0 ? 26 ? 0 26 
# 
_pdbx_struct_assembly.id                   1 
_pdbx_struct_assembly.details              author_and_software_defined_assembly 
_pdbx_struct_assembly.method_details       PISA 
_pdbx_struct_assembly.oligomeric_details   octameric 
_pdbx_struct_assembly.oligomeric_count     8 
# 
loop_
_pdbx_struct_assembly_prop.biol_id 
_pdbx_struct_assembly_prop.type 
_pdbx_struct_assembly_prop.value 
_pdbx_struct_assembly_prop.details 
1 'ABSA (A^2)' 8560  ? 
1 MORE         -142  ? 
1 'SSA (A^2)'  10120 ? 
# 
_pdbx_struct_assembly_gen.assembly_id       1 
_pdbx_struct_assembly_gen.oper_expression   1 
_pdbx_struct_assembly_gen.asym_id_list      A,B,C,D,E,F,G,H,I,J,K,L,M 
# 
_pdbx_struct_assembly_auth_evidence.id                     1 
_pdbx_struct_assembly_auth_evidence.assembly_id            1 
_pdbx_struct_assembly_auth_evidence.experimental_support   microscopy 
_pdbx_struct_assembly_auth_evidence.details                'Fibrils confirmed by Cryo-EM' 
# 
_pdbx_struct_oper_list.id                   1 
_pdbx_struct_oper_list.type                 'identity operation' 
_pdbx_struct_oper_list.name                 1_555 
_pdbx_struct_oper_list.symmetry_operation   x,y,z 
_pdbx_struct_oper_list.matrix[1][1]         1.0000000000 
_pdbx_struct_oper_list.matrix[1][2]         0.0000000000 
_pdbx_struct_oper_list.matrix[1][3]         0.0000000000 
_pdbx_struct_oper_list.vector[1]            0.0000000000 
_pdbx_struct_oper_list.matrix[2][1]         0.0000000000 
_pdbx_struct_oper_list.matrix[2][2]         1.0000000000 
_pdbx_struct_oper_list.matrix[2][3]         0.0000000000 
_pdbx_struct_oper_list.vector[2]            0.0000000000 
_pdbx_struct_oper_list.matrix[3][1]         0.0000000000 
_pdbx_struct_oper_list.matrix[3][2]         0.0000000000 
_pdbx_struct_oper_list.matrix[3][3]         1.0000000000 
_pdbx_struct_oper_list.vector[3]            0.0000000000 
# 
loop_
_struct_conf.conf_type_id 
_struct_conf.id 
_struct_conf.pdbx_PDB_helix_id 
_struct_conf.beg_label_comp_id 
_struct_conf.beg_label_asym_id 
_struct_conf.beg_label_seq_id 
_struct_conf.pdbx_beg_PDB_ins_code 
_struct_conf.end_label_comp_id 
_struct_conf.end_label_asym_id 
_struct_conf.end_label_seq_id 
_struct_conf.pdbx_end_PDB_ins_code 
_struct_conf.beg_auth_comp_id 
_struct_conf.beg_auth_asym_id 
_struct_conf.beg_auth_seq_id 
_struct_conf.end_auth_comp_id 
_struct_conf.end_auth_asym_id 
_struct_conf.end_auth_seq_id 
_struct_conf.pdbx_PDB_helix_class 
_struct_conf.details 
_struct_conf.pdbx_PDB_helix_length 
HELX_P HELX_P1 AA1 SER A 2 ? TRP A 25 ? SER A 1 TRP A 24 1 ? 24 
HELX_P HELX_P2 AA2 LYS B 3 ? TRP B 25 ? LYS B 2 TRP B 24 1 ? 23 
HELX_P HELX_P3 AA3 LYS C 3 ? TRP C 25 ? LYS C 2 TRP C 24 1 ? 23 
HELX_P HELX_P4 AA4 LYS D 3 ? ILE D 23 ? LYS D 2 ILE D 22 1 ? 21 
HELX_P HELX_P5 AA5 LEU E 4 ? TRP E 25 ? LEU E 3 TRP E 24 1 ? 22 
HELX_P HELX_P6 AA6 LYS F 3 ? TRP F 25 ? LYS F 2 TRP F 24 1 ? 23 
HELX_P HELX_P7 AA7 LYS G 3 ? TRP G 25 ? LYS G 2 TRP G 24 1 ? 23 
HELX_P HELX_P8 AA8 LYS H 3 ? GLY H 26 ? LYS H 2 GLY H 25 1 ? 24 
# 
_struct_conf_type.id          HELX_P 
_struct_conf_type.criteria    ? 
_struct_conf_type.reference   ? 
# 
_struct_conn.id                            metalc1 
_struct_conn.conn_type_id                  metalc 
_struct_conn.pdbx_leaving_atom_flag        ? 
_struct_conn.pdbx_PDB_id                   ? 
_struct_conn.ptnr1_label_asym_id           H 
_struct_conn.ptnr1_label_comp_id           HIS 
_struct_conn.ptnr1_label_seq_id            16 
_struct_conn.ptnr1_label_atom_id           ND1 
_struct_conn.pdbx_ptnr1_label_alt_id       ? 
_struct_conn.pdbx_ptnr1_PDB_ins_code       ? 
_struct_conn.pdbx_ptnr1_standard_comp_id   ? 
_struct_conn.ptnr1_symmetry                1_555 
_struct_conn.ptnr2_label_asym_id           J 
_struct_conn.ptnr2_label_comp_id           ZN 
_struct_conn.ptnr2_label_seq_id            . 
_struct_conn.ptnr2_label_atom_id           ZN 
_struct_conn.pdbx_ptnr2_label_alt_id       ? 
_struct_conn.pdbx_ptnr2_PDB_ins_code       ? 
_struct_conn.ptnr1_auth_asym_id            H 
_struct_conn.ptnr1_auth_comp_id            HIS 
_struct_conn.ptnr1_auth_seq_id             15 
_struct_conn.ptnr2_auth_asym_id            H 
_struct_conn.ptnr2_auth_comp_id            ZN 
_struct_conn.ptnr2_auth_seq_id             101 
_struct_conn.ptnr2_symmetry                1_555 
_struct_conn.pdbx_ptnr3_label_atom_id      ? 
_struct_conn.pdbx_ptnr3_label_seq_id       ? 
_struct_conn.pdbx_ptnr3_label_comp_id      ? 
_struct_conn.pdbx_ptnr3_label_asym_id      ? 
_struct_conn.pdbx_ptnr3_label_alt_id       ? 
_struct_conn.pdbx_ptnr3_PDB_ins_code       ? 
_struct_conn.details                       ? 
_struct_conn.pdbx_dist_value               2.325 
_struct_conn.pdbx_value_order              ? 
_struct_conn.pdbx_role                     ? 
# 
_struct_conn_type.id          metalc 
_struct_conn_type.criteria    ? 
_struct_conn_type.reference   ? 
# 
loop_
_struct_site.id 
_struct_site.pdbx_evidence_code 
_struct_site.pdbx_auth_asym_id 
_struct_site.pdbx_auth_comp_id 
_struct_site.pdbx_auth_seq_id 
_struct_site.pdbx_auth_ins_code 
_struct_site.pdbx_num_residues 
_struct_site.details 
AC1 Software B MPD 101 ? 1 'binding site for residue MPD B 101' 
AC2 Software H ZN  101 ? 1 'binding site for residue ZN H 101'  
# 
loop_
_struct_site_gen.id 
_struct_site_gen.site_id 
_struct_site_gen.pdbx_num_res 
_struct_site_gen.label_comp_id 
_struct_site_gen.label_asym_id 
_struct_site_gen.label_seq_id 
_struct_site_gen.pdbx_auth_ins_code 
_struct_site_gen.auth_comp_id 
_struct_site_gen.auth_asym_id 
_struct_site_gen.auth_seq_id 
_struct_site_gen.label_atom_id 
_struct_site_gen.label_alt_id 
_struct_site_gen.symmetry 
_struct_site_gen.details 
1 AC1 1 GLU B 13 ? GLU B 12 . ? 1_555 ? 
2 AC2 1 HIS H 16 ? HIS H 15 . ? 1_555 ? 
# 
_pdbx_entry_details.entry_id                   6C4X 
_pdbx_entry_details.compound_details           ? 
_pdbx_entry_details.source_details             ? 
_pdbx_entry_details.nonpolymer_details         ? 
_pdbx_entry_details.sequence_details           ? 
_pdbx_entry_details.has_ligand_of_interest     ? 
_pdbx_entry_details.has_protein_modification   N 
# 
loop_
_pdbx_validate_torsion.id 
_pdbx_validate_torsion.PDB_model_num 
_pdbx_validate_torsion.auth_comp_id 
_pdbx_validate_torsion.auth_asym_id 
_pdbx_validate_torsion.auth_seq_id 
_pdbx_validate_torsion.PDB_ins_code 
_pdbx_validate_torsion.label_alt_id 
_pdbx_validate_torsion.phi 
_pdbx_validate_torsion.psi 
1 1 LYS G 2  ? ? -76.02 -79.93 
2 1 LEU H 21 ? ? -49.26 -14.63 
# 
_pdbx_distant_solvent_atoms.id                                1 
_pdbx_distant_solvent_atoms.PDB_model_num                     1 
_pdbx_distant_solvent_atoms.auth_atom_id                      O 
_pdbx_distant_solvent_atoms.label_alt_id                      ? 
_pdbx_distant_solvent_atoms.auth_asym_id                      G 
_pdbx_distant_solvent_atoms.auth_comp_id                      HOH 
_pdbx_distant_solvent_atoms.auth_seq_id                       101 
_pdbx_distant_solvent_atoms.PDB_ins_code                      ? 
_pdbx_distant_solvent_atoms.neighbor_macromolecule_distance   5.87 
_pdbx_distant_solvent_atoms.neighbor_ligand_distance          . 
# 
loop_
_pdbx_unobs_or_zero_occ_residues.id 
_pdbx_unobs_or_zero_occ_residues.PDB_model_num 
_pdbx_unobs_or_zero_occ_residues.polymer_flag 
_pdbx_unobs_or_zero_occ_residues.occupancy_flag 
_pdbx_unobs_or_zero_occ_residues.auth_asym_id 
_pdbx_unobs_or_zero_occ_residues.auth_comp_id 
_pdbx_unobs_or_zero_occ_residues.auth_seq_id 
_pdbx_unobs_or_zero_occ_residues.PDB_ins_code 
_pdbx_unobs_or_zero_occ_residues.label_asym_id 
_pdbx_unobs_or_zero_occ_residues.label_comp_id 
_pdbx_unobs_or_zero_occ_residues.label_seq_id 
1  1 Y 1 A ACE 0  ? A ACE 1  
2  1 Y 1 A GLY 25 ? A GLY 26 
3  1 Y 1 A NH2 26 ? A NH2 27 
4  1 Y 1 B ACE 0  ? B ACE 1  
5  1 Y 1 B GLY 25 ? B GLY 26 
6  1 Y 1 B NH2 26 ? B NH2 27 
7  1 Y 1 C ACE 0  ? C ACE 1  
8  1 Y 1 C GLY 25 ? C GLY 26 
9  1 Y 1 C NH2 26 ? C NH2 27 
10 1 Y 1 D ACE 0  ? D ACE 1  
11 1 Y 1 D GLY 25 ? D GLY 26 
12 1 Y 1 D NH2 26 ? D NH2 27 
13 1 Y 1 E ACE 0  ? E ACE 1  
14 1 Y 1 E GLY 25 ? E GLY 26 
15 1 Y 1 E NH2 26 ? E NH2 27 
16 1 Y 1 F ACE 0  ? F ACE 1  
17 1 Y 1 F NH2 26 ? F NH2 27 
18 1 Y 1 G ACE 0  ? G ACE 1  
19 1 Y 1 G NH2 26 ? G NH2 27 
20 1 Y 1 H ACE 0  ? H ACE 1  
21 1 Y 1 H NH2 26 ? H NH2 27 
# 
loop_
_chem_comp_atom.comp_id 
_chem_comp_atom.atom_id 
_chem_comp_atom.type_symbol 
_chem_comp_atom.pdbx_aromatic_flag 
_chem_comp_atom.pdbx_stereo_config 
_chem_comp_atom.pdbx_ordinal 
ACE C    C  N N 1   
ACE O    O  N N 2   
ACE CH3  C  N N 3   
ACE H    H  N N 4   
ACE H1   H  N N 5   
ACE H2   H  N N 6   
ACE H3   H  N N 7   
ALA N    N  N N 8   
ALA CA   C  N S 9   
ALA C    C  N N 10  
ALA O    O  N N 11  
ALA CB   C  N N 12  
ALA OXT  O  N N 13  
ALA H    H  N N 14  
ALA H2   H  N N 15  
ALA HA   H  N N 16  
ALA HB1  H  N N 17  
ALA HB2  H  N N 18  
ALA HB3  H  N N 19  
ALA HXT  H  N N 20  
GLU N    N  N N 21  
GLU CA   C  N S 22  
GLU C    C  N N 23  
GLU O    O  N N 24  
GLU CB   C  N N 25  
GLU CG   C  N N 26  
GLU CD   C  N N 27  
GLU OE1  O  N N 28  
GLU OE2  O  N N 29  
GLU OXT  O  N N 30  
GLU H    H  N N 31  
GLU H2   H  N N 32  
GLU HA   H  N N 33  
GLU HB2  H  N N 34  
GLU HB3  H  N N 35  
GLU HG2  H  N N 36  
GLU HG3  H  N N 37  
GLU HE2  H  N N 38  
GLU HXT  H  N N 39  
GLY N    N  N N 40  
GLY CA   C  N N 41  
GLY C    C  N N 42  
GLY O    O  N N 43  
GLY OXT  O  N N 44  
GLY H    H  N N 45  
GLY H2   H  N N 46  
GLY HA2  H  N N 47  
GLY HA3  H  N N 48  
GLY HXT  H  N N 49  
HIS N    N  N N 50  
HIS CA   C  N S 51  
HIS C    C  N N 52  
HIS O    O  N N 53  
HIS CB   C  N N 54  
HIS CG   C  Y N 55  
HIS ND1  N  Y N 56  
HIS CD2  C  Y N 57  
HIS CE1  C  Y N 58  
HIS NE2  N  Y N 59  
HIS OXT  O  N N 60  
HIS H    H  N N 61  
HIS H2   H  N N 62  
HIS HA   H  N N 63  
HIS HB2  H  N N 64  
HIS HB3  H  N N 65  
HIS HD1  H  N N 66  
HIS HD2  H  N N 67  
HIS HE1  H  N N 68  
HIS HE2  H  N N 69  
HIS HXT  H  N N 70  
HOH O    O  N N 71  
HOH H1   H  N N 72  
HOH H2   H  N N 73  
ILE N    N  N N 74  
ILE CA   C  N S 75  
ILE C    C  N N 76  
ILE O    O  N N 77  
ILE CB   C  N S 78  
ILE CG1  C  N N 79  
ILE CG2  C  N N 80  
ILE CD1  C  N N 81  
ILE OXT  O  N N 82  
ILE H    H  N N 83  
ILE H2   H  N N 84  
ILE HA   H  N N 85  
ILE HB   H  N N 86  
ILE HG12 H  N N 87  
ILE HG13 H  N N 88  
ILE HG21 H  N N 89  
ILE HG22 H  N N 90  
ILE HG23 H  N N 91  
ILE HD11 H  N N 92  
ILE HD12 H  N N 93  
ILE HD13 H  N N 94  
ILE HXT  H  N N 95  
LEU N    N  N N 96  
LEU CA   C  N S 97  
LEU C    C  N N 98  
LEU O    O  N N 99  
LEU CB   C  N N 100 
LEU CG   C  N N 101 
LEU CD1  C  N N 102 
LEU CD2  C  N N 103 
LEU OXT  O  N N 104 
LEU H    H  N N 105 
LEU H2   H  N N 106 
LEU HA   H  N N 107 
LEU HB2  H  N N 108 
LEU HB3  H  N N 109 
LEU HG   H  N N 110 
LEU HD11 H  N N 111 
LEU HD12 H  N N 112 
LEU HD13 H  N N 113 
LEU HD21 H  N N 114 
LEU HD22 H  N N 115 
LEU HD23 H  N N 116 
LEU HXT  H  N N 117 
LYS N    N  N N 118 
LYS CA   C  N S 119 
LYS C    C  N N 120 
LYS O    O  N N 121 
LYS CB   C  N N 122 
LYS CG   C  N N 123 
LYS CD   C  N N 124 
LYS CE   C  N N 125 
LYS NZ   N  N N 126 
LYS OXT  O  N N 127 
LYS H    H  N N 128 
LYS H2   H  N N 129 
LYS HA   H  N N 130 
LYS HB2  H  N N 131 
LYS HB3  H  N N 132 
LYS HG2  H  N N 133 
LYS HG3  H  N N 134 
LYS HD2  H  N N 135 
LYS HD3  H  N N 136 
LYS HE2  H  N N 137 
LYS HE3  H  N N 138 
LYS HZ1  H  N N 139 
LYS HZ2  H  N N 140 
LYS HZ3  H  N N 141 
LYS HXT  H  N N 142 
MPD C1   C  N N 143 
MPD C2   C  N N 144 
MPD O2   O  N N 145 
MPD CM   C  N N 146 
MPD C3   C  N N 147 
MPD C4   C  N S 148 
MPD O4   O  N N 149 
MPD C5   C  N N 150 
MPD H11  H  N N 151 
MPD H12  H  N N 152 
MPD H13  H  N N 153 
MPD HO2  H  N N 154 
MPD HM1  H  N N 155 
MPD HM2  H  N N 156 
MPD HM3  H  N N 157 
MPD H31  H  N N 158 
MPD H32  H  N N 159 
MPD H4   H  N N 160 
MPD HO4  H  N N 161 
MPD H51  H  N N 162 
MPD H52  H  N N 163 
MPD H53  H  N N 164 
NH2 N    N  N N 165 
NH2 HN1  H  N N 166 
NH2 HN2  H  N N 167 
SER N    N  N N 168 
SER CA   C  N S 169 
SER C    C  N N 170 
SER O    O  N N 171 
SER CB   C  N N 172 
SER OG   O  N N 173 
SER OXT  O  N N 174 
SER H    H  N N 175 
SER H2   H  N N 176 
SER HA   H  N N 177 
SER HB2  H  N N 178 
SER HB3  H  N N 179 
SER HG   H  N N 180 
SER HXT  H  N N 181 
TRP N    N  N N 182 
TRP CA   C  N S 183 
TRP C    C  N N 184 
TRP O    O  N N 185 
TRP CB   C  N N 186 
TRP CG   C  Y N 187 
TRP CD1  C  Y N 188 
TRP CD2  C  Y N 189 
TRP NE1  N  Y N 190 
TRP CE2  C  Y N 191 
TRP CE3  C  Y N 192 
TRP CZ2  C  Y N 193 
TRP CZ3  C  Y N 194 
TRP CH2  C  Y N 195 
TRP OXT  O  N N 196 
TRP H    H  N N 197 
TRP H2   H  N N 198 
TRP HA   H  N N 199 
TRP HB2  H  N N 200 
TRP HB3  H  N N 201 
TRP HD1  H  N N 202 
TRP HE1  H  N N 203 
TRP HE3  H  N N 204 
TRP HZ2  H  N N 205 
TRP HZ3  H  N N 206 
TRP HH2  H  N N 207 
TRP HXT  H  N N 208 
ZN  ZN   ZN N N 209 
# 
loop_
_chem_comp_bond.comp_id 
_chem_comp_bond.atom_id_1 
_chem_comp_bond.atom_id_2 
_chem_comp_bond.value_order 
_chem_comp_bond.pdbx_aromatic_flag 
_chem_comp_bond.pdbx_stereo_config 
_chem_comp_bond.pdbx_ordinal 
ACE C   O    doub N N 1   
ACE C   CH3  sing N N 2   
ACE C   H    sing N N 3   
ACE CH3 H1   sing N N 4   
ACE CH3 H2   sing N N 5   
ACE CH3 H3   sing N N 6   
ALA N   CA   sing N N 7   
ALA N   H    sing N N 8   
ALA N   H2   sing N N 9   
ALA CA  C    sing N N 10  
ALA CA  CB   sing N N 11  
ALA CA  HA   sing N N 12  
ALA C   O    doub N N 13  
ALA C   OXT  sing N N 14  
ALA CB  HB1  sing N N 15  
ALA CB  HB2  sing N N 16  
ALA CB  HB3  sing N N 17  
ALA OXT HXT  sing N N 18  
GLU N   CA   sing N N 19  
GLU N   H    sing N N 20  
GLU N   H2   sing N N 21  
GLU CA  C    sing N N 22  
GLU CA  CB   sing N N 23  
GLU CA  HA   sing N N 24  
GLU C   O    doub N N 25  
GLU C   OXT  sing N N 26  
GLU CB  CG   sing N N 27  
GLU CB  HB2  sing N N 28  
GLU CB  HB3  sing N N 29  
GLU CG  CD   sing N N 30  
GLU CG  HG2  sing N N 31  
GLU CG  HG3  sing N N 32  
GLU CD  OE1  doub N N 33  
GLU CD  OE2  sing N N 34  
GLU OE2 HE2  sing N N 35  
GLU OXT HXT  sing N N 36  
GLY N   CA   sing N N 37  
GLY N   H    sing N N 38  
GLY N   H2   sing N N 39  
GLY CA  C    sing N N 40  
GLY CA  HA2  sing N N 41  
GLY CA  HA3  sing N N 42  
GLY C   O    doub N N 43  
GLY C   OXT  sing N N 44  
GLY OXT HXT  sing N N 45  
HIS N   CA   sing N N 46  
HIS N   H    sing N N 47  
HIS N   H2   sing N N 48  
HIS CA  C    sing N N 49  
HIS CA  CB   sing N N 50  
HIS CA  HA   sing N N 51  
HIS C   O    doub N N 52  
HIS C   OXT  sing N N 53  
HIS CB  CG   sing N N 54  
HIS CB  HB2  sing N N 55  
HIS CB  HB3  sing N N 56  
HIS CG  ND1  sing Y N 57  
HIS CG  CD2  doub Y N 58  
HIS ND1 CE1  doub Y N 59  
HIS ND1 HD1  sing N N 60  
HIS CD2 NE2  sing Y N 61  
HIS CD2 HD2  sing N N 62  
HIS CE1 NE2  sing Y N 63  
HIS CE1 HE1  sing N N 64  
HIS NE2 HE2  sing N N 65  
HIS OXT HXT  sing N N 66  
HOH O   H1   sing N N 67  
HOH O   H2   sing N N 68  
ILE N   CA   sing N N 69  
ILE N   H    sing N N 70  
ILE N   H2   sing N N 71  
ILE CA  C    sing N N 72  
ILE CA  CB   sing N N 73  
ILE CA  HA   sing N N 74  
ILE C   O    doub N N 75  
ILE C   OXT  sing N N 76  
ILE CB  CG1  sing N N 77  
ILE CB  CG2  sing N N 78  
ILE CB  HB   sing N N 79  
ILE CG1 CD1  sing N N 80  
ILE CG1 HG12 sing N N 81  
ILE CG1 HG13 sing N N 82  
ILE CG2 HG21 sing N N 83  
ILE CG2 HG22 sing N N 84  
ILE CG2 HG23 sing N N 85  
ILE CD1 HD11 sing N N 86  
ILE CD1 HD12 sing N N 87  
ILE CD1 HD13 sing N N 88  
ILE OXT HXT  sing N N 89  
LEU N   CA   sing N N 90  
LEU N   H    sing N N 91  
LEU N   H2   sing N N 92  
LEU CA  C    sing N N 93  
LEU CA  CB   sing N N 94  
LEU CA  HA   sing N N 95  
LEU C   O    doub N N 96  
LEU C   OXT  sing N N 97  
LEU CB  CG   sing N N 98  
LEU CB  HB2  sing N N 99  
LEU CB  HB3  sing N N 100 
LEU CG  CD1  sing N N 101 
LEU CG  CD2  sing N N 102 
LEU CG  HG   sing N N 103 
LEU CD1 HD11 sing N N 104 
LEU CD1 HD12 sing N N 105 
LEU CD1 HD13 sing N N 106 
LEU CD2 HD21 sing N N 107 
LEU CD2 HD22 sing N N 108 
LEU CD2 HD23 sing N N 109 
LEU OXT HXT  sing N N 110 
LYS N   CA   sing N N 111 
LYS N   H    sing N N 112 
LYS N   H2   sing N N 113 
LYS CA  C    sing N N 114 
LYS CA  CB   sing N N 115 
LYS CA  HA   sing N N 116 
LYS C   O    doub N N 117 
LYS C   OXT  sing N N 118 
LYS CB  CG   sing N N 119 
LYS CB  HB2  sing N N 120 
LYS CB  HB3  sing N N 121 
LYS CG  CD   sing N N 122 
LYS CG  HG2  sing N N 123 
LYS CG  HG3  sing N N 124 
LYS CD  CE   sing N N 125 
LYS CD  HD2  sing N N 126 
LYS CD  HD3  sing N N 127 
LYS CE  NZ   sing N N 128 
LYS CE  HE2  sing N N 129 
LYS CE  HE3  sing N N 130 
LYS NZ  HZ1  sing N N 131 
LYS NZ  HZ2  sing N N 132 
LYS NZ  HZ3  sing N N 133 
LYS OXT HXT  sing N N 134 
MPD C1  C2   sing N N 135 
MPD C1  H11  sing N N 136 
MPD C1  H12  sing N N 137 
MPD C1  H13  sing N N 138 
MPD C2  O2   sing N N 139 
MPD C2  CM   sing N N 140 
MPD C2  C3   sing N N 141 
MPD O2  HO2  sing N N 142 
MPD CM  HM1  sing N N 143 
MPD CM  HM2  sing N N 144 
MPD CM  HM3  sing N N 145 
MPD C3  C4   sing N N 146 
MPD C3  H31  sing N N 147 
MPD C3  H32  sing N N 148 
MPD C4  O4   sing N N 149 
MPD C4  C5   sing N N 150 
MPD C4  H4   sing N N 151 
MPD O4  HO4  sing N N 152 
MPD C5  H51  sing N N 153 
MPD C5  H52  sing N N 154 
MPD C5  H53  sing N N 155 
NH2 N   HN1  sing N N 156 
NH2 N   HN2  sing N N 157 
SER N   CA   sing N N 158 
SER N   H    sing N N 159 
SER N   H2   sing N N 160 
SER CA  C    sing N N 161 
SER CA  CB   sing N N 162 
SER CA  HA   sing N N 163 
SER C   O    doub N N 164 
SER C   OXT  sing N N 165 
SER CB  OG   sing N N 166 
SER CB  HB2  sing N N 167 
SER CB  HB3  sing N N 168 
SER OG  HG   sing N N 169 
SER OXT HXT  sing N N 170 
TRP N   CA   sing N N 171 
TRP N   H    sing N N 172 
TRP N   H2   sing N N 173 
TRP CA  C    sing N N 174 
TRP CA  CB   sing N N 175 
TRP CA  HA   sing N N 176 
TRP C   O    doub N N 177 
TRP C   OXT  sing N N 178 
TRP CB  CG   sing N N 179 
TRP CB  HB2  sing N N 180 
TRP CB  HB3  sing N N 181 
TRP CG  CD1  doub Y N 182 
TRP CG  CD2  sing Y N 183 
TRP CD1 NE1  sing Y N 184 
TRP CD1 HD1  sing N N 185 
TRP CD2 CE2  doub Y N 186 
TRP CD2 CE3  sing Y N 187 
TRP NE1 CE2  sing Y N 188 
TRP NE1 HE1  sing N N 189 
TRP CE2 CZ2  sing Y N 190 
TRP CE3 CZ3  doub Y N 191 
TRP CE3 HE3  sing N N 192 
TRP CZ2 CH2  doub Y N 193 
TRP CZ2 HZ2  sing N N 194 
TRP CZ3 CH2  sing Y N 195 
TRP CZ3 HZ3  sing N N 196 
TRP CH2 HH2  sing N N 197 
TRP OXT HXT  sing N N 198 
# 
_pdbx_audit_support.funding_organization   'National Institutes of Health/National Human Genome Research Institute (NIH/NHGRI)' 
_pdbx_audit_support.country                'United States' 
_pdbx_audit_support.grant_number           R35GM122603 
_pdbx_audit_support.ordinal                1 
# 
_atom_sites.entry_id                    6C4X 
_atom_sites.fract_transf_matrix[1][1]   -0.00799814 
_atom_sites.fract_transf_matrix[1][2]   0.01131256 
_atom_sites.fract_transf_matrix[1][3]   0.00176264 
_atom_sites.fract_transf_matrix[2][1]   0.00330241 
_atom_sites.fract_transf_matrix[2][2]   0.00943675 
_atom_sites.fract_transf_matrix[2][3]   0.00975289 
_atom_sites.fract_transf_matrix[3][1]   0.00357801 
_atom_sites.fract_transf_matrix[3][2]   0.00320108 
_atom_sites.fract_transf_matrix[3][3]   -0.00430887 
_atom_sites.fract_transf_vector[1]      -0.080554 
_atom_sites.fract_transf_vector[2]      0.398498 
_atom_sites.fract_transf_vector[3]      0.210110 
# 
loop_
_atom_type.symbol 
C  
N  
O  
ZN 
# 
loop_
_atom_site.group_PDB 
_atom_site.id 
_atom_site.type_symbol 
_atom_site.label_atom_id 
_atom_site.label_alt_id 
_atom_site.label_comp_id 
_atom_site.label_asym_id 
_atom_site.label_entity_id 
_atom_site.label_seq_id 
_atom_site.pdbx_PDB_ins_code 
_atom_site.Cartn_x 
_atom_site.Cartn_y 
_atom_site.Cartn_z 
_atom_site.occupancy 
_atom_site.B_iso_or_equiv 
_atom_site.pdbx_formal_charge 
_atom_site.auth_seq_id 
_atom_site.auth_comp_id 
_atom_site.auth_asym_id 
_atom_site.auth_atom_id 
_atom_site.pdbx_PDB_model_num 
ATOM   1    N  N   . SER A 1 2  ? 10.976  -8.910  21.647  1.00 146.35 ? 1   SER A N   1 
ATOM   2    C  CA  . SER A 1 2  ? 11.053  -10.356 21.281  1.00 147.13 ? 1   SER A CA  1 
ATOM   3    C  C   . SER A 1 2  ? 9.686   -11.021 21.388  1.00 142.68 ? 1   SER A C   1 
ATOM   4    O  O   . SER A 1 2  ? 9.161   -11.516 20.392  1.00 144.16 ? 1   SER A O   1 
ATOM   5    C  CB  . SER A 1 2  ? 12.060  -11.088 22.173  1.00 147.83 ? 1   SER A CB  1 
ATOM   6    N  N   . LYS A 1 3  ? 9.110   -11.028 22.590  1.00 135.53 ? 2   LYS A N   1 
ATOM   7    C  CA  . LYS A 1 3  ? 7.767   -11.587 22.799  1.00 129.60 ? 2   LYS A CA  1 
ATOM   8    C  C   . LYS A 1 3  ? 6.727   -10.816 21.980  1.00 118.08 ? 2   LYS A C   1 
ATOM   9    O  O   . LYS A 1 3  ? 5.845   -11.418 21.378  1.00 111.70 ? 2   LYS A O   1 
ATOM   10   C  CB  . LYS A 1 3  ? 7.386   -11.590 24.286  1.00 128.74 ? 2   LYS A CB  1 
ATOM   11   N  N   . LEU A 1 4  ? 6.855   -9.490  21.939  1.00 111.09 ? 3   LEU A N   1 
ATOM   12   C  CA  . LEU A 1 4  ? 6.015   -8.648  21.077  1.00 105.61 ? 3   LEU A CA  1 
ATOM   13   C  C   . LEU A 1 4  ? 6.166   -9.069  19.627  1.00 105.39 ? 3   LEU A C   1 
ATOM   14   O  O   . LEU A 1 4  ? 5.181   -9.142  18.886  1.00 103.76 ? 3   LEU A O   1 
ATOM   15   C  CB  . LEU A 1 4  ? 6.389   -7.174  21.222  1.00 98.75  ? 3   LEU A CB  1 
ATOM   16   N  N   . LEU A 1 5  ? 7.410   -9.346  19.241  1.00 107.11 ? 4   LEU A N   1 
ATOM   17   C  CA  . LEU A 1 5  ? 7.713   -9.967  17.956  1.00 106.82 ? 4   LEU A CA  1 
ATOM   18   C  C   . LEU A 1 5  ? 7.038   -11.345 17.867  1.00 102.86 ? 4   LEU A C   1 
ATOM   19   O  O   . LEU A 1 5  ? 6.359   -11.655 16.886  1.00 90.58  ? 4   LEU A O   1 
ATOM   20   C  CB  . LEU A 1 5  ? 9.238   -10.073 17.755  1.00 104.16 ? 4   LEU A CB  1 
ATOM   21   N  N   . LEU A 1 6  ? 7.209   -12.150 18.911  1.00 106.82 ? 5   LEU A N   1 
ATOM   22   C  CA  . LEU A 1 6  ? 6.550   -13.450 19.022  1.00 112.96 ? 5   LEU A CA  1 
ATOM   23   C  C   . LEU A 1 6  ? 5.053   -13.323 18.778  1.00 111.32 ? 5   LEU A C   1 
ATOM   24   O  O   . LEU A 1 6  ? 4.502   -14.032 17.945  1.00 102.32 ? 5   LEU A O   1 
ATOM   25   C  CB  . LEU A 1 6  ? 6.802   -14.074 20.400  1.00 118.32 ? 5   LEU A CB  1 
ATOM   26   N  N   . LEU A 1 7  ? 4.422   -12.393 19.492  1.00 117.55 ? 6   LEU A N   1 
ATOM   27   C  CA  . LEU A 1 7  ? 2.998   -12.083 19.325  1.00 116.74 ? 6   LEU A CA  1 
ATOM   28   C  C   . LEU A 1 7  ? 2.679   -11.649 17.902  1.00 115.70 ? 6   LEU A C   1 
ATOM   29   O  O   . LEU A 1 7  ? 1.723   -12.133 17.300  1.00 104.93 ? 6   LEU A O   1 
ATOM   30   C  CB  . LEU A 1 7  ? 2.565   -10.978 20.296  1.00 116.50 ? 6   LEU A CB  1 
ATOM   31   C  CG  . LEU A 1 7  ? 1.052   -10.821 20.512  1.00 119.61 ? 6   LEU A CG  1 
ATOM   32   C  CD1 . LEU A 1 7  ? 0.822   -10.073 21.815  1.00 126.27 ? 6   LEU A CD1 1 
ATOM   33   C  CD2 . LEU A 1 7  ? 0.322   -10.144 19.351  1.00 117.96 ? 6   LEU A CD2 1 
ATOM   34   N  N   . LEU A 1 8  ? 3.492   -10.739 17.374  1.00 118.38 ? 7   LEU A N   1 
ATOM   35   C  CA  . LEU A 1 8  ? 3.249   -10.158 16.056  1.00 117.24 ? 7   LEU A CA  1 
ATOM   36   C  C   . LEU A 1 8  ? 3.027   -11.170 14.929  1.00 111.91 ? 7   LEU A C   1 
ATOM   37   O  O   . LEU A 1 8  ? 2.189   -10.932 14.066  1.00 113.09 ? 7   LEU A O   1 
ATOM   38   C  CB  . LEU A 1 8  ? 4.374   -9.190  15.677  1.00 125.01 ? 7   LEU A CB  1 
ATOM   39   C  CG  . LEU A 1 8  ? 4.287   -8.636  14.236  1.00 133.84 ? 7   LEU A CG  1 
ATOM   40   C  CD1 . LEU A 1 8  ? 4.786   -7.201  14.162  1.00 138.66 ? 7   LEU A CD1 1 
ATOM   41   C  CD2 . LEU A 1 8  ? 5.009   -9.528  13.215  1.00 137.20 ? 7   LEU A CD2 1 
ATOM   42   N  N   . ILE A 1 9  ? 3.780   -12.273 14.925  1.00 107.63 ? 8   ILE A N   1 
ATOM   43   C  CA  . ILE A 1 9  ? 3.672   -13.307 13.870  1.00 104.03 ? 8   ILE A CA  1 
ATOM   44   C  C   . ILE A 1 9  ? 2.273   -13.890 13.732  1.00 104.76 ? 8   ILE A C   1 
ATOM   45   O  O   . ILE A 1 9  ? 1.807   -14.168 12.612  1.00 100.07 ? 8   ILE A O   1 
ATOM   46   C  CB  . ILE A 1 9  ? 4.607   -14.503 14.134  1.00 98.46  ? 8   ILE A CB  1 
ATOM   47   N  N   . ILE A 1 10 ? 1.635   -14.079 14.889  1.00 107.56 ? 9   ILE A N   1 
ATOM   48   C  CA  . ILE A 1 10 ? 0.276   -14.599 14.988  1.00 104.18 ? 9   ILE A CA  1 
ATOM   49   C  C   . ILE A 1 10 ? -0.711  -13.637 14.324  1.00 98.79  ? 9   ILE A C   1 
ATOM   50   O  O   . ILE A 1 10 ? -1.286  -13.957 13.275  1.00 101.49 ? 9   ILE A O   1 
ATOM   51   C  CB  . ILE A 1 10 ? -0.082  -14.865 16.472  1.00 107.19 ? 9   ILE A CB  1 
ATOM   52   C  CG1 . ILE A 1 10 ? 0.748   -16.039 17.016  1.00 105.45 ? 9   ILE A CG1 1 
ATOM   53   C  CG2 . ILE A 1 10 ? -1.557  -15.176 16.640  1.00 117.62 ? 9   ILE A CG2 1 
ATOM   54   C  CD1 . ILE A 1 10 ? 1.439   -15.729 18.319  1.00 106.60 ? 9   ILE A CD1 1 
ATOM   55   N  N   . LEU A 1 11 ? -0.857  -12.453 14.915  1.00 90.57  ? 10  LEU A N   1 
ATOM   56   C  CA  . LEU A 1 11 ? -1.809  -11.447 14.444  1.00 91.61  ? 10  LEU A CA  1 
ATOM   57   C  C   . LEU A 1 11 ? -1.827  -11.356 12.915  1.00 91.29  ? 10  LEU A C   1 
ATOM   58   O  O   . LEU A 1 11 ? -2.868  -11.533 12.289  1.00 95.97  ? 10  LEU A O   1 
ATOM   59   C  CB  . LEU A 1 11 ? -1.493  -10.069 15.058  1.00 92.64  ? 10  LEU A CB  1 
ATOM   60   C  CG  . LEU A 1 11 ? -2.589  -8.980  15.094  1.00 97.66  ? 10  LEU A CG  1 
ATOM   61   C  CD1 . LEU A 1 11 ? -3.138  -8.582  13.726  1.00 99.98  ? 10  LEU A CD1 1 
ATOM   62   C  CD2 . LEU A 1 11 ? -3.741  -9.402  15.992  1.00 100.09 ? 10  LEU A CD2 1 
ATOM   63   N  N   . SER A 1 12 ? -0.668  -11.108 12.321  1.00 91.33  ? 11  SER A N   1 
ATOM   64   C  CA  . SER A 1 12 ? -0.581  -10.866 10.884  1.00 96.05  ? 11  SER A CA  1 
ATOM   65   C  C   . SER A 1 12 ? -1.134  -12.047 10.112  1.00 95.03  ? 11  SER A C   1 
ATOM   66   O  O   . SER A 1 12 ? -2.072  -11.904 9.320   1.00 93.79  ? 11  SER A O   1 
ATOM   67   C  CB  . SER A 1 12 ? 0.865   -10.590 10.462  1.00 97.57  ? 11  SER A CB  1 
ATOM   68   O  OG  . SER A 1 12 ? 1.391   -9.436  11.114  1.00 91.48  ? 11  SER A OG  1 
ATOM   69   N  N   . GLU A 1 13 ? -0.586  -13.220 10.391  1.00 96.19  ? 12  GLU A N   1 
ATOM   70   C  CA  . GLU A 1 13 ? -1.044  -14.427 9.725   1.00 104.52 ? 12  GLU A CA  1 
ATOM   71   C  C   . GLU A 1 13 ? -2.526  -14.694 10.013  1.00 104.69 ? 12  GLU A C   1 
ATOM   72   O  O   . GLU A 1 13 ? -3.250  -15.162 9.133   1.00 111.58 ? 12  GLU A O   1 
ATOM   73   C  CB  . GLU A 1 13 ? -0.158  -15.619 10.088  1.00 109.20 ? 12  GLU A CB  1 
ATOM   74   C  CG  . GLU A 1 13 ? 1.255   -15.536 9.495   1.00 118.07 ? 12  GLU A CG  1 
ATOM   75   C  CD  . GLU A 1 13 ? 1.330   -15.683 7.964   1.00 124.46 ? 12  GLU A CD  1 
ATOM   76   O  OE1 . GLU A 1 13 ? 2.402   -15.376 7.396   1.00 120.41 ? 12  GLU A OE1 1 
ATOM   77   O  OE2 . GLU A 1 13 ? 0.343   -16.106 7.314   1.00 131.80 ? 12  GLU A OE2 1 
ATOM   78   N  N   . ALA A 1 14 ? -2.982  -14.349 11.218  1.00 101.83 ? 13  ALA A N   1 
ATOM   79   C  CA  . ALA A 1 14 ? -4.423  -14.328 11.527  1.00 99.17  ? 13  ALA A CA  1 
ATOM   80   C  C   . ALA A 1 14 ? -5.170  -13.467 10.522  1.00 98.43  ? 13  ALA A C   1 
ATOM   81   O  O   . ALA A 1 14 ? -6.136  -13.907 9.895   1.00 97.62  ? 13  ALA A O   1 
ATOM   82   C  CB  . ALA A 1 14 ? -4.690  -13.807 12.942  1.00 97.34  ? 13  ALA A CB  1 
ATOM   83   N  N   . LEU A 1 15 ? -4.694  -12.237 10.380  1.00 97.35  ? 14  LEU A N   1 
ATOM   84   C  CA  . LEU A 1 15 ? -5.297  -11.265 9.488   1.00 92.81  ? 14  LEU A CA  1 
ATOM   85   C  C   . LEU A 1 15 ? -5.309  -11.789 8.065   1.00 90.51  ? 14  LEU A C   1 
ATOM   86   O  O   . LEU A 1 15 ? -6.288  -11.617 7.348   1.00 83.87  ? 14  LEU A O   1 
ATOM   87   C  CB  . LEU A 1 15 ? -4.551  -9.933  9.561   1.00 89.32  ? 14  LEU A CB  1 
ATOM   88   C  CG  . LEU A 1 15 ? -5.452  -8.708  9.545   1.00 89.74  ? 14  LEU A CG  1 
ATOM   89   C  CD1 . LEU A 1 15 ? -4.576  -7.489  9.730   1.00 92.49  ? 14  LEU A CD1 1 
ATOM   90   C  CD2 . LEU A 1 15 ? -6.275  -8.628  8.268   1.00 88.15  ? 14  LEU A CD2 1 
ATOM   91   N  N   . HIS A 1 16 ? -4.229  -12.456 7.672   1.00 96.21  ? 15  HIS A N   1 
ATOM   92   C  CA  . HIS A 1 16 ? -4.144  -13.010 6.329   1.00 106.55 ? 15  HIS A CA  1 
ATOM   93   C  C   . HIS A 1 16 ? -5.292  -14.001 6.102   1.00 97.65  ? 15  HIS A C   1 
ATOM   94   O  O   . HIS A 1 16 ? -6.066  -13.852 5.151   1.00 89.18  ? 15  HIS A O   1 
ATOM   95   C  CB  . HIS A 1 16 ? -2.759  -13.634 6.056   1.00 117.97 ? 15  HIS A CB  1 
ATOM   96   C  CG  . HIS A 1 16 ? -2.323  -13.542 4.620   1.00 129.83 ? 15  HIS A CG  1 
ATOM   97   N  ND1 . HIS A 1 16 ? -1.881  -14.635 3.904   1.00 142.81 ? 15  HIS A ND1 1 
ATOM   98   C  CD2 . HIS A 1 16 ? -2.273  -12.490 3.765   1.00 129.46 ? 15  HIS A CD2 1 
ATOM   99   C  CE1 . HIS A 1 16 ? -1.573  -14.259 2.674   1.00 143.44 ? 15  HIS A CE1 1 
ATOM   100  N  NE2 . HIS A 1 16 ? -1.807  -12.963 2.562   1.00 132.68 ? 15  HIS A NE2 1 
ATOM   101  N  N   . LEU A 1 17 ? -5.441  -14.965 7.006   1.00 94.24  ? 16  LEU A N   1 
ATOM   102  C  CA  . LEU A 1 17 ? -6.525  -15.945 6.901   1.00 95.82  ? 16  LEU A CA  1 
ATOM   103  C  C   . LEU A 1 17 ? -7.899  -15.270 6.908   1.00 101.05 ? 16  LEU A C   1 
ATOM   104  O  O   . LEU A 1 17 ? -8.736  -15.603 6.084   1.00 110.74 ? 16  LEU A O   1 
ATOM   105  C  CB  . LEU A 1 17 ? -6.445  -16.990 8.017   1.00 87.52  ? 16  LEU A CB  1 
ATOM   106  N  N   . ALA A 1 18 ? -8.111  -14.316 7.821   1.00 101.63 ? 17  ALA A N   1 
ATOM   107  C  CA  . ALA A 1 18 ? -9.377  -13.553 7.917   1.00 95.47  ? 17  ALA A CA  1 
ATOM   108  C  C   . ALA A 1 18 ? -9.752  -12.911 6.608   1.00 91.23  ? 17  ALA A C   1 
ATOM   109  O  O   . ALA A 1 18 ? -10.882 -13.051 6.142   1.00 84.36  ? 17  ALA A O   1 
ATOM   110  C  CB  . ALA A 1 18 ? -9.273  -12.468 8.978   1.00 96.89  ? 17  ALA A CB  1 
ATOM   111  N  N   . ILE A 1 19 ? -8.780  -12.210 6.030   1.00 91.78  ? 18  ILE A N   1 
ATOM   112  C  CA  . ILE A 1 19 ? -8.930  -11.580 4.726   1.00 88.79  ? 18  ILE A CA  1 
ATOM   113  C  C   . ILE A 1 19 ? -9.217  -12.683 3.715   1.00 87.20  ? 18  ILE A C   1 
ATOM   114  O  O   . ILE A 1 19 ? -10.224 -12.635 2.994   1.00 80.11  ? 18  ILE A O   1 
ATOM   115  C  CB  . ILE A 1 19 ? -7.647  -10.829 4.309   1.00 89.37  ? 18  ILE A CB  1 
ATOM   116  C  CG1 . ILE A 1 19 ? -7.374  -9.632  5.227   1.00 88.60  ? 18  ILE A CG1 1 
ATOM   117  C  CG2 . ILE A 1 19 ? -7.734  -10.368 2.858   1.00 95.43  ? 18  ILE A CG2 1 
ATOM   118  C  CD1 . ILE A 1 19 ? -8.122  -8.372  4.867   1.00 92.53  ? 18  ILE A CD1 1 
ATOM   119  N  N   . LEU A 1 20 ? -8.324  -13.678 3.694   1.00 88.72  ? 19  LEU A N   1 
ATOM   120  C  CA  . LEU A 1 20 ? -8.436  -14.830 2.799   1.00 96.00  ? 19  LEU A CA  1 
ATOM   121  C  C   . LEU A 1 20 ? -9.873  -15.339 2.780   1.00 101.27 ? 19  LEU A C   1 
ATOM   122  O  O   . LEU A 1 20 ? -10.435 -15.582 1.712   1.00 100.85 ? 19  LEU A O   1 
ATOM   123  C  CB  . LEU A 1 20 ? -7.466  -15.949 3.213   1.00 93.94  ? 19  LEU A CB  1 
ATOM   124  N  N   . LEU A 1 21 ? -10.477 -15.443 3.961   1.00 108.50 ? 20  LEU A N   1 
ATOM   125  C  CA  . LEU A 1 21 ? -11.881 -15.798 4.062   1.00 116.52 ? 20  LEU A CA  1 
ATOM   126  C  C   . LEU A 1 21 ? -12.723 -14.719 3.408   1.00 114.32 ? 20  LEU A C   1 
ATOM   127  O  O   . LEU A 1 21 ? -13.397 -14.992 2.421   1.00 116.99 ? 20  LEU A O   1 
ATOM   128  C  CB  . LEU A 1 21 ? -12.315 -16.037 5.514   1.00 123.19 ? 20  LEU A CB  1 
ATOM   129  C  CG  . LEU A 1 21 ? -11.586 -17.136 6.306   1.00 131.99 ? 20  LEU A CG  1 
ATOM   130  C  CD1 . LEU A 1 21 ? -12.454 -17.620 7.451   1.00 134.21 ? 20  LEU A CD1 1 
ATOM   131  C  CD2 . LEU A 1 21 ? -11.158 -18.326 5.448   1.00 139.79 ? 20  LEU A CD2 1 
ATOM   132  N  N   . LEU A 1 22 ? -12.648 -13.486 3.894   1.00 109.71 ? 21  LEU A N   1 
ATOM   133  C  CA  . LEU A 1 22 ? -13.472 -12.430 3.312   1.00 110.81 ? 21  LEU A CA  1 
ATOM   134  C  C   . LEU A 1 22 ? -13.430 -12.475 1.788   1.00 116.13 ? 21  LEU A C   1 
ATOM   135  O  O   . LEU A 1 22 ? -14.467 -12.401 1.130   1.00 116.59 ? 21  LEU A O   1 
ATOM   136  C  CB  . LEU A 1 22 ? -13.053 -11.052 3.803   1.00 107.99 ? 21  LEU A CB  1 
ATOM   137  C  CG  . LEU A 1 22 ? -13.935 -9.882  3.326   1.00 105.93 ? 21  LEU A CG  1 
ATOM   138  C  CD1 . LEU A 1 22 ? -15.434 -10.172 3.336   1.00 105.16 ? 21  LEU A CD1 1 
ATOM   139  C  CD2 . LEU A 1 22 ? -13.659 -8.649  4.172   1.00 108.94 ? 21  LEU A CD2 1 
ATOM   140  N  N   . ILE A 1 23 ? -12.232 -12.637 1.239   1.00 126.92 ? 22  ILE A N   1 
ATOM   141  C  CA  . ILE A 1 23 ? -12.071 -12.904 -0.189  1.00 143.82 ? 22  ILE A CA  1 
ATOM   142  C  C   . ILE A 1 23 ? -12.851 -14.159 -0.622  1.00 162.67 ? 22  ILE A C   1 
ATOM   143  O  O   . ILE A 1 23 ? -13.691 -14.080 -1.518  1.00 182.05 ? 22  ILE A O   1 
ATOM   144  C  CB  . ILE A 1 23 ? -10.584 -13.055 -0.570  1.00 140.96 ? 22  ILE A CB  1 
ATOM   145  N  N   . LYS A 1 24 ? -12.577 -15.293 0.028   1.00 173.58 ? 23  LYS A N   1 
ATOM   146  C  CA  . LYS A 1 24 ? -13.263 -16.576 -0.233  1.00 180.65 ? 23  LYS A CA  1 
ATOM   147  C  C   . LYS A 1 24 ? -14.794 -16.480 -0.340  1.00 192.75 ? 23  LYS A C   1 
ATOM   148  O  O   . LYS A 1 24 ? -15.356 -16.869 -1.366  1.00 209.69 ? 23  LYS A O   1 
ATOM   149  C  CB  . LYS A 1 24 ? -12.901 -17.611 0.842   1.00 179.44 ? 23  LYS A CB  1 
ATOM   150  N  N   . TRP A 1 25 ? -15.456 -15.968 0.703   1.00 190.03 ? 24  TRP A N   1 
ATOM   151  C  CA  . TRP A 1 25 ? -16.935 -15.893 0.741   1.00 183.74 ? 24  TRP A CA  1 
ATOM   152  C  C   . TRP A 1 25 ? -17.401 -14.470 0.440   1.00 180.98 ? 24  TRP A C   1 
ATOM   153  O  O   . TRP A 1 25 ? -16.758 -13.741 -0.315  1.00 180.44 ? 24  TRP A O   1 
ATOM   154  C  CB  . TRP A 1 25 ? -17.517 -16.358 2.091   1.00 180.15 ? 24  TRP A CB  1 
ATOM   155  C  CG  . TRP A 1 25 ? -16.706 -17.395 2.819   1.00 183.83 ? 24  TRP A CG  1 
ATOM   156  C  CD1 . TRP A 1 25 ? -16.374 -17.383 4.141   1.00 182.17 ? 24  TRP A CD1 1 
ATOM   157  C  CD2 . TRP A 1 25 ? -16.101 -18.577 2.266   1.00 190.56 ? 24  TRP A CD2 1 
ATOM   158  N  NE1 . TRP A 1 25 ? -15.612 -18.485 4.453   1.00 188.26 ? 24  TRP A NE1 1 
ATOM   159  C  CE2 . TRP A 1 25 ? -15.424 -19.232 3.321   1.00 190.88 ? 24  TRP A CE2 1 
ATOM   160  C  CE3 . TRP A 1 25 ? -16.069 -19.147 0.983   1.00 191.08 ? 24  TRP A CE3 1 
ATOM   161  C  CZ2 . TRP A 1 25 ? -14.722 -20.433 3.136   1.00 188.82 ? 24  TRP A CZ2 1 
ATOM   162  C  CZ3 . TRP A 1 25 ? -15.365 -20.339 0.797   1.00 190.40 ? 24  TRP A CZ3 1 
ATOM   163  C  CH2 . TRP A 1 25 ? -14.703 -20.968 1.872   1.00 189.25 ? 24  TRP A CH2 1 
ATOM   164  N  N   . SER B 1 2  ? 7.452   0.700   21.590  1.00 163.50 ? 1   SER B N   1 
ATOM   165  C  CA  . SER B 1 2  ? 6.414   1.781   21.537  1.00 164.58 ? 1   SER B CA  1 
ATOM   166  C  C   . SER B 1 2  ? 6.059   2.206   20.100  1.00 158.91 ? 1   SER B C   1 
ATOM   167  O  O   . SER B 1 2  ? 4.908   2.554   19.815  1.00 158.44 ? 1   SER B O   1 
ATOM   168  C  CB  . SER B 1 2  ? 6.864   2.988   22.369  1.00 168.14 ? 1   SER B CB  1 
ATOM   169  O  OG  . SER B 1 2  ? 5.751   3.752   22.796  1.00 161.48 ? 1   SER B OG  1 
ATOM   170  N  N   . LYS B 1 3  ? 7.047   2.189   19.208  1.00 149.83 ? 2   LYS B N   1 
ATOM   171  C  CA  . LYS B 1 3  ? 6.813   2.372   17.771  1.00 138.42 ? 2   LYS B CA  1 
ATOM   172  C  C   . LYS B 1 3  ? 6.187   1.128   17.134  1.00 122.41 ? 2   LYS B C   1 
ATOM   173  O  O   . LYS B 1 3  ? 5.468   1.223   16.142  1.00 115.82 ? 2   LYS B O   1 
ATOM   174  C  CB  . LYS B 1 3  ? 8.129   2.696   17.061  1.00 146.04 ? 2   LYS B CB  1 
ATOM   175  N  N   . LEU B 1 4  ? 6.506   -0.036  17.692  1.00 110.35 ? 3   LEU B N   1 
ATOM   176  C  CA  . LEU B 1 4  ? 5.946   -1.310  17.245  1.00 103.69 ? 3   LEU B CA  1 
ATOM   177  C  C   . LEU B 1 4  ? 4.528   -1.471  17.733  1.00 106.39 ? 3   LEU B C   1 
ATOM   178  O  O   . LEU B 1 4  ? 3.662   -1.877  16.966  1.00 101.54 ? 3   LEU B O   1 
ATOM   179  C  CB  . LEU B 1 4  ? 6.793   -2.482  17.763  1.00 95.65  ? 3   LEU B CB  1 
ATOM   180  C  CG  . LEU B 1 4  ? 6.231   -3.912  17.744  1.00 86.57  ? 3   LEU B CG  1 
ATOM   181  C  CD1 . LEU B 1 4  ? 5.662   -4.311  16.394  1.00 83.75  ? 3   LEU B CD1 1 
ATOM   182  C  CD2 . LEU B 1 4  ? 7.320   -4.875  18.186  1.00 86.13  ? 3   LEU B CD2 1 
ATOM   183  N  N   . LEU B 1 5  ? 4.303   -1.178  19.013  1.00 115.52 ? 4   LEU B N   1 
ATOM   184  C  CA  . LEU B 1 5  ? 2.984   -1.342  19.635  1.00 123.62 ? 4   LEU B CA  1 
ATOM   185  C  C   . LEU B 1 5  ? 1.927   -0.707  18.753  1.00 111.67 ? 4   LEU B C   1 
ATOM   186  O  O   . LEU B 1 5  ? 0.918   -1.340  18.407  1.00 107.95 ? 4   LEU B O   1 
ATOM   187  C  CB  . LEU B 1 5  ? 2.945   -0.699  21.030  1.00 139.04 ? 4   LEU B CB  1 
ATOM   188  C  CG  . LEU B 1 5  ? 3.801   -1.337  22.138  1.00 149.24 ? 4   LEU B CG  1 
ATOM   189  C  CD1 . LEU B 1 5  ? 3.876   -0.465  23.393  1.00 157.94 ? 4   LEU B CD1 1 
ATOM   190  C  CD2 . LEU B 1 5  ? 3.289   -2.730  22.477  1.00 148.45 ? 4   LEU B CD2 1 
ATOM   191  N  N   . LEU B 1 6  ? 2.198   0.538   18.370  1.00 97.22  ? 5   LEU B N   1 
ATOM   192  C  CA  . LEU B 1 6  ? 1.369   1.262   17.433  1.00 94.67  ? 5   LEU B CA  1 
ATOM   193  C  C   . LEU B 1 6  ? 0.959   0.405   16.229  1.00 95.01  ? 5   LEU B C   1 
ATOM   194  O  O   . LEU B 1 6  ? -0.205  0.411   15.872  1.00 92.60  ? 5   LEU B O   1 
ATOM   195  C  CB  . LEU B 1 6  ? 2.083   2.532   16.981  1.00 91.62  ? 5   LEU B CB  1 
ATOM   196  N  N   . LEU B 1 7  ? 1.898   -0.344  15.638  1.00 99.84  ? 6   LEU B N   1 
ATOM   197  C  CA  . LEU B 1 7  ? 1.604   -1.225  14.486  1.00 103.07 ? 6   LEU B CA  1 
ATOM   198  C  C   . LEU B 1 7  ? 0.558   -2.285  14.798  1.00 107.03 ? 6   LEU B C   1 
ATOM   199  O  O   . LEU B 1 7  ? -0.405  -2.455  14.049  1.00 114.39 ? 6   LEU B O   1 
ATOM   200  C  CB  . LEU B 1 7  ? 2.862   -1.929  13.940  1.00 102.65 ? 6   LEU B CB  1 
ATOM   201  C  CG  . LEU B 1 7  ? 2.638   -2.934  12.788  1.00 103.45 ? 6   LEU B CG  1 
ATOM   202  C  CD1 . LEU B 1 7  ? 1.926   -2.278  11.610  1.00 108.79 ? 6   LEU B CD1 1 
ATOM   203  C  CD2 . LEU B 1 7  ? 3.932   -3.585  12.320  1.00 100.90 ? 6   LEU B CD2 1 
ATOM   204  N  N   . LEU B 1 8  ? 0.749   -3.012  15.888  1.00 108.11 ? 7   LEU B N   1 
ATOM   205  C  CA  . LEU B 1 8  ? -0.179  -4.101  16.207  1.00 103.77 ? 7   LEU B CA  1 
ATOM   206  C  C   . LEU B 1 8  ? -1.599  -3.579  16.406  1.00 95.16  ? 7   LEU B C   1 
ATOM   207  O  O   . LEU B 1 8  ? -2.542  -4.104  15.816  1.00 83.96  ? 7   LEU B O   1 
ATOM   208  C  CB  . LEU B 1 8  ? 0.319   -4.933  17.397  1.00 103.12 ? 7   LEU B CB  1 
ATOM   209  C  CG  . LEU B 1 8  ? 1.277   -6.035  16.907  1.00 101.36 ? 7   LEU B CG  1 
ATOM   210  C  CD1 . LEU B 1 8  ? 2.238   -6.498  17.996  1.00 105.06 ? 7   LEU B CD1 1 
ATOM   211  C  CD2 . LEU B 1 8  ? 0.500   -7.208  16.312  1.00 98.21  ? 7   LEU B CD2 1 
ATOM   212  N  N   . ILE B 1 9  ? -1.719  -2.512  17.192  1.00 91.89  ? 8   ILE B N   1 
ATOM   213  C  CA  . ILE B 1 9  ? -3.002  -1.877  17.454  1.00 91.15  ? 8   ILE B CA  1 
ATOM   214  C  C   . ILE B 1 9  ? -3.723  -1.641  16.152  1.00 91.46  ? 8   ILE B C   1 
ATOM   215  O  O   . ILE B 1 9  ? -4.836  -2.116  15.979  1.00 94.45  ? 8   ILE B O   1 
ATOM   216  C  CB  . ILE B 1 9  ? -2.844  -0.568  18.256  1.00 93.22  ? 8   ILE B CB  1 
ATOM   217  C  CG1 . ILE B 1 9  ? -2.595  -0.918  19.729  1.00 100.58 ? 8   ILE B CG1 1 
ATOM   218  C  CG2 . ILE B 1 9  ? -4.081  0.327   18.138  1.00 92.92  ? 8   ILE B CG2 1 
ATOM   219  C  CD1 . ILE B 1 9  ? -2.043  0.206   20.584  1.00 103.75 ? 8   ILE B CD1 1 
ATOM   220  N  N   . ILE B 1 10 ? -3.088  -0.919  15.237  1.00 101.57 ? 9   ILE B N   1 
ATOM   221  C  CA  . ILE B 1 10 ? -3.679  -0.720  13.904  1.00 113.72 ? 9   ILE B CA  1 
ATOM   222  C  C   . ILE B 1 10 ? -3.954  -2.095  13.270  1.00 107.72 ? 9   ILE B C   1 
ATOM   223  O  O   . ILE B 1 10 ? -5.101  -2.408  12.947  1.00 113.99 ? 9   ILE B O   1 
ATOM   224  C  CB  . ILE B 1 10 ? -2.930  0.326   12.974  1.00 122.53 ? 9   ILE B CB  1 
ATOM   225  C  CG1 . ILE B 1 10 ? -3.311  0.142   11.505  1.00 128.09 ? 9   ILE B CG1 1 
ATOM   226  C  CG2 . ILE B 1 10 ? -1.409  0.364   13.112  1.00 120.58 ? 9   ILE B CG2 1 
ATOM   227  C  CD1 . ILE B 1 10 ? -4.770  0.422   11.253  1.00 130.84 ? 9   ILE B CD1 1 
ATOM   228  N  N   . LEU B 1 11 ? -2.930  -2.928  13.165  1.00 100.34 ? 10  LEU B N   1 
ATOM   229  C  CA  . LEU B 1 11 ? -3.110  -4.287  12.643  1.00 100.18 ? 10  LEU B CA  1 
ATOM   230  C  C   . LEU B 1 11 ? -4.342  -5.047  13.187  1.00 103.23 ? 10  LEU B C   1 
ATOM   231  O  O   . LEU B 1 11 ? -5.013  -5.756  12.439  1.00 98.04  ? 10  LEU B O   1 
ATOM   232  C  CB  . LEU B 1 11 ? -1.854  -5.128  12.874  1.00 98.57  ? 10  LEU B CB  1 
ATOM   233  C  CG  . LEU B 1 11 ? -0.981  -5.373  11.649  1.00 96.24  ? 10  LEU B CG  1 
ATOM   234  C  CD1 . LEU B 1 11 ? 0.291   -6.109  12.061  1.00 100.25 ? 10  LEU B CD1 1 
ATOM   235  C  CD2 . LEU B 1 11 ? -1.734  -6.165  10.594  1.00 92.64  ? 10  LEU B CD2 1 
ATOM   236  N  N   . SER B 1 12 ? -4.628  -4.885  14.478  1.00 105.58 ? 11  SER B N   1 
ATOM   237  C  CA  . SER B 1 12 ? -5.826  -5.458  15.111  1.00 102.78 ? 11  SER B CA  1 
ATOM   238  C  C   . SER B 1 12 ? -7.110  -4.855  14.563  1.00 102.75 ? 11  SER B C   1 
ATOM   239  O  O   . SER B 1 12 ? -8.004  -5.590  14.139  1.00 96.90  ? 11  SER B O   1 
ATOM   240  C  CB  . SER B 1 12 ? -5.800  -5.241  16.627  1.00 104.07 ? 11  SER B CB  1 
ATOM   241  O  OG  . SER B 1 12 ? -4.544  -5.603  17.164  1.00 111.03 ? 11  SER B OG  1 
ATOM   242  N  N   . GLU B 1 13 ? -7.181  -3.516  14.563  1.00 108.04 ? 12  GLU B N   1 
ATOM   243  C  CA  . GLU B 1 13 ? -8.348  -2.756  14.049  1.00 107.52 ? 12  GLU B CA  1 
ATOM   244  C  C   . GLU B 1 13 ? -8.849  -3.294  12.703  1.00 104.13 ? 12  GLU B C   1 
ATOM   245  O  O   . GLU B 1 13 ? -10.053 -3.352  12.468  1.00 104.07 ? 12  GLU B O   1 
ATOM   246  C  CB  . GLU B 1 13 ? -8.047  -1.238  13.929  1.00 108.09 ? 12  GLU B CB  1 
ATOM   247  C  CG  . GLU B 1 13 ? -7.909  -0.496  15.261  1.00 112.94 ? 12  GLU B CG  1 
ATOM   248  C  CD  . GLU B 1 13 ? -7.808  1.024   15.122  1.00 114.80 ? 12  GLU B CD  1 
ATOM   249  O  OE1 . GLU B 1 13 ? -8.786  1.651   14.660  1.00 120.21 ? 12  GLU B OE1 1 
ATOM   250  O  OE2 . GLU B 1 13 ? -6.763  1.600   15.508  1.00 111.79 ? 12  GLU B OE2 1 
ATOM   251  N  N   . ALA B 1 14 ? -7.910  -3.685  11.840  1.00 104.28 ? 13  ALA B N   1 
ATOM   252  C  CA  . ALA B 1 14 ? -8.211  -4.330  10.563  1.00 97.69  ? 13  ALA B CA  1 
ATOM   253  C  C   . ALA B 1 14 ? -8.984  -5.610  10.772  1.00 96.43  ? 13  ALA B C   1 
ATOM   254  O  O   . ALA B 1 14 ? -10.032 -5.797  10.168  1.00 97.80  ? 13  ALA B O   1 
ATOM   255  C  CB  . ALA B 1 14 ? -6.931  -4.637  9.806   1.00 95.59  ? 13  ALA B CB  1 
ATOM   256  N  N   . LEU B 1 15 ? -8.461  -6.485  11.629  1.00 97.10  ? 14  LEU B N   1 
ATOM   257  C  CA  . LEU B 1 15 ? -9.048  -7.808  11.825  1.00 94.67  ? 14  LEU B CA  1 
ATOM   258  C  C   . LEU B 1 15 ? -10.515 -7.663  12.120  1.00 96.50  ? 14  LEU B C   1 
ATOM   259  O  O   . LEU B 1 15 ? -11.334 -8.205  11.398  1.00 96.55  ? 14  LEU B O   1 
ATOM   260  C  CB  . LEU B 1 15 ? -8.377  -8.598  12.952  1.00 90.68  ? 14  LEU B CB  1 
ATOM   261  C  CG  . LEU B 1 15 ? -7.924  -10.002 12.555  1.00 91.22  ? 14  LEU B CG  1 
ATOM   262  C  CD1 . LEU B 1 15 ? -7.371  -10.687 13.790  1.00 93.63  ? 14  LEU B CD1 1 
ATOM   263  C  CD2 . LEU B 1 15 ? -8.995  -10.873 11.920  1.00 88.31  ? 14  LEU B CD2 1 
ATOM   264  N  N   . HIS B 1 16 ? -10.839 -6.875  13.142  1.00 103.05 ? 15  HIS B N   1 
ATOM   265  C  CA  . HIS B 1 16 ? -12.233 -6.630  13.517  1.00 107.50 ? 15  HIS B CA  1 
ATOM   266  C  C   . HIS B 1 16 ? -13.070 -6.174  12.332  1.00 99.08  ? 15  HIS B C   1 
ATOM   267  O  O   . HIS B 1 16 ? -14.156 -6.692  12.110  1.00 95.91  ? 15  HIS B O   1 
ATOM   268  C  CB  . HIS B 1 16 ? -12.348 -5.594  14.631  1.00 117.03 ? 15  HIS B CB  1 
ATOM   269  C  CG  . HIS B 1 16 ? -13.740 -5.448  15.161  1.00 124.38 ? 15  HIS B CG  1 
ATOM   270  N  ND1 . HIS B 1 16 ? -14.138 -5.993  16.362  1.00 126.73 ? 15  HIS B ND1 1 
ATOM   271  C  CD2 . HIS B 1 16 ? -14.835 -4.840  14.643  1.00 128.02 ? 15  HIS B CD2 1 
ATOM   272  C  CE1 . HIS B 1 16 ? -15.413 -5.712  16.569  1.00 130.74 ? 15  HIS B CE1 1 
ATOM   273  N  NE2 . HIS B 1 16 ? -15.861 -5.020  15.537  1.00 130.56 ? 15  HIS B NE2 1 
ATOM   274  N  N   . LEU B 1 17 ? -12.562 -5.202  11.582  1.00 96.82  ? 16  LEU B N   1 
ATOM   275  C  CA  . LEU B 1 17 ? -13.241 -4.724  10.378  1.00 96.57  ? 16  LEU B CA  1 
ATOM   276  C  C   . LEU B 1 17 ? -13.343 -5.812  9.299   1.00 97.27  ? 16  LEU B C   1 
ATOM   277  O  O   . LEU B 1 17 ? -14.267 -5.793  8.505   1.00 99.47  ? 16  LEU B O   1 
ATOM   278  C  CB  . LEU B 1 17 ? -12.557 -3.470  9.823   1.00 90.48  ? 16  LEU B CB  1 
ATOM   279  N  N   . ALA B 1 18 ? -12.400 -6.750  9.264   1.00 98.85  ? 17  ALA B N   1 
ATOM   280  C  CA  . ALA B 1 18 ? -12.559 -7.944  8.437   1.00 106.58 ? 17  ALA B CA  1 
ATOM   281  C  C   . ALA B 1 18 ? -13.723 -8.787  8.963   1.00 112.94 ? 17  ALA B C   1 
ATOM   282  O  O   . ALA B 1 18 ? -14.740 -8.888  8.286   1.00 116.45 ? 17  ALA B O   1 
ATOM   283  C  CB  . ALA B 1 18 ? -11.270 -8.767  8.359   1.00 111.27 ? 17  ALA B CB  1 
ATOM   284  N  N   . ILE B 1 19 ? -13.598 -9.352  10.169  1.00 116.94 ? 18  ILE B N   1 
ATOM   285  C  CA  . ILE B 1 19 ? -14.656 -10.241 10.710  1.00 111.11 ? 18  ILE B CA  1 
ATOM   286  C  C   . ILE B 1 19 ? -16.023 -9.538  10.791  1.00 104.71 ? 18  ILE B C   1 
ATOM   287  O  O   . ILE B 1 19 ? -16.996 -10.048 10.235  1.00 94.56  ? 18  ILE B O   1 
ATOM   288  C  CB  . ILE B 1 19 ? -14.306 -10.990 12.052  1.00 110.72 ? 18  ILE B CB  1 
ATOM   289  C  CG1 . ILE B 1 19 ? -13.691 -10.062 13.128  1.00 111.08 ? 18  ILE B CG1 1 
ATOM   290  C  CG2 . ILE B 1 19 ? -13.470 -12.245 11.767  1.00 107.69 ? 18  ILE B CG2 1 
ATOM   291  C  CD1 . ILE B 1 19 ? -12.235 -10.305 13.475  1.00 112.89 ? 18  ILE B CD1 1 
ATOM   292  N  N   . LEU B 1 20 ? -16.076 -8.346  11.394  1.00 105.13 ? 19  LEU B N   1 
ATOM   293  C  CA  . LEU B 1 20 ? -17.317 -7.550  11.471  1.00 104.88 ? 19  LEU B CA  1 
ATOM   294  C  C   . LEU B 1 20 ? -17.941 -7.309  10.102  1.00 105.11 ? 19  LEU B C   1 
ATOM   295  O  O   . LEU B 1 20 ? -19.148 -7.147  10.002  1.00 111.29 ? 19  LEU B O   1 
ATOM   296  C  CB  . LEU B 1 20 ? -17.092 -6.196  12.158  1.00 99.44  ? 19  LEU B CB  1 
ATOM   297  N  N   . LEU B 1 21 ? -17.114 -7.258  9.064   1.00 106.65 ? 20  LEU B N   1 
ATOM   298  C  CA  . LEU B 1 21 ? -17.598 -7.222  7.686   1.00 113.39 ? 20  LEU B CA  1 
ATOM   299  C  C   . LEU B 1 21 ? -18.006 -8.614  7.175   1.00 112.36 ? 20  LEU B C   1 
ATOM   300  O  O   . LEU B 1 21 ? -18.930 -8.731  6.372   1.00 115.97 ? 20  LEU B O   1 
ATOM   301  C  CB  . LEU B 1 21 ? -16.530 -6.594  6.782   1.00 114.59 ? 20  LEU B CB  1 
ATOM   302  C  CG  . LEU B 1 21 ? -16.792 -6.364  5.300   1.00 113.79 ? 20  LEU B CG  1 
ATOM   303  C  CD1 . LEU B 1 21 ? -18.085 -5.591  5.083   1.00 115.19 ? 20  LEU B CD1 1 
ATOM   304  C  CD2 . LEU B 1 21 ? -15.602 -5.624  4.704   1.00 111.09 ? 20  LEU B CD2 1 
ATOM   305  N  N   . LEU B 1 22 ? -17.305 -9.650  7.628   1.00 108.32 ? 21  LEU B N   1 
ATOM   306  C  CA  . LEU B 1 22 ? -17.600 -11.040 7.255   1.00 114.25 ? 21  LEU B CA  1 
ATOM   307  C  C   . LEU B 1 22 ? -18.896 -11.549 7.902   1.00 122.80 ? 21  LEU B C   1 
ATOM   308  O  O   . LEU B 1 22 ? -19.684 -12.257 7.253   1.00 132.42 ? 21  LEU B O   1 
ATOM   309  C  CB  . LEU B 1 22 ? -16.416 -11.966 7.616   1.00 111.18 ? 21  LEU B CB  1 
ATOM   310  C  CG  . LEU B 1 22 ? -15.889 -12.886 6.506   1.00 112.40 ? 21  LEU B CG  1 
ATOM   311  C  CD1 . LEU B 1 22 ? -14.461 -13.313 6.812   1.00 113.28 ? 21  LEU B CD1 1 
ATOM   312  C  CD2 . LEU B 1 22 ? -16.786 -14.096 6.273   1.00 112.60 ? 21  LEU B CD2 1 
ATOM   313  N  N   . ILE B 1 23 ? -19.110 -11.199 9.172   1.00 124.01 ? 22  ILE B N   1 
ATOM   314  C  CA  . ILE B 1 23 ? -20.326 -11.600 9.885   1.00 122.53 ? 22  ILE B CA  1 
ATOM   315  C  C   . ILE B 1 23 ? -21.534 -10.921 9.257   1.00 127.59 ? 22  ILE B C   1 
ATOM   316  O  O   . ILE B 1 23 ? -22.520 -11.592 8.951   1.00 143.49 ? 22  ILE B O   1 
ATOM   317  C  CB  . ILE B 1 23 ? -20.271 -11.267 11.391  1.00 112.04 ? 22  ILE B CB  1 
ATOM   318  N  N   . LYS B 1 24 ? -21.429 -9.609  9.033   1.00 126.43 ? 23  LYS B N   1 
ATOM   319  C  CA  . LYS B 1 24 ? -22.524 -8.802  8.475   1.00 128.40 ? 23  LYS B CA  1 
ATOM   320  C  C   . LYS B 1 24 ? -23.015 -9.343  7.134   1.00 133.41 ? 23  LYS B C   1 
ATOM   321  O  O   . LYS B 1 24 ? -24.220 -9.496  6.940   1.00 130.16 ? 23  LYS B O   1 
ATOM   322  C  CB  . LYS B 1 24 ? -22.095 -7.337  8.328   1.00 125.50 ? 23  LYS B CB  1 
ATOM   323  C  CG  . LYS B 1 24 ? -23.229 -6.333  8.159   1.00 129.19 ? 23  LYS B CG  1 
ATOM   324  C  CD  . LYS B 1 24 ? -23.643 -6.092  6.713   1.00 135.36 ? 23  LYS B CD  1 
ATOM   325  C  CE  . LYS B 1 24 ? -22.593 -5.357  5.893   1.00 142.79 ? 23  LYS B CE  1 
ATOM   326  N  NZ  . LYS B 1 24 ? -22.333 -3.982  6.403   1.00 149.97 ? 23  LYS B NZ  1 
ATOM   327  N  N   . TRP B 1 25 ? -22.085 -9.624  6.223   1.00 143.75 ? 24  TRP B N   1 
ATOM   328  C  CA  . TRP B 1 25 ? -22.430 -10.197 4.918   1.00 157.21 ? 24  TRP B CA  1 
ATOM   329  C  C   . TRP B 1 25 ? -21.216 -10.855 4.272   1.00 153.12 ? 24  TRP B C   1 
ATOM   330  O  O   . TRP B 1 25 ? -21.352 -11.813 3.516   1.00 152.70 ? 24  TRP B O   1 
ATOM   331  C  CB  . TRP B 1 25 ? -23.009 -9.121  3.982   1.00 176.63 ? 24  TRP B CB  1 
ATOM   332  C  CG  . TRP B 1 25 ? -24.321 -9.524  3.332   1.00 192.58 ? 24  TRP B CG  1 
ATOM   333  C  CD1 . TRP B 1 25 ? -24.489 -10.341 2.243   1.00 191.49 ? 24  TRP B CD1 1 
ATOM   334  C  CD2 . TRP B 1 25 ? -25.642 -9.132  3.742   1.00 199.94 ? 24  TRP B CD2 1 
ATOM   335  N  NE1 . TRP B 1 25 ? -25.826 -10.476 1.952   1.00 186.98 ? 24  TRP B NE1 1 
ATOM   336  C  CE2 . TRP B 1 25 ? -26.555 -9.746  2.855   1.00 199.54 ? 24  TRP B CE2 1 
ATOM   337  C  CE3 . TRP B 1 25 ? -26.142 -8.318  4.774   1.00 197.78 ? 24  TRP B CE3 1 
ATOM   338  C  CZ2 . TRP B 1 25 ? -27.944 -9.573  2.969   1.00 205.01 ? 24  TRP B CZ2 1 
ATOM   339  C  CZ3 . TRP B 1 25 ? -27.523 -8.146  4.889   1.00 197.25 ? 24  TRP B CZ3 1 
ATOM   340  C  CH2 . TRP B 1 25 ? -28.407 -8.772  3.990   1.00 203.46 ? 24  TRP B CH2 1 
ATOM   341  N  N   . SER C 1 2  ? -16.074 -4.612  -8.188  1.00 154.20 ? 1   SER C N   1 
ATOM   342  C  CA  . SER C 1 2  ? -15.271 -5.495  -9.091  1.00 149.83 ? 1   SER C CA  1 
ATOM   343  C  C   . SER C 1 2  ? -13.780 -5.305  -8.830  1.00 141.21 ? 1   SER C C   1 
ATOM   344  O  O   . SER C 1 2  ? -13.062 -6.266  -8.539  1.00 135.96 ? 1   SER C O   1 
ATOM   345  C  CB  . SER C 1 2  ? -15.593 -5.195  -10.561 1.00 153.78 ? 1   SER C CB  1 
ATOM   346  O  OG  . SER C 1 2  ? -16.994 -5.178  -10.797 1.00 157.07 ? 1   SER C OG  1 
ATOM   347  N  N   . LYS C 1 3  ? -13.337 -4.054  -8.941  1.00 132.99 ? 2   LYS C N   1 
ATOM   348  C  CA  . LYS C 1 3  ? -11.947 -3.673  -8.695  1.00 123.66 ? 2   LYS C CA  1 
ATOM   349  C  C   . LYS C 1 3  ? -11.665 -3.433  -7.207  1.00 119.09 ? 2   LYS C C   1 
ATOM   350  O  O   . LYS C 1 3  ? -10.560 -3.711  -6.746  1.00 120.09 ? 2   LYS C O   1 
ATOM   351  C  CB  . LYS C 1 3  ? -11.585 -2.422  -9.498  1.00 117.27 ? 2   LYS C CB  1 
ATOM   352  N  N   . LEU C 1 4  ? -12.654 -2.938  -6.451  1.00 112.14 ? 3   LEU C N   1 
ATOM   353  C  CA  . LEU C 1 4  ? -12.484 -2.700  -5.004  1.00 104.20 ? 3   LEU C CA  1 
ATOM   354  C  C   . LEU C 1 4  ? -12.093 -3.967  -4.238  1.00 107.11 ? 3   LEU C C   1 
ATOM   355  O  O   . LEU C 1 4  ? -11.517 -3.876  -3.150  1.00 106.71 ? 3   LEU C O   1 
ATOM   356  C  CB  . LEU C 1 4  ? -13.740 -2.080  -4.388  1.00 96.08  ? 3   LEU C CB  1 
ATOM   357  N  N   . LEU C 1 5  ? -12.419 -5.132  -4.804  1.00 108.50 ? 4   LEU C N   1 
ATOM   358  C  CA  . LEU C 1 5  ? -11.864 -6.412  -4.356  1.00 109.40 ? 4   LEU C CA  1 
ATOM   359  C  C   . LEU C 1 5  ? -10.397 -6.554  -4.756  1.00 105.09 ? 4   LEU C C   1 
ATOM   360  O  O   . LEU C 1 5  ? -9.538  -6.839  -3.907  1.00 104.58 ? 4   LEU C O   1 
ATOM   361  C  CB  . LEU C 1 5  ? -12.664 -7.570  -4.949  1.00 111.23 ? 4   LEU C CB  1 
ATOM   362  N  N   . LEU C 1 6  ? -10.128 -6.353  -6.047  1.00 100.96 ? 5   LEU C N   1 
ATOM   363  C  CA  . LEU C 1 6  ? -8.766  -6.415  -6.598  1.00 104.28 ? 5   LEU C CA  1 
ATOM   364  C  C   . LEU C 1 6  ? -7.722  -5.730  -5.711  1.00 104.13 ? 5   LEU C C   1 
ATOM   365  O  O   . LEU C 1 6  ? -6.665  -6.298  -5.454  1.00 103.50 ? 5   LEU C O   1 
ATOM   366  C  CB  . LEU C 1 6  ? -8.713  -5.822  -8.010  1.00 106.08 ? 5   LEU C CB  1 
ATOM   367  N  N   . LEU C 1 7  ? -8.024  -4.523  -5.234  1.00 102.40 ? 6   LEU C N   1 
ATOM   368  C  CA  . LEU C 1 7  ? -7.108  -3.841  -4.325  1.00 105.74 ? 6   LEU C CA  1 
ATOM   369  C  C   . LEU C 1 7  ? -6.847  -4.659  -3.107  1.00 108.36 ? 6   LEU C C   1 
ATOM   370  O  O   . LEU C 1 7  ? -5.701  -4.987  -2.837  1.00 114.93 ? 6   LEU C O   1 
ATOM   371  C  CB  . LEU C 1 7  ? -7.613  -2.486  -3.871  1.00 110.39 ? 6   LEU C CB  1 
ATOM   372  C  CG  . LEU C 1 7  ? -6.921  -1.374  -4.634  1.00 120.34 ? 6   LEU C CG  1 
ATOM   373  C  CD1 . LEU C 1 7  ? -7.365  -1.417  -6.094  1.00 126.05 ? 6   LEU C CD1 1 
ATOM   374  C  CD2 . LEU C 1 7  ? -7.218  -0.044  -3.957  1.00 125.49 ? 6   LEU C CD2 1 
ATOM   375  N  N   . LEU C 1 8  ? -7.908  -5.007  -2.388  1.00 106.40 ? 7   LEU C N   1 
ATOM   376  C  CA  . LEU C 1 8  ? -7.750  -5.778  -1.167  1.00 108.34 ? 7   LEU C CA  1 
ATOM   377  C  C   . LEU C 1 8  ? -6.792  -6.945  -1.396  1.00 105.13 ? 7   LEU C C   1 
ATOM   378  O  O   . LEU C 1 8  ? -5.786  -7.072  -0.686  1.00 98.59  ? 7   LEU C O   1 
ATOM   379  C  CB  . LEU C 1 8  ? -9.087  -6.286  -0.644  1.00 110.66 ? 7   LEU C CB  1 
ATOM   380  C  CG  . LEU C 1 8  ? -8.973  -6.852  0.780   1.00 116.79 ? 7   LEU C CG  1 
ATOM   381  C  CD1 . LEU C 1 8  ? -8.965  -5.751  1.836   1.00 115.13 ? 7   LEU C CD1 1 
ATOM   382  C  CD2 . LEU C 1 8  ? -10.100 -7.836  1.035   1.00 124.78 ? 7   LEU C CD2 1 
ATOM   383  N  N   . ILE C 1 9  ? -7.094  -7.769  -2.402  1.00 101.67 ? 8   ILE C N   1 
ATOM   384  C  CA  . ILE C 1 9  ? -6.206  -8.893  -2.753  1.00 99.31  ? 8   ILE C CA  1 
ATOM   385  C  C   . ILE C 1 9  ? -4.798  -8.399  -3.021  1.00 91.61  ? 8   ILE C C   1 
ATOM   386  O  O   . ILE C 1 9  ? -3.840  -8.908  -2.448  1.00 87.90  ? 8   ILE C O   1 
ATOM   387  C  CB  . ILE C 1 9  ? -6.717  -9.830  -3.906  1.00 102.35 ? 8   ILE C CB  1 
ATOM   388  C  CG1 . ILE C 1 9  ? -5.594  -10.715 -4.494  1.00 102.95 ? 8   ILE C CG1 1 
ATOM   389  C  CG2 . ILE C 1 9  ? -7.324  -9.093  -5.082  1.00 102.86 ? 8   ILE C CG2 1 
ATOM   390  C  CD1 . ILE C 1 9  ? -4.914  -11.649 -3.515  1.00 106.37 ? 8   ILE C CD1 1 
ATOM   391  N  N   . ILE C 1 10 ? -4.675  -7.401  -3.877  1.00 89.44  ? 9   ILE C N   1 
ATOM   392  C  CA  . ILE C 1 10 ? -3.378  -6.814  -4.133  1.00 93.46  ? 9   ILE C CA  1 
ATOM   393  C  C   . ILE C 1 10 ? -2.771  -6.376  -2.797  1.00 89.75  ? 9   ILE C C   1 
ATOM   394  O  O   . ILE C 1 10 ? -1.691  -6.813  -2.428  1.00 85.27  ? 9   ILE C O   1 
ATOM   395  C  CB  . ILE C 1 10 ? -3.487  -5.668  -5.173  1.00 98.27  ? 9   ILE C CB  1 
ATOM   396  C  CG1 . ILE C 1 10 ? -3.554  -6.243  -6.602  1.00 97.46  ? 9   ILE C CG1 1 
ATOM   397  C  CG2 . ILE C 1 10 ? -2.349  -4.673  -5.052  1.00 102.31 ? 9   ILE C CG2 1 
ATOM   398  C  CD1 . ILE C 1 10 ? -2.230  -6.713  -7.175  1.00 95.68  ? 9   ILE C CD1 1 
ATOM   399  N  N   . LEU C 1 11 ? -3.519  -5.585  -2.049  1.00 91.66  ? 10  LEU C N   1 
ATOM   400  C  CA  . LEU C 1 11 ? -3.007  -4.942  -0.865  1.00 97.26  ? 10  LEU C CA  1 
ATOM   401  C  C   . LEU C 1 11 ? -2.661  -5.904  0.263   1.00 106.25 ? 10  LEU C C   1 
ATOM   402  O  O   . LEU C 1 11 ? -1.773  -5.606  1.054   1.00 113.93 ? 10  LEU C O   1 
ATOM   403  C  CB  . LEU C 1 11 ? -4.003  -3.904  -0.365  1.00 96.81  ? 10  LEU C CB  1 
ATOM   404  C  CG  . LEU C 1 11 ? -3.537  -3.027  0.807   1.00 99.50  ? 10  LEU C CG  1 
ATOM   405  C  CD1 . LEU C 1 11 ? -2.205  -2.340  0.531   1.00 96.82  ? 10  LEU C CD1 1 
ATOM   406  C  CD2 . LEU C 1 11 ? -4.615  -2.006  1.128   1.00 103.49 ? 10  LEU C CD2 1 
ATOM   407  N  N   . SER C 1 12 ? -3.348  -7.039  0.354   1.00 112.55 ? 11  SER C N   1 
ATOM   408  C  CA  . SER C 1 12 ? -3.025  -8.025  1.384   1.00 123.39 ? 11  SER C CA  1 
ATOM   409  C  C   . SER C 1 12 ? -1.633  -8.591  1.145   1.00 116.89 ? 11  SER C C   1 
ATOM   410  O  O   . SER C 1 12 ? -0.770  -8.497  2.012   1.00 115.82 ? 11  SER C O   1 
ATOM   411  C  CB  . SER C 1 12 ? -4.045  -9.163  1.408   1.00 138.50 ? 11  SER C CB  1 
ATOM   412  O  OG  . SER C 1 12 ? -3.832  -10.080 0.344   1.00 152.00 ? 11  SER C OG  1 
ATOM   413  N  N   . GLU C 1 13 ? -1.413  -9.133  -0.051  1.00 108.00 ? 12  GLU C N   1 
ATOM   414  C  CA  . GLU C 1 13 ? -0.141  -9.765  -0.390  1.00 111.70 ? 12  GLU C CA  1 
ATOM   415  C  C   . GLU C 1 13 ? 1.028   -8.749  -0.436  1.00 105.90 ? 12  GLU C C   1 
ATOM   416  O  O   . GLU C 1 13 ? 2.195   -9.146  -0.452  1.00 110.25 ? 12  GLU C O   1 
ATOM   417  C  CB  . GLU C 1 13 ? -0.243  -10.547 -1.707  1.00 122.09 ? 12  GLU C CB  1 
ATOM   418  C  CG  . GLU C 1 13 ? -1.257  -11.697 -1.729  1.00 127.54 ? 12  GLU C CG  1 
ATOM   419  C  CD  . GLU C 1 13 ? -0.830  -12.961 -0.990  1.00 134.06 ? 12  GLU C CD  1 
ATOM   420  O  OE1 . GLU C 1 13 ? 0.353   -13.366 -1.079  1.00 140.41 ? 12  GLU C OE1 1 
ATOM   421  O  OE2 . GLU C 1 13 ? -1.709  -13.579 -0.345  1.00 130.51 ? 12  GLU C OE2 1 
ATOM   422  N  N   . ALA C 1 14 ? 0.725   -7.450  -0.460  1.00 96.84  ? 13  ALA C N   1 
ATOM   423  C  CA  . ALA C 1 14 ? 1.738   -6.435  -0.145  1.00 91.47  ? 13  ALA C CA  1 
ATOM   424  C  C   . ALA C 1 14 ? 2.052   -6.500  1.342   1.00 87.27  ? 13  ALA C C   1 
ATOM   425  O  O   . ALA C 1 14 ? 3.141   -6.912  1.723   1.00 81.66  ? 13  ALA C O   1 
ATOM   426  C  CB  . ALA C 1 14 ? 1.279   -5.031  -0.533  1.00 91.11  ? 13  ALA C CB  1 
ATOM   427  N  N   . LEU C 1 15 ? 1.069   -6.136  2.164   1.00 88.05  ? 14  LEU C N   1 
ATOM   428  C  CA  . LEU C 1 15 ? 1.231   -6.017  3.630   1.00 88.42  ? 14  LEU C CA  1 
ATOM   429  C  C   . LEU C 1 15 ? 1.809   -7.279  4.250   1.00 87.48  ? 14  LEU C C   1 
ATOM   430  O  O   . LEU C 1 15 ? 2.675   -7.226  5.127   1.00 78.07  ? 14  LEU C O   1 
ATOM   431  C  CB  . LEU C 1 15 ? -0.119  -5.722  4.303   1.00 85.54  ? 14  LEU C CB  1 
ATOM   432  C  CG  . LEU C 1 15 ? -0.123  -4.642  5.385   1.00 86.86  ? 14  LEU C CG  1 
ATOM   433  C  CD1 . LEU C 1 15 ? -1.460  -4.697  6.104   1.00 87.90  ? 14  LEU C CD1 1 
ATOM   434  C  CD2 . LEU C 1 15 ? 1.039   -4.745  6.367   1.00 84.99  ? 14  LEU C CD2 1 
ATOM   435  N  N   . HIS C 1 16 ? 1.270   -8.400  3.782   1.00 91.03  ? 15  HIS C N   1 
ATOM   436  C  CA  . HIS C 1 16 ? 1.764   -9.737  4.059   1.00 93.56  ? 15  HIS C CA  1 
ATOM   437  C  C   . HIS C 1 16 ? 3.276   -9.770  3.935   1.00 88.46  ? 15  HIS C C   1 
ATOM   438  O  O   . HIS C 1 16 ? 3.956   -10.072 4.918   1.00 88.83  ? 15  HIS C O   1 
ATOM   439  C  CB  . HIS C 1 16 ? 1.117   -10.725 3.075   1.00 100.84 ? 15  HIS C CB  1 
ATOM   440  C  CG  . HIS C 1 16 ? 1.295   -12.165 3.425   1.00 110.16 ? 15  HIS C CG  1 
ATOM   441  N  ND1 . HIS C 1 16 ? 0.940   -12.680 4.653   1.00 114.96 ? 15  HIS C ND1 1 
ATOM   442  C  CD2 . HIS C 1 16 ? 1.732   -13.213 2.685   1.00 112.83 ? 15  HIS C CD2 1 
ATOM   443  C  CE1 . HIS C 1 16 ? 1.176   -13.979 4.665   1.00 115.14 ? 15  HIS C CE1 1 
ATOM   444  N  NE2 . HIS C 1 16 ? 1.656   -14.328 3.484   1.00 121.30 ? 15  HIS C NE2 1 
ATOM   445  N  N   . LEU C 1 17 ? 3.788   -9.414  2.750   1.00 84.52  ? 16  LEU C N   1 
ATOM   446  C  CA  . LEU C 1 17 ? 5.226   -9.506  2.443   1.00 80.64  ? 16  LEU C CA  1 
ATOM   447  C  C   . LEU C 1 17 ? 6.021   -8.512  3.263   1.00 78.47  ? 16  LEU C C   1 
ATOM   448  O  O   . LEU C 1 17 ? 7.083   -8.865  3.768   1.00 84.20  ? 16  LEU C O   1 
ATOM   449  C  CB  . LEU C 1 17 ? 5.522   -9.314  0.947   1.00 74.70  ? 16  LEU C CB  1 
ATOM   450  N  N   . ALA C 1 18 ? 5.492   -7.294  3.415   1.00 74.79  ? 17  ALA C N   1 
ATOM   451  C  CA  . ALA C 1 18 ? 6.125   -6.242  4.228   1.00 78.83  ? 17  ALA C CA  1 
ATOM   452  C  C   . ALA C 1 18 ? 6.360   -6.702  5.642   1.00 83.97  ? 17  ALA C C   1 
ATOM   453  O  O   . ALA C 1 18 ? 7.455   -6.588  6.191   1.00 87.09  ? 17  ALA C O   1 
ATOM   454  C  CB  . ALA C 1 18 ? 5.255   -5.002  4.256   1.00 78.78  ? 17  ALA C CB  1 
ATOM   455  N  N   . ILE C 1 19 ? 5.297   -7.223  6.220   1.00 89.63  ? 18  ILE C N   1 
ATOM   456  C  CA  . ILE C 1 19 ? 5.344   -7.784  7.548   1.00 93.70  ? 18  ILE C CA  1 
ATOM   457  C  C   . ILE C 1 19 ? 6.218   -9.051  7.610   1.00 92.25  ? 18  ILE C C   1 
ATOM   458  O  O   . ILE C 1 19 ? 7.022   -9.203  8.531   1.00 90.19  ? 18  ILE C O   1 
ATOM   459  C  CB  . ILE C 1 19 ? 3.904   -8.001  8.049   1.00 101.17 ? 18  ILE C CB  1 
ATOM   460  C  CG1 . ILE C 1 19 ? 3.494   -6.799  8.893   1.00 98.56  ? 18  ILE C CG1 1 
ATOM   461  C  CG2 . ILE C 1 19 ? 3.751   -9.294  8.829   1.00 114.55 ? 18  ILE C CG2 1 
ATOM   462  C  CD1 . ILE C 1 19 ? 2.021   -6.744  9.186   1.00 101.17 ? 18  ILE C CD1 1 
ATOM   463  N  N   . LEU C 1 20 ? 6.055   -9.947  6.636   1.00 88.05  ? 19  LEU C N   1 
ATOM   464  C  CA  . LEU C 1 20 ? 6.878   -11.156 6.550   1.00 84.55  ? 19  LEU C CA  1 
ATOM   465  C  C   . LEU C 1 20 ? 8.351   -10.769 6.580   1.00 87.14  ? 19  LEU C C   1 
ATOM   466  O  O   . LEU C 1 20 ? 9.086   -11.252 7.429   1.00 88.07  ? 19  LEU C O   1 
ATOM   467  C  CB  . LEU C 1 20 ? 6.572   -11.956 5.281   1.00 80.38  ? 19  LEU C CB  1 
ATOM   468  N  N   . LEU C 1 21 ? 8.756   -9.859  5.691   1.00 90.39  ? 20  LEU C N   1 
ATOM   469  C  CA  . LEU C 1 21 ? 10.156  -9.379  5.613   1.00 94.15  ? 20  LEU C CA  1 
ATOM   470  C  C   . LEU C 1 21 ? 10.623  -8.690  6.893   1.00 94.23  ? 20  LEU C C   1 
ATOM   471  O  O   . LEU C 1 21 ? 11.779  -8.822  7.300   1.00 98.23  ? 20  LEU C O   1 
ATOM   472  C  CB  . LEU C 1 21 ? 10.354  -8.428  4.420   1.00 89.85  ? 20  LEU C CB  1 
ATOM   473  N  N   . LEU C 1 22 ? 9.716   -7.956  7.518   1.00 94.82  ? 21  LEU C N   1 
ATOM   474  C  CA  . LEU C 1 22 ? 9.982   -7.320  8.801   1.00 96.98  ? 21  LEU C CA  1 
ATOM   475  C  C   . LEU C 1 22 ? 10.293  -8.318  9.904   1.00 97.76  ? 21  LEU C C   1 
ATOM   476  O  O   . LEU C 1 22 ? 11.156  -8.056  10.744  1.00 95.14  ? 21  LEU C O   1 
ATOM   477  C  CB  . LEU C 1 22 ? 8.789   -6.457  9.194   1.00 99.43  ? 21  LEU C CB  1 
ATOM   478  C  CG  . LEU C 1 22 ? 8.733   -5.846  10.586  1.00 100.06 ? 21  LEU C CG  1 
ATOM   479  C  CD1 . LEU C 1 22 ? 9.965   -5.007  10.891  1.00 100.10 ? 21  LEU C CD1 1 
ATOM   480  C  CD2 . LEU C 1 22 ? 7.457   -5.024  10.666  1.00 101.79 ? 21  LEU C CD2 1 
ATOM   481  N  N   . ILE C 1 23 ? 9.581   -9.447  9.906   1.00 102.53 ? 22  ILE C N   1 
ATOM   482  C  CA  . ILE C 1 23 ? 9.827   -10.514 10.873  1.00 107.01 ? 22  ILE C CA  1 
ATOM   483  C  C   . ILE C 1 23 ? 11.179  -11.177 10.563  1.00 109.12 ? 22  ILE C C   1 
ATOM   484  O  O   . ILE C 1 23 ? 12.090  -11.131 11.395  1.00 113.53 ? 22  ILE C O   1 
ATOM   485  C  CB  . ILE C 1 23 ? 8.674   -11.544 10.896  1.00 102.97 ? 22  ILE C CB  1 
ATOM   486  N  N   . LYS C 1 24 ? 11.317  -11.733 9.354   1.00 103.09 ? 23  LYS C N   1 
ATOM   487  C  CA  . LYS C 1 24 ? 12.563  -12.378 8.904   1.00 100.39 ? 23  LYS C CA  1 
ATOM   488  C  C   . LYS C 1 24 ? 13.796  -11.497 9.070   1.00 103.45 ? 23  LYS C C   1 
ATOM   489  O  O   . LYS C 1 24 ? 14.870  -11.999 9.397   1.00 104.64 ? 23  LYS C O   1 
ATOM   490  C  CB  . LYS C 1 24 ? 12.453  -12.790 7.440   1.00 95.62  ? 23  LYS C CB  1 
ATOM   491  N  N   . TRP C 1 25 ? 13.621  -10.193 8.842   1.00 109.56 ? 24  TRP C N   1 
ATOM   492  C  CA  . TRP C 1 25 ? 14.673  -9.192  9.010   1.00 113.73 ? 24  TRP C CA  1 
ATOM   493  C  C   . TRP C 1 25 ? 14.184  -7.993  9.811   1.00 105.55 ? 24  TRP C C   1 
ATOM   494  O  O   . TRP C 1 25 ? 14.537  -7.841  10.977  1.00 93.98  ? 24  TRP C O   1 
ATOM   495  C  CB  . TRP C 1 25 ? 15.165  -8.728  7.643   1.00 125.02 ? 24  TRP C CB  1 
ATOM   496  C  CG  . TRP C 1 25 ? 15.790  -9.828  6.833   1.00 134.45 ? 24  TRP C CG  1 
ATOM   497  C  CD1 . TRP C 1 25 ? 17.014  -10.400 7.036   1.00 136.58 ? 24  TRP C CD1 1 
ATOM   498  C  CD2 . TRP C 1 25 ? 15.223  -10.488 5.694   1.00 139.69 ? 24  TRP C CD2 1 
ATOM   499  N  NE1 . TRP C 1 25 ? 17.248  -11.372 6.093   1.00 137.75 ? 24  TRP C NE1 1 
ATOM   500  C  CE2 . TRP C 1 25 ? 16.164  -11.449 5.257   1.00 141.04 ? 24  TRP C CE2 1 
ATOM   501  C  CE3 . TRP C 1 25 ? 14.013  -10.359 4.997   1.00 144.75 ? 24  TRP C CE3 1 
ATOM   502  C  CZ2 . TRP C 1 25 ? 15.934  -12.281 4.151   1.00 145.50 ? 24  TRP C CZ2 1 
ATOM   503  C  CZ3 . TRP C 1 25 ? 13.784  -11.187 3.891   1.00 149.49 ? 24  TRP C CZ3 1 
ATOM   504  C  CH2 . TRP C 1 25 ? 14.742  -12.136 3.483   1.00 148.11 ? 24  TRP C CH2 1 
ATOM   505  N  N   . SER D 1 2  ? -18.470 1.928   0.986   1.00 142.99 ? 1   SER D N   1 
ATOM   506  C  CA  . SER D 1 2  ? -18.316 2.929   2.091   1.00 145.41 ? 1   SER D CA  1 
ATOM   507  C  C   . SER D 1 2  ? -17.878 2.337   3.457   1.00 149.36 ? 1   SER D C   1 
ATOM   508  O  O   . SER D 1 2  ? -17.682 3.092   4.412   1.00 150.49 ? 1   SER D O   1 
ATOM   509  C  CB  . SER D 1 2  ? -19.616 3.745   2.246   1.00 140.40 ? 1   SER D CB  1 
ATOM   510  N  N   . LYS D 1 3  ? -17.735 1.007   3.547   1.00 148.95 ? 2   LYS D N   1 
ATOM   511  C  CA  . LYS D 1 3  ? -17.258 0.315   4.760   1.00 139.01 ? 2   LYS D CA  1 
ATOM   512  C  C   . LYS D 1 3  ? -15.998 -0.509  4.470   1.00 127.38 ? 2   LYS D C   1 
ATOM   513  O  O   . LYS D 1 3  ? -15.064 -0.527  5.274   1.00 115.78 ? 2   LYS D O   1 
ATOM   514  C  CB  . LYS D 1 3  ? -18.363 -0.591  5.315   1.00 142.80 ? 2   LYS D CB  1 
ATOM   515  N  N   . LEU D 1 4  ? -16.011 -1.221  3.340   1.00 119.28 ? 3   LEU D N   1 
ATOM   516  C  CA  . LEU D 1 4  ? -14.818 -1.826  2.741   1.00 113.87 ? 3   LEU D CA  1 
ATOM   517  C  C   . LEU D 1 4  ? -13.619 -0.892  2.750   1.00 109.80 ? 3   LEU D C   1 
ATOM   518  O  O   . LEU D 1 4  ? -12.540 -1.267  3.204   1.00 102.17 ? 3   LEU D O   1 
ATOM   519  C  CB  . LEU D 1 4  ? -15.111 -2.210  1.291   1.00 116.71 ? 3   LEU D CB  1 
ATOM   520  C  CG  . LEU D 1 4  ? -13.911 -2.580  0.412   1.00 124.36 ? 3   LEU D CG  1 
ATOM   521  C  CD1 . LEU D 1 4  ? -13.100 -3.707  1.046   1.00 124.13 ? 3   LEU D CD1 1 
ATOM   522  C  CD2 . LEU D 1 4  ? -14.373 -2.930  -0.992  1.00 131.21 ? 3   LEU D CD2 1 
ATOM   523  N  N   . LEU D 1 5  ? -13.815 0.318   2.229   1.00 109.92 ? 4   LEU D N   1 
ATOM   524  C  CA  . LEU D 1 5  ? -12.745 1.335   2.180   1.00 106.22 ? 4   LEU D CA  1 
ATOM   525  C  C   . LEU D 1 5  ? -12.073 1.589   3.528   1.00 101.41 ? 4   LEU D C   1 
ATOM   526  O  O   . LEU D 1 5  ? -10.862 1.837   3.577   1.00 97.41  ? 4   LEU D O   1 
ATOM   527  C  CB  . LEU D 1 5  ? -13.266 2.667   1.623   1.00 103.39 ? 4   LEU D CB  1 
ATOM   528  C  CG  . LEU D 1 5  ? -13.086 2.823   0.122   1.00 100.28 ? 4   LEU D CG  1 
ATOM   529  C  CD1 . LEU D 1 5  ? -13.914 1.785   -0.625  1.00 101.56 ? 4   LEU D CD1 1 
ATOM   530  C  CD2 . LEU D 1 5  ? -13.443 4.244   -0.281  1.00 99.91  ? 4   LEU D CD2 1 
ATOM   531  N  N   . LEU D 1 6  ? -12.864 1.547   4.602   1.00 93.78  ? 5   LEU D N   1 
ATOM   532  C  CA  . LEU D 1 6  ? -12.346 1.669   5.962   1.00 88.29  ? 5   LEU D CA  1 
ATOM   533  C  C   . LEU D 1 6  ? -11.362 0.549   6.287   1.00 91.67  ? 5   LEU D C   1 
ATOM   534  O  O   . LEU D 1 6  ? -10.413 0.769   7.028   1.00 86.88  ? 5   LEU D O   1 
ATOM   535  C  CB  . LEU D 1 6  ? -13.484 1.673   6.970   1.00 82.34  ? 5   LEU D CB  1 
ATOM   536  N  N   . LEU D 1 7  ? -11.605 -0.644  5.735   1.00 95.29  ? 6   LEU D N   1 
ATOM   537  C  CA  . LEU D 1 7  ? -10.638 -1.746  5.780   1.00 92.65  ? 6   LEU D CA  1 
ATOM   538  C  C   . LEU D 1 7  ? -9.400  -1.353  5.010   1.00 87.04  ? 6   LEU D C   1 
ATOM   539  O  O   . LEU D 1 7  ? -8.299  -1.357  5.549   1.00 85.19  ? 6   LEU D O   1 
ATOM   540  C  CB  . LEU D 1 7  ? -11.223 -3.039  5.187   1.00 95.90  ? 6   LEU D CB  1 
ATOM   541  C  CG  . LEU D 1 7  ? -10.668 -4.372  5.697   1.00 100.61 ? 6   LEU D CG  1 
ATOM   542  C  CD1 . LEU D 1 7  ? -11.494 -5.532  5.161   1.00 104.35 ? 6   LEU D CD1 1 
ATOM   543  C  CD2 . LEU D 1 7  ? -9.209  -4.547  5.325   1.00 101.19 ? 6   LEU D CD2 1 
ATOM   544  N  N   . LEU D 1 8  ? -9.596  -0.985  3.753   1.00 86.90  ? 7   LEU D N   1 
ATOM   545  C  CA  . LEU D 1 8  ? -8.484  -0.756  2.849   1.00 90.42  ? 7   LEU D CA  1 
ATOM   546  C  C   . LEU D 1 8  ? -7.567  0.329   3.396   1.00 91.41  ? 7   LEU D C   1 
ATOM   547  O  O   . LEU D 1 8  ? -6.375  0.093   3.579   1.00 94.19  ? 7   LEU D O   1 
ATOM   548  C  CB  . LEU D 1 8  ? -8.993  -0.429  1.444   1.00 91.59  ? 7   LEU D CB  1 
ATOM   549  C  CG  . LEU D 1 8  ? -9.678  -1.612  0.729   1.00 93.25  ? 7   LEU D CG  1 
ATOM   550  C  CD1 . LEU D 1 8  ? -10.605 -1.138  -0.379  1.00 93.97  ? 7   LEU D CD1 1 
ATOM   551  C  CD2 . LEU D 1 8  ? -8.657  -2.593  0.171   1.00 93.62  ? 7   LEU D CD2 1 
ATOM   552  N  N   . ILE D 1 9  ? -8.136  1.487   3.721   1.00 96.00  ? 8   ILE D N   1 
ATOM   553  C  CA  . ILE D 1 9  ? -7.364  2.610   4.301   1.00 106.31 ? 8   ILE D CA  1 
ATOM   554  C  C   . ILE D 1 9  ? -6.575  2.203   5.559   1.00 106.91 ? 8   ILE D C   1 
ATOM   555  O  O   . ILE D 1 9  ? -5.474  2.702   5.815   1.00 109.11 ? 8   ILE D O   1 
ATOM   556  C  CB  . ILE D 1 9  ? -8.277  3.834   4.602   1.00 110.03 ? 8   ILE D CB  1 
ATOM   557  C  CG1 . ILE D 1 9  ? -7.456  5.098   4.888   1.00 108.84 ? 8   ILE D CG1 1 
ATOM   558  C  CG2 . ILE D 1 9  ? -9.223  3.556   5.760   1.00 115.59 ? 8   ILE D CG2 1 
ATOM   559  C  CD1 . ILE D 1 9  ? -8.297  6.357   4.948   1.00 104.84 ? 8   ILE D CD1 1 
ATOM   560  N  N   . ILE D 1 10 ? -7.151  1.288   6.328   1.00 107.25 ? 9   ILE D N   1 
ATOM   561  C  CA  . ILE D 1 10 ? -6.491  0.731   7.497   1.00 110.52 ? 9   ILE D CA  1 
ATOM   562  C  C   . ILE D 1 10 ? -5.275  -0.096  7.064   1.00 106.57 ? 9   ILE D C   1 
ATOM   563  O  O   . ILE D 1 10 ? -4.193  0.076   7.619   1.00 121.52 ? 9   ILE D O   1 
ATOM   564  C  CB  . ILE D 1 10 ? -7.516  -0.049  8.379   1.00 117.63 ? 9   ILE D CB  1 
ATOM   565  C  CG1 . ILE D 1 10 ? -8.350  0.934   9.234   1.00 117.90 ? 9   ILE D CG1 1 
ATOM   566  C  CG2 . ILE D 1 10 ? -6.873  -1.169  9.192   1.00 118.75 ? 9   ILE D CG2 1 
ATOM   567  C  CD1 . ILE D 1 10 ? -7.639  1.627   10.379  1.00 119.12 ? 9   ILE D CD1 1 
ATOM   568  N  N   . LEU D 1 11 ? -5.433  -0.956  6.062   1.00 99.54  ? 10  LEU D N   1 
ATOM   569  C  CA  . LEU D 1 11 ? -4.293  -1.734  5.553   1.00 95.10  ? 10  LEU D CA  1 
ATOM   570  C  C   . LEU D 1 11 ? -3.140  -0.848  5.047   1.00 88.66  ? 10  LEU D C   1 
ATOM   571  O  O   . LEU D 1 11 ? -1.988  -1.048  5.430   1.00 79.93  ? 10  LEU D O   1 
ATOM   572  C  CB  . LEU D 1 11 ? -4.737  -2.692  4.451   1.00 95.90  ? 10  LEU D CB  1 
ATOM   573  C  CG  . LEU D 1 11 ? -5.687  -3.819  4.849   1.00 100.81 ? 10  LEU D CG  1 
ATOM   574  C  CD1 . LEU D 1 11 ? -6.176  -4.531  3.598   1.00 105.81 ? 10  LEU D CD1 1 
ATOM   575  C  CD2 . LEU D 1 11 ? -5.048  -4.824  5.793   1.00 104.55 ? 10  LEU D CD2 1 
ATOM   576  N  N   . SER D 1 12 ? -3.453  0.142   4.218   1.00 85.32  ? 11  SER D N   1 
ATOM   577  C  CA  . SER D 1 12 ? -2.445  1.085   3.743   1.00 90.26  ? 11  SER D CA  1 
ATOM   578  C  C   . SER D 1 12 ? -1.726  1.734   4.910   1.00 87.48  ? 11  SER D C   1 
ATOM   579  O  O   . SER D 1 12 ? -0.502  1.722   4.980   1.00 90.26  ? 11  SER D O   1 
ATOM   580  C  CB  . SER D 1 12 ? -3.071  2.170   2.865   1.00 98.84  ? 11  SER D CB  1 
ATOM   581  O  OG  . SER D 1 12 ? -3.960  2.994   3.602   1.00 107.65 ? 11  SER D OG  1 
ATOM   582  N  N   . GLU D 1 13 ? -2.506  2.276   5.832   1.00 90.27  ? 12  GLU D N   1 
ATOM   583  C  CA  . GLU D 1 13 ? -1.977  2.877   7.054   1.00 98.48  ? 12  GLU D CA  1 
ATOM   584  C  C   . GLU D 1 13 ? -1.042  1.895   7.786   1.00 92.80  ? 12  GLU D C   1 
ATOM   585  O  O   . GLU D 1 13 ? 0.012   2.278   8.275   1.00 87.67  ? 12  GLU D O   1 
ATOM   586  C  CB  . GLU D 1 13 ? -3.154  3.328   7.946   1.00 110.85 ? 12  GLU D CB  1 
ATOM   587  C  CG  . GLU D 1 13 ? -2.799  4.117   9.203   1.00 120.73 ? 12  GLU D CG  1 
ATOM   588  C  CD  . GLU D 1 13 ? -4.023  4.692   9.928   1.00 129.92 ? 12  GLU D CD  1 
ATOM   589  O  OE1 . GLU D 1 13 ? -5.167  4.226   9.692   1.00 140.23 ? 12  GLU D OE1 1 
ATOM   590  O  OE2 . GLU D 1 13 ? -3.844  5.619   10.751  1.00 137.58 ? 12  GLU D OE2 1 
ATOM   591  N  N   . ALA D 1 14 ? -1.431  0.627   7.843   1.00 91.93  ? 13  ALA D N   1 
ATOM   592  C  CA  . ALA D 1 14 ? -0.604  -0.410  8.445   1.00 91.59  ? 13  ALA D CA  1 
ATOM   593  C  C   . ALA D 1 14 ? 0.581   -0.765  7.563   1.00 91.25  ? 13  ALA D C   1 
ATOM   594  O  O   . ALA D 1 14 ? 1.615   -1.167  8.068   1.00 95.81  ? 13  ALA D O   1 
ATOM   595  C  CB  . ALA D 1 14 ? -1.430  -1.653  8.723   1.00 94.77  ? 13  ALA D CB  1 
ATOM   596  N  N   . LEU D 1 15 ? 0.438   -0.639  6.251   1.00 89.16  ? 14  LEU D N   1 
ATOM   597  C  CA  . LEU D 1 15 ? 1.547   -0.920  5.346   1.00 89.04  ? 14  LEU D CA  1 
ATOM   598  C  C   . LEU D 1 15 ? 2.667   0.091   5.468   1.00 89.73  ? 14  LEU D C   1 
ATOM   599  O  O   . LEU D 1 15 ? 3.822   -0.313  5.481   1.00 85.96  ? 14  LEU D O   1 
ATOM   600  C  CB  . LEU D 1 15 ? 1.080   -0.993  3.893   1.00 88.57  ? 14  LEU D CB  1 
ATOM   601  C  CG  . LEU D 1 15 ? 2.107   -1.287  2.789   1.00 84.88  ? 14  LEU D CG  1 
ATOM   602  C  CD1 . LEU D 1 15 ? 3.093   -2.389  3.146   1.00 85.00  ? 14  LEU D CD1 1 
ATOM   603  C  CD2 . LEU D 1 15 ? 1.369   -1.648  1.507   1.00 84.23  ? 14  LEU D CD2 1 
ATOM   604  N  N   . HIS D 1 16 ? 2.354   1.387   5.562   1.00 95.69  ? 15  HIS D N   1 
ATOM   605  C  CA  . HIS D 1 16 ? 3.435   2.376   5.669   1.00 107.15 ? 15  HIS D CA  1 
ATOM   606  C  C   . HIS D 1 16 ? 4.138   2.289   7.021   1.00 94.14  ? 15  HIS D C   1 
ATOM   607  O  O   . HIS D 1 16 ? 5.356   2.318   7.063   1.00 100.77 ? 15  HIS D O   1 
ATOM   608  C  CB  . HIS D 1 16 ? 3.065   3.802   5.189   1.00 125.37 ? 15  HIS D CB  1 
ATOM   609  C  CG  . HIS D 1 16 ? 2.338   4.659   6.172   1.00 149.00 ? 15  HIS D CG  1 
ATOM   610  N  ND1 . HIS D 1 16 ? 1.065   5.133   5.927   1.00 167.73 ? 15  HIS D ND1 1 
ATOM   611  C  CD2 . HIS D 1 16 ? 2.721   5.207   7.348   1.00 167.10 ? 15  HIS D CD2 1 
ATOM   612  C  CE1 . HIS D 1 16 ? 0.681   5.900   6.931   1.00 176.57 ? 15  HIS D CE1 1 
ATOM   613  N  NE2 . HIS D 1 16 ? 1.668   5.962   7.807   1.00 183.03 ? 15  HIS D NE2 1 
ATOM   614  N  N   . LEU D 1 17 ? 3.399   2.090   8.101   1.00 84.37  ? 16  LEU D N   1 
ATOM   615  C  CA  . LEU D 1 17 ? 4.029   1.794   9.401   1.00 84.93  ? 16  LEU D CA  1 
ATOM   616  C  C   . LEU D 1 17 ? 4.881   0.524   9.383   1.00 79.33  ? 16  LEU D C   1 
ATOM   617  O  O   . LEU D 1 17 ? 5.902   0.452   10.054  1.00 72.59  ? 16  LEU D O   1 
ATOM   618  C  CB  . LEU D 1 17 ? 2.985   1.666   10.519  1.00 85.32  ? 16  LEU D CB  1 
ATOM   619  N  N   . ALA D 1 18 ? 4.439   -0.479  8.633   1.00 82.73  ? 17  ALA D N   1 
ATOM   620  C  CA  . ALA D 1 18 ? 5.160   -1.746  8.527   1.00 90.58  ? 17  ALA D CA  1 
ATOM   621  C  C   . ALA D 1 18 ? 6.515   -1.582  7.860   1.00 93.98  ? 17  ALA D C   1 
ATOM   622  O  O   . ALA D 1 18 ? 7.477   -2.241  8.246   1.00 90.95  ? 17  ALA D O   1 
ATOM   623  C  CB  . ALA D 1 18 ? 4.328   -2.775  7.772   1.00 94.74  ? 17  ALA D CB  1 
ATOM   624  N  N   . ILE D 1 19 ? 6.574   -0.711  6.852   1.00 100.38 ? 18  ILE D N   1 
ATOM   625  C  CA  . ILE D 1 19 ? 7.827   -0.424  6.133   1.00 100.30 ? 18  ILE D CA  1 
ATOM   626  C  C   . ILE D 1 19 ? 8.642   0.696   6.777   1.00 97.11  ? 18  ILE D C   1 
ATOM   627  O  O   . ILE D 1 19 ? 9.863   0.601   6.816   1.00 90.91  ? 18  ILE D O   1 
ATOM   628  C  CB  . ILE D 1 19 ? 7.630   -0.169  4.613   1.00 102.14 ? 18  ILE D CB  1 
ATOM   629  C  CG1 . ILE D 1 19 ? 6.719   1.032   4.347   1.00 102.70 ? 18  ILE D CG1 1 
ATOM   630  C  CG2 . ILE D 1 19 ? 7.115   -1.430  3.917   1.00 103.43 ? 18  ILE D CG2 1 
ATOM   631  C  CD1 . ILE D 1 19 ? 6.329   1.212   2.893   1.00 105.74 ? 18  ILE D CD1 1 
ATOM   632  N  N   . LEU D 1 20 ? 7.974   1.724   7.308   1.00 101.51 ? 19  LEU D N   1 
ATOM   633  C  CA  . LEU D 1 20 ? 8.638   2.814   8.082   1.00 104.75 ? 19  LEU D CA  1 
ATOM   634  C  C   . LEU D 1 20 ? 9.645   2.333   9.133   1.00 105.49 ? 19  LEU D C   1 
ATOM   635  O  O   . LEU D 1 20 ? 10.641  3.009   9.392   1.00 101.55 ? 19  LEU D O   1 
ATOM   636  C  CB  . LEU D 1 20 ? 7.618   3.732   8.792   1.00 103.92 ? 19  LEU D CB  1 
ATOM   637  C  CG  . LEU D 1 20 ? 7.314   5.111   8.190   1.00 104.69 ? 19  LEU D CG  1 
ATOM   638  C  CD1 . LEU D 1 20 ? 6.566   5.068   6.860   1.00 106.75 ? 19  LEU D CD1 1 
ATOM   639  C  CD2 . LEU D 1 20 ? 6.535   5.935   9.201   1.00 104.36 ? 19  LEU D CD2 1 
ATOM   640  N  N   . LEU D 1 21 ? 9.361   1.193   9.757   1.00 106.34 ? 20  LEU D N   1 
ATOM   641  C  CA  . LEU D 1 21 ? 10.319  0.573   10.667  1.00 109.82 ? 20  LEU D CA  1 
ATOM   642  C  C   . LEU D 1 21 ? 11.122  -0.552  10.003  1.00 114.10 ? 20  LEU D C   1 
ATOM   643  O  O   . LEU D 1 21 ? 12.202  -0.880  10.483  1.00 132.20 ? 20  LEU D O   1 
ATOM   644  C  CB  . LEU D 1 21 ? 9.669   0.133   11.997  1.00 107.73 ? 20  LEU D CB  1 
ATOM   645  C  CG  . LEU D 1 21 ? 8.331   -0.604  12.099  1.00 102.73 ? 20  LEU D CG  1 
ATOM   646  C  CD1 . LEU D 1 21 ? 8.423   -2.032  11.611  1.00 101.88 ? 20  LEU D CD1 1 
ATOM   647  C  CD2 . LEU D 1 21 ? 7.846   -0.597  13.537  1.00 101.00 ? 20  LEU D CD2 1 
ATOM   648  N  N   . LEU D 1 22 ? 10.622  -1.132  8.913   1.00 109.39 ? 21  LEU D N   1 
ATOM   649  C  CA  . LEU D 1 22 ? 11.424  -2.074  8.117   1.00 111.18 ? 21  LEU D CA  1 
ATOM   650  C  C   . LEU D 1 22 ? 12.675  -1.444  7.494   1.00 111.62 ? 21  LEU D C   1 
ATOM   651  O  O   . LEU D 1 22 ? 13.679  -2.134  7.271   1.00 102.87 ? 21  LEU D O   1 
ATOM   652  C  CB  . LEU D 1 22 ? 10.576  -2.702  7.016   1.00 111.82 ? 21  LEU D CB  1 
ATOM   653  C  CG  . LEU D 1 22 ? 11.165  -3.849  6.187   1.00 114.47 ? 21  LEU D CG  1 
ATOM   654  C  CD1 . LEU D 1 22 ? 11.940  -4.890  7.004   1.00 115.76 ? 21  LEU D CD1 1 
ATOM   655  C  CD2 . LEU D 1 22 ? 10.028  -4.495  5.401   1.00 114.47 ? 21  LEU D CD2 1 
ATOM   656  N  N   . ILE D 1 23 ? 12.603  -0.141  7.214   1.00 114.64 ? 22  ILE D N   1 
ATOM   657  C  CA  . ILE D 1 23 ? 13.761  0.634   6.767   1.00 116.70 ? 22  ILE D CA  1 
ATOM   658  C  C   . ILE D 1 23 ? 14.866  0.579   7.810   1.00 123.13 ? 22  ILE D C   1 
ATOM   659  O  O   . ILE D 1 23 ? 16.009  0.204   7.504   1.00 129.24 ? 22  ILE D O   1 
ATOM   660  C  CB  . ILE D 1 23 ? 13.393  2.110   6.499   1.00 106.92 ? 22  ILE D CB  1 
ATOM   661  N  N   . LYS D 1 24 ? 14.487  0.925   9.041   1.00 128.32 ? 23  LYS D N   1 
ATOM   662  C  CA  . LYS D 1 24 ? 15.392  0.985   10.200  1.00 142.04 ? 23  LYS D CA  1 
ATOM   663  C  C   . LYS D 1 24 ? 16.444  -0.149  10.246  1.00 165.04 ? 23  LYS D C   1 
ATOM   664  O  O   . LYS D 1 24 ? 17.628  0.117   10.479  1.00 181.59 ? 23  LYS D O   1 
ATOM   665  C  CB  . LYS D 1 24 ? 14.581  1.028   11.513  1.00 135.61 ? 23  LYS D CB  1 
ATOM   666  C  CG  . LYS D 1 24 ? 15.025  2.105   12.494  1.00 135.01 ? 23  LYS D CG  1 
ATOM   667  C  CD  . LYS D 1 24 ? 14.584  3.508   12.082  1.00 132.27 ? 23  LYS D CD  1 
ATOM   668  C  CE  . LYS D 1 24 ? 13.135  3.804   12.445  1.00 132.16 ? 23  LYS D CE  1 
ATOM   669  N  NZ  . LYS D 1 24 ? 12.881  3.856   13.913  1.00 130.70 ? 23  LYS D NZ  1 
ATOM   670  N  N   . TRP D 1 25 ? 16.011  -1.390  9.995   1.00 176.92 ? 24  TRP D N   1 
ATOM   671  C  CA  . TRP D 1 25 ? 16.915  -2.554  9.921   1.00 177.41 ? 24  TRP D CA  1 
ATOM   672  C  C   . TRP D 1 25 ? 17.870  -2.462  8.725   1.00 191.19 ? 24  TRP D C   1 
ATOM   673  O  O   . TRP D 1 25 ? 19.016  -2.018  8.857   1.00 199.35 ? 24  TRP D O   1 
ATOM   674  C  CB  . TRP D 1 25 ? 16.115  -3.864  9.840   1.00 164.33 ? 24  TRP D CB  1 
ATOM   675  N  N   . SER E 1 2  ? 16.139  -7.718  -4.345  1.00 152.60 ? 1   SER E N   1 
ATOM   676  C  CA  . SER E 1 2  ? 15.330  -8.825  -4.941  1.00 148.65 ? 1   SER E CA  1 
ATOM   677  C  C   . SER E 1 2  ? 14.262  -9.372  -3.998  1.00 138.39 ? 1   SER E C   1 
ATOM   678  O  O   . SER E 1 2  ? 13.258  -9.917  -4.458  1.00 138.09 ? 1   SER E O   1 
ATOM   679  C  CB  . SER E 1 2  ? 16.239  -9.969  -5.401  1.00 158.06 ? 1   SER E CB  1 
ATOM   680  O  OG  . SER E 1 2  ? 15.528  -10.883 -6.221  1.00 160.35 ? 1   SER E OG  1 
ATOM   681  N  N   . LYS E 1 3  ? 14.487  -9.256  -2.688  1.00 134.45 ? 2   LYS E N   1 
ATOM   682  C  CA  . LYS E 1 3  ? 13.461  -9.590  -1.699  1.00 133.36 ? 2   LYS E CA  1 
ATOM   683  C  C   . LYS E 1 3  ? 12.392  -8.483  -1.667  1.00 121.05 ? 2   LYS E C   1 
ATOM   684  O  O   . LYS E 1 3  ? 11.211  -8.763  -1.877  1.00 104.75 ? 2   LYS E O   1 
ATOM   685  C  CB  . LYS E 1 3  ? 14.081  -9.808  -0.308  1.00 133.00 ? 2   LYS E CB  1 
ATOM   686  N  N   . LEU E 1 4  ? 12.831  -7.232  -1.466  1.00 107.77 ? 3   LEU E N   1 
ATOM   687  C  CA  . LEU E 1 4  ? 11.936  -6.066  -1.346  1.00 93.55  ? 3   LEU E CA  1 
ATOM   688  C  C   . LEU E 1 4  ? 11.386  -5.557  -2.678  1.00 90.65  ? 3   LEU E C   1 
ATOM   689  O  O   . LEU E 1 4  ? 10.803  -4.476  -2.728  1.00 84.98  ? 3   LEU E O   1 
ATOM   690  C  CB  . LEU E 1 4  ? 12.653  -4.913  -0.625  1.00 81.50  ? 3   LEU E CB  1 
ATOM   691  N  N   . LEU E 1 5  ? 11.579  -6.313  -3.756  1.00 95.04  ? 4   LEU E N   1 
ATOM   692  C  CA  . LEU E 1 5  ? 10.992  -5.962  -5.034  1.00 99.54  ? 4   LEU E CA  1 
ATOM   693  C  C   . LEU E 1 5  ? 9.611   -6.582  -5.217  1.00 99.94  ? 4   LEU E C   1 
ATOM   694  O  O   . LEU E 1 5  ? 8.846   -6.127  -6.057  1.00 102.86 ? 4   LEU E O   1 
ATOM   695  C  CB  . LEU E 1 5  ? 11.931  -6.331  -6.186  1.00 103.40 ? 4   LEU E CB  1 
ATOM   696  N  N   . LEU E 1 6  ? 9.274   -7.610  -4.441  1.00 102.16 ? 5   LEU E N   1 
ATOM   697  C  CA  . LEU E 1 6  ? 7.903   -8.132  -4.459  1.00 113.64 ? 5   LEU E CA  1 
ATOM   698  C  C   . LEU E 1 6  ? 6.864   -7.161  -3.837  1.00 120.89 ? 5   LEU E C   1 
ATOM   699  O  O   . LEU E 1 6  ? 5.675   -7.291  -4.113  1.00 131.95 ? 5   LEU E O   1 
ATOM   700  C  CB  . LEU E 1 6  ? 7.819   -9.508  -3.802  1.00 119.42 ? 5   LEU E CB  1 
ATOM   701  N  N   . LEU E 1 7  ? 7.297   -6.203  -3.008  1.00 118.19 ? 6   LEU E N   1 
ATOM   702  C  CA  . LEU E 1 7  ? 6.419   -5.104  -2.553  1.00 109.34 ? 6   LEU E CA  1 
ATOM   703  C  C   . LEU E 1 7  ? 6.059   -4.153  -3.665  1.00 113.31 ? 6   LEU E C   1 
ATOM   704  O  O   . LEU E 1 7  ? 4.887   -3.859  -3.866  1.00 116.61 ? 6   LEU E O   1 
ATOM   705  C  CB  . LEU E 1 7  ? 7.068   -4.252  -1.463  1.00 101.86 ? 6   LEU E CB  1 
ATOM   706  C  CG  . LEU E 1 7  ? 6.612   -4.540  -0.055  1.00 100.89 ? 6   LEU E CG  1 
ATOM   707  C  CD1 . LEU E 1 7  ? 7.066   -5.940  0.324   1.00 105.55 ? 6   LEU E CD1 1 
ATOM   708  C  CD2 . LEU E 1 7  ? 7.161   -3.474  0.886   1.00 99.09  ? 6   LEU E CD2 1 
ATOM   709  N  N   . LEU E 1 8  ? 7.088   -3.611  -4.316  1.00 116.23 ? 7   LEU E N   1 
ATOM   710  C  CA  . LEU E 1 8  ? 6.923   -2.571  -5.343  1.00 116.33 ? 7   LEU E CA  1 
ATOM   711  C  C   . LEU E 1 8  ? 5.974   -2.990  -6.431  1.00 106.80 ? 7   LEU E C   1 
ATOM   712  O  O   . LEU E 1 8  ? 5.101   -2.210  -6.767  1.00 100.07 ? 7   LEU E O   1 
ATOM   713  C  CB  . LEU E 1 8  ? 8.255   -2.092  -5.944  1.00 123.59 ? 7   LEU E CB  1 
ATOM   714  C  CG  . LEU E 1 8  ? 9.303   -3.140  -6.336  1.00 136.59 ? 7   LEU E CG  1 
ATOM   715  C  CD1 . LEU E 1 8  ? 9.305   -3.492  -7.821  1.00 138.54 ? 7   LEU E CD1 1 
ATOM   716  C  CD2 . LEU E 1 8  ? 10.687  -2.693  -5.893  1.00 142.81 ? 7   LEU E CD2 1 
ATOM   717  N  N   . ILE E 1 9  ? 6.142   -4.200  -6.970  1.00 101.79 ? 8   ILE E N   1 
ATOM   718  C  CA  . ILE E 1 9  ? 5.182   -4.782  -7.940  1.00 102.89 ? 8   ILE E CA  1 
ATOM   719  C  C   . ILE E 1 9  ? 3.758   -4.690  -7.420  1.00 100.54 ? 8   ILE E C   1 
ATOM   720  O  O   . ILE E 1 9  ? 2.886   -4.128  -8.076  1.00 111.59 ? 8   ILE E O   1 
ATOM   721  C  CB  . ILE E 1 9  ? 5.513   -6.253  -8.376  1.00 106.21 ? 8   ILE E CB  1 
ATOM   722  C  CG1 . ILE E 1 9  ? 4.349   -6.938  -9.128  1.00 106.84 ? 8   ILE E CG1 1 
ATOM   723  C  CG2 . ILE E 1 9  ? 5.845   -7.165  -7.207  1.00 110.29 ? 8   ILE E CG2 1 
ATOM   724  C  CD1 . ILE E 1 9  ? 3.949   -6.296  -10.432 1.00 108.02 ? 8   ILE E CD1 1 
ATOM   725  N  N   . ILE E 1 10 ? 3.540   -5.201  -6.223  1.00 96.25  ? 9   ILE E N   1 
ATOM   726  C  CA  . ILE E 1 10 ? 2.212   -5.233  -5.655  1.00 101.89 ? 9   ILE E CA  1 
ATOM   727  C  C   . ILE E 1 10 ? 1.750   -3.807  -5.312  1.00 106.39 ? 9   ILE E C   1 
ATOM   728  O  O   . ILE E 1 10 ? 0.609   -3.443  -5.604  1.00 113.86 ? 9   ILE E O   1 
ATOM   729  C  CB  . ILE E 1 10 ? 2.181   -6.200  -4.451  1.00 106.46 ? 9   ILE E CB  1 
ATOM   730  C  CG1 . ILE E 1 10 ? 2.495   -7.632  -4.909  1.00 103.71 ? 9   ILE E CG1 1 
ATOM   731  C  CG2 . ILE E 1 10 ? 0.836   -6.206  -3.751  1.00 114.87 ? 9   ILE E CG2 1 
ATOM   732  C  CD1 . ILE E 1 10 ? 1.714   -8.114  -6.119  1.00 103.21 ? 9   ILE E CD1 1 
ATOM   733  N  N   . LEU E 1 11 ? 2.638   -2.999  -4.733  1.00 104.98 ? 10  LEU E N   1 
ATOM   734  C  CA  . LEU E 1 11 ? 2.342   -1.588  -4.454  1.00 104.13 ? 10  LEU E CA  1 
ATOM   735  C  C   . LEU E 1 11 ? 2.072   -0.764  -5.710  1.00 113.16 ? 10  LEU E C   1 
ATOM   736  O  O   . LEU E 1 11 ? 1.165   0.075   -5.719  1.00 123.53 ? 10  LEU E O   1 
ATOM   737  C  CB  . LEU E 1 11 ? 3.464   -0.927  -3.654  1.00 98.44  ? 10  LEU E CB  1 
ATOM   738  C  CG  . LEU E 1 11 ? 3.127   -0.755  -2.180  1.00 96.84  ? 10  LEU E CG  1 
ATOM   739  C  CD1 . LEU E 1 11 ? 4.381   -0.640  -1.339  1.00 99.37  ? 10  LEU E CD1 1 
ATOM   740  C  CD2 . LEU E 1 11 ? 2.259   0.480   -2.007  1.00 98.09  ? 10  LEU E CD2 1 
ATOM   741  N  N   . SER E 1 12 ? 2.856   -0.998  -6.757  1.00 116.89 ? 11  SER E N   1 
ATOM   742  C  CA  . SER E 1 12 ? 2.624   -0.341  -8.041  1.00 124.87 ? 11  SER E CA  1 
ATOM   743  C  C   . SER E 1 12 ? 1.297   -0.786  -8.635  1.00 122.37 ? 11  SER E C   1 
ATOM   744  O  O   . SER E 1 12 ? 0.563   0.027   -9.192  1.00 129.46 ? 11  SER E O   1 
ATOM   745  C  CB  . SER E 1 12 ? 3.745   -0.625  -9.039  1.00 130.83 ? 11  SER E CB  1 
ATOM   746  O  OG  . SER E 1 12 ? 3.672   -1.953  -9.522  1.00 147.07 ? 11  SER E OG  1 
ATOM   747  N  N   . GLU E 1 13 ? 0.993   -2.075  -8.524  1.00 116.84 ? 12  GLU E N   1 
ATOM   748  C  CA  . GLU E 1 13 ? -0.295  -2.563  -8.988  1.00 121.43 ? 12  GLU E CA  1 
ATOM   749  C  C   . GLU E 1 13 ? -1.447  -2.089  -8.097  1.00 121.87 ? 12  GLU E C   1 
ATOM   750  O  O   . GLU E 1 13 ? -2.540  -1.845  -8.609  1.00 133.69 ? 12  GLU E O   1 
ATOM   751  C  CB  . GLU E 1 13 ? -0.319  -4.092  -9.148  1.00 131.82 ? 12  GLU E CB  1 
ATOM   752  C  CG  . GLU E 1 13 ? 0.407   -4.675  -10.369 1.00 143.91 ? 12  GLU E CG  1 
ATOM   753  C  CD  . GLU E 1 13 ? 0.522   -3.740  -11.574 1.00 153.04 ? 12  GLU E CD  1 
ATOM   754  O  OE1 . GLU E 1 13 ? -0.507  -3.188  -12.028 1.00 172.33 ? 12  GLU E OE1 1 
ATOM   755  O  OE2 . GLU E 1 13 ? 1.652   -3.564  -12.077 1.00 148.46 ? 12  GLU E OE2 1 
ATOM   756  N  N   . ALA E 1 14 ? -1.209  -1.937  -6.791  1.00 116.50 ? 13  ALA E N   1 
ATOM   757  C  CA  . ALA E 1 14 ? -2.231  -1.402  -5.861  1.00 110.16 ? 13  ALA E CA  1 
ATOM   758  C  C   . ALA E 1 14 ? -2.613  0.031   -6.219  1.00 109.45 ? 13  ALA E C   1 
ATOM   759  O  O   . ALA E 1 14 ? -3.779  0.343   -6.446  1.00 110.04 ? 13  ALA E O   1 
ATOM   760  C  CB  . ALA E 1 14 ? -1.741  -1.454  -4.416  1.00 106.60 ? 13  ALA E CB  1 
ATOM   761  N  N   . LEU E 1 15 ? -1.597  0.882   -6.285  1.00 107.16 ? 14  LEU E N   1 
ATOM   762  C  CA  . LEU E 1 15 ? -1.750  2.306   -6.543  1.00 96.58  ? 14  LEU E CA  1 
ATOM   763  C  C   . LEU E 1 15 ? -2.427  2.570   -7.882  1.00 88.32  ? 14  LEU E C   1 
ATOM   764  O  O   . LEU E 1 15 ? -3.398  3.320   -7.961  1.00 72.45  ? 14  LEU E O   1 
ATOM   765  C  CB  . LEU E 1 15 ? -0.367  2.944   -6.509  1.00 97.71  ? 14  LEU E CB  1 
ATOM   766  C  CG  . LEU E 1 15 ? -0.291  4.443   -6.348  1.00 106.37 ? 14  LEU E CG  1 
ATOM   767  C  CD1 . LEU E 1 15 ? -0.858  4.877   -5.003  1.00 112.04 ? 14  LEU E CD1 1 
ATOM   768  C  CD2 . LEU E 1 15 ? 1.167   4.852   -6.474  1.00 107.58 ? 14  LEU E CD2 1 
ATOM   769  N  N   . HIS E 1 16 ? -1.911  1.913   -8.918  1.00 95.59  ? 15  HIS E N   1 
ATOM   770  C  CA  . HIS E 1 16 ? -2.444  2.011   -10.283 1.00 103.45 ? 15  HIS E CA  1 
ATOM   771  C  C   . HIS E 1 16 ? -3.950  1.760   -10.251 1.00 93.14  ? 15  HIS E C   1 
ATOM   772  O  O   . HIS E 1 16 ? -4.728  2.654   -10.563 1.00 94.05  ? 15  HIS E O   1 
ATOM   773  C  CB  . HIS E 1 16 ? -1.706  1.038   -11.241 1.00 111.66 ? 15  HIS E CB  1 
ATOM   774  C  CG  . HIS E 1 16 ? -1.728  1.441   -12.690 1.00 118.16 ? 15  HIS E CG  1 
ATOM   775  N  ND1 . HIS E 1 16 ? -1.649  0.520   -13.715 1.00 121.16 ? 15  HIS E ND1 1 
ATOM   776  C  CD2 . HIS E 1 16 ? -1.787  2.657   -13.286 1.00 120.28 ? 15  HIS E CD2 1 
ATOM   777  C  CE1 . HIS E 1 16 ? -1.674  1.149   -14.877 1.00 122.53 ? 15  HIS E CE1 1 
ATOM   778  N  NE2 . HIS E 1 16 ? -1.763  2.447   -14.644 1.00 121.69 ? 15  HIS E NE2 1 
ATOM   779  N  N   . LEU E 1 17 ? -4.356  0.584   -9.793  1.00 85.92  ? 16  LEU E N   1 
ATOM   780  C  CA  . LEU E 1 17 ? -5.781  0.278   -9.645  1.00 86.94  ? 16  LEU E CA  1 
ATOM   781  C  C   . LEU E 1 17 ? -6.510  1.343   -8.832  1.00 86.65  ? 16  LEU E C   1 
ATOM   782  O  O   . LEU E 1 17 ? -7.564  1.821   -9.249  1.00 92.13  ? 16  LEU E O   1 
ATOM   783  C  CB  . LEU E 1 17 ? -5.990  -1.093  -8.998  1.00 82.45  ? 16  LEU E CB  1 
ATOM   784  N  N   . ALA E 1 18 ? -5.924  1.728   -7.697  1.00 87.47  ? 17  ALA E N   1 
ATOM   785  C  CA  . ALA E 1 18 ? -6.523  2.729   -6.790  1.00 88.04  ? 17  ALA E CA  1 
ATOM   786  C  C   . ALA E 1 18 ? -6.800  4.020   -7.505  1.00 88.20  ? 17  ALA E C   1 
ATOM   787  O  O   . ALA E 1 18 ? -7.866  4.615   -7.359  1.00 86.83  ? 17  ALA E O   1 
ATOM   788  C  CB  . ALA E 1 18 ? -5.611  3.014   -5.605  1.00 89.30  ? 17  ALA E CB  1 
ATOM   789  N  N   . ILE E 1 19 ? -5.811  4.442   -8.275  1.00 90.19  ? 18  ILE E N   1 
ATOM   790  C  CA  . ILE E 1 19 ? -5.913  5.652   -9.055  1.00 91.63  ? 18  ILE E CA  1 
ATOM   791  C  C   . ILE E 1 19 ? -6.869  5.436   -10.247 1.00 95.73  ? 18  ILE E C   1 
ATOM   792  O  O   . ILE E 1 19 ? -7.709  6.298   -10.510 1.00 95.67  ? 18  ILE E O   1 
ATOM   793  C  CB  . ILE E 1 19 ? -4.507  6.141   -9.463  1.00 89.09  ? 18  ILE E CB  1 
ATOM   794  C  CG1 . ILE E 1 19 ? -3.699  6.547   -8.217  1.00 84.39  ? 18  ILE E CG1 1 
ATOM   795  C  CG2 . ILE E 1 19 ? -4.597  7.305   -10.434 1.00 98.83  ? 18  ILE E CG2 1 
ATOM   796  C  CD1 . ILE E 1 19 ? -4.304  7.663   -7.376  1.00 83.46  ? 18  ILE E CD1 1 
ATOM   797  N  N   . LEU E 1 20 ? -6.767  4.285   -10.924 1.00 96.91  ? 19  LEU E N   1 
ATOM   798  C  CA  . LEU E 1 20 ? -7.705  3.894   -11.998 1.00 88.90  ? 19  LEU E CA  1 
ATOM   799  C  C   . LEU E 1 20 ? -9.146  3.945   -11.498 1.00 86.74  ? 19  LEU E C   1 
ATOM   800  O  O   . LEU E 1 20 ? -10.029 4.406   -12.202 1.00 83.90  ? 19  LEU E O   1 
ATOM   801  C  CB  . LEU E 1 20 ? -7.383  2.493   -12.539 1.00 80.70  ? 19  LEU E CB  1 
ATOM   802  N  N   . LEU E 1 21 ? -9.360  3.486   -10.270 1.00 91.49  ? 20  LEU E N   1 
ATOM   803  C  CA  . LEU E 1 21 ? -10.675 3.509   -9.638  1.00 99.57  ? 20  LEU E CA  1 
ATOM   804  C  C   . LEU E 1 21 ? -11.049 4.895   -9.122  1.00 103.31 ? 20  LEU E C   1 
ATOM   805  O  O   . LEU E 1 21 ? -12.232 5.173   -8.932  1.00 113.57 ? 20  LEU E O   1 
ATOM   806  C  CB  . LEU E 1 21 ? -10.741 2.498   -8.484  1.00 96.66  ? 20  LEU E CB  1 
ATOM   807  N  N   . LEU E 1 22 ? -10.058 5.746   -8.856  1.00 102.51 ? 21  LEU E N   1 
ATOM   808  C  CA  . LEU E 1 22 ? -10.330 7.151   -8.533  1.00 106.08 ? 21  LEU E CA  1 
ATOM   809  C  C   . LEU E 1 22 ? -10.968 7.828   -9.737  1.00 109.64 ? 21  LEU E C   1 
ATOM   810  O  O   . LEU E 1 22 ? -11.891 8.629   -9.587  1.00 106.72 ? 21  LEU E O   1 
ATOM   811  C  CB  . LEU E 1 22 ? -9.063  7.914   -8.133  1.00 106.07 ? 21  LEU E CB  1 
ATOM   812  C  CG  . LEU E 1 22 ? -9.166  9.048   -7.082  1.00 103.53 ? 21  LEU E CG  1 
ATOM   813  C  CD1 . LEU E 1 22 ? -10.532 9.741   -7.005  1.00 98.83  ? 21  LEU E CD1 1 
ATOM   814  C  CD2 . LEU E 1 22 ? -8.726  8.562   -5.701  1.00 104.61 ? 21  LEU E CD2 1 
ATOM   815  N  N   . ILE E 1 23 ? -10.466 7.493   -10.926 1.00 115.55 ? 22  ILE E N   1 
ATOM   816  C  CA  . ILE E 1 23 ? -11.079 7.926   -12.177 1.00 126.95 ? 22  ILE E CA  1 
ATOM   817  C  C   . ILE E 1 23 ? -12.529 7.427   -12.302 1.00 141.98 ? 22  ILE E C   1 
ATOM   818  O  O   . ILE E 1 23 ? -13.450 8.241   -12.441 1.00 144.30 ? 22  ILE E O   1 
ATOM   819  C  CB  . ILE E 1 23 ? -10.262 7.449   -13.394 1.00 123.57 ? 22  ILE E CB  1 
ATOM   820  N  N   . LYS E 1 24 ? -12.721 6.103   -12.219 1.00 152.22 ? 23  LYS E N   1 
ATOM   821  C  CA  . LYS E 1 24 ? -14.052 5.464   -12.351 1.00 151.26 ? 23  LYS E CA  1 
ATOM   822  C  C   . LYS E 1 24 ? -15.124 6.116   -11.470 1.00 153.40 ? 23  LYS E C   1 
ATOM   823  O  O   . LYS E 1 24 ? -16.250 6.315   -11.912 1.00 168.60 ? 23  LYS E O   1 
ATOM   824  C  CB  . LYS E 1 24 ? -13.975 3.964   -12.041 1.00 148.07 ? 23  LYS E CB  1 
ATOM   825  N  N   . TRP E 1 25 ? -14.763 6.444   -10.233 1.00 150.11 ? 24  TRP E N   1 
ATOM   826  C  CA  . TRP E 1 25 ? -15.576 7.324   -9.394  1.00 150.00 ? 24  TRP E CA  1 
ATOM   827  C  C   . TRP E 1 25 ? -15.257 8.771   -9.763  1.00 146.42 ? 24  TRP E C   1 
ATOM   828  O  O   . TRP E 1 25 ? -16.062 9.677   -9.553  1.00 144.75 ? 24  TRP E O   1 
ATOM   829  C  CB  . TRP E 1 25 ? -15.286 7.082   -7.912  1.00 152.89 ? 24  TRP E CB  1 
ATOM   830  N  N   . SER F 1 2  ? 19.190  0.175   1.597   1.00 133.17 ? 1   SER F N   1 
ATOM   831  C  CA  . SER F 1 2  ? 17.895  0.741   2.106   1.00 130.45 ? 1   SER F CA  1 
ATOM   832  C  C   . SER F 1 2  ? 17.353  1.842   1.181   1.00 120.70 ? 1   SER F C   1 
ATOM   833  O  O   . SER F 1 2  ? 16.764  2.832   1.636   1.00 112.03 ? 1   SER F O   1 
ATOM   834  C  CB  . SER F 1 2  ? 18.084  1.278   3.536   1.00 133.42 ? 1   SER F CB  1 
ATOM   835  N  N   . LYS F 1 3  ? 17.536  1.652   -0.121  1.00 116.70 ? 2   LYS F N   1 
ATOM   836  C  CA  . LYS F 1 3  ? 17.328  2.727   -1.085  1.00 116.43 ? 2   LYS F CA  1 
ATOM   837  C  C   . LYS F 1 3  ? 15.848  2.850   -1.421  1.00 109.76 ? 2   LYS F C   1 
ATOM   838  O  O   . LYS F 1 3  ? 15.202  3.852   -1.094  1.00 96.70  ? 2   LYS F O   1 
ATOM   839  C  CB  . LYS F 1 3  ? 18.165  2.480   -2.352  1.00 113.96 ? 2   LYS F CB  1 
ATOM   840  N  N   . LEU F 1 4  ? 15.312  1.795   -2.032  1.00 107.05 ? 3   LEU F N   1 
ATOM   841  C  CA  . LEU F 1 4  ? 13.947  1.805   -2.561  1.00 99.61  ? 3   LEU F CA  1 
ATOM   842  C  C   . LEU F 1 4  ? 12.883  1.652   -1.492  1.00 96.81  ? 3   LEU F C   1 
ATOM   843  O  O   . LEU F 1 4  ? 11.694  1.706   -1.800  1.00 94.15  ? 3   LEU F O   1 
ATOM   844  C  CB  . LEU F 1 4  ? 13.755  0.752   -3.660  1.00 96.40  ? 3   LEU F CB  1 
ATOM   845  C  CG  . LEU F 1 4  ? 14.070  -0.724  -3.431  1.00 98.00  ? 3   LEU F CG  1 
ATOM   846  C  CD1 . LEU F 1 4  ? 13.282  -1.315  -2.273  1.00 102.66 ? 3   LEU F CD1 1 
ATOM   847  C  CD2 . LEU F 1 4  ? 13.793  -1.488  -4.717  1.00 98.60  ? 3   LEU F CD2 1 
ATOM   848  N  N   . LEU F 1 5  ? 13.297  1.452   -0.244  1.00 99.61  ? 4   LEU F N   1 
ATOM   849  C  CA  . LEU F 1 5  ? 12.368  1.524   0.886   1.00 103.74 ? 4   LEU F CA  1 
ATOM   850  C  C   . LEU F 1 5  ? 11.830  2.944   0.990   1.00 105.77 ? 4   LEU F C   1 
ATOM   851  O  O   . LEU F 1 5  ? 10.624  3.144   1.190   1.00 111.81 ? 4   LEU F O   1 
ATOM   852  C  CB  . LEU F 1 5  ? 13.056  1.122   2.188   1.00 100.37 ? 4   LEU F CB  1 
ATOM   853  C  CG  . LEU F 1 5  ? 13.592  -0.311  2.190   1.00 99.93  ? 4   LEU F CG  1 
ATOM   854  C  CD1 . LEU F 1 5  ? 14.492  -0.586  3.387   1.00 103.33 ? 4   LEU F CD1 1 
ATOM   855  C  CD2 . LEU F 1 5  ? 12.448  -1.316  2.110   1.00 100.10 ? 4   LEU F CD2 1 
ATOM   856  N  N   . LEU F 1 6  ? 12.732  3.915   0.835   1.00 97.54  ? 5   LEU F N   1 
ATOM   857  C  CA  . LEU F 1 6  ? 12.361  5.317   0.721   1.00 89.14  ? 5   LEU F CA  1 
ATOM   858  C  C   . LEU F 1 6  ? 11.394  5.527   -0.433  1.00 85.30  ? 5   LEU F C   1 
ATOM   859  O  O   . LEU F 1 6  ? 10.431  6.263   -0.295  1.00 86.97  ? 5   LEU F O   1 
ATOM   860  C  CB  . LEU F 1 6  ? 13.604  6.176   0.529   1.00 86.01  ? 5   LEU F CB  1 
ATOM   861  N  N   . LEU F 1 7  ? 11.661  4.878   -1.561  1.00 84.98  ? 6   LEU F N   1 
ATOM   862  C  CA  . LEU F 1 7  ? 10.769  4.917   -2.719  1.00 89.22  ? 6   LEU F CA  1 
ATOM   863  C  C   . LEU F 1 7  ? 9.414   4.296   -2.435  1.00 85.99  ? 6   LEU F C   1 
ATOM   864  O  O   . LEU F 1 7  ? 8.381   4.862   -2.787  1.00 83.87  ? 6   LEU F O   1 
ATOM   865  C  CB  . LEU F 1 7  ? 11.412  4.197   -3.907  1.00 96.44  ? 6   LEU F CB  1 
ATOM   866  C  CG  . LEU F 1 7  ? 10.595  4.056   -5.192  1.00 100.89 ? 6   LEU F CG  1 
ATOM   867  C  CD1 . LEU F 1 7  ? 10.210  5.439   -5.689  1.00 105.39 ? 6   LEU F CD1 1 
ATOM   868  C  CD2 . LEU F 1 7  ? 11.358  3.271   -6.251  1.00 100.66 ? 6   LEU F CD2 1 
ATOM   869  N  N   . LEU F 1 8  ? 9.432   3.123   -1.817  1.00 90.18  ? 7   LEU F N   1 
ATOM   870  C  CA  . LEU F 1 8  ? 8.205   2.414   -1.460  1.00 96.04  ? 7   LEU F CA  1 
ATOM   871  C  C   . LEU F 1 8  ? 7.333   3.245   -0.528  1.00 97.29  ? 7   LEU F C   1 
ATOM   872  O  O   . LEU F 1 8  ? 6.156   3.442   -0.814  1.00 100.43 ? 7   LEU F O   1 
ATOM   873  C  CB  . LEU F 1 8  ? 8.510   1.063   -0.803  1.00 99.03  ? 7   LEU F CB  1 
ATOM   874  C  CG  . LEU F 1 8  ? 8.907   -0.096  -1.721  1.00 97.72  ? 7   LEU F CG  1 
ATOM   875  C  CD1 . LEU F 1 8  ? 9.512   -1.218  -0.893  1.00 100.36 ? 7   LEU F CD1 1 
ATOM   876  C  CD2 . LEU F 1 8  ? 7.723   -0.622  -2.505  1.00 95.12  ? 7   LEU F CD2 1 
ATOM   877  N  N   . ILE F 1 9  ? 7.913   3.748   0.563   1.00 94.84  ? 8   ILE F N   1 
ATOM   878  C  CA  . ILE F 1 9  ? 7.169   4.574   1.530   1.00 97.34  ? 8   ILE F CA  1 
ATOM   879  C  C   . ILE F 1 9  ? 6.317   5.619   0.849   1.00 94.42  ? 8   ILE F C   1 
ATOM   880  O  O   . ILE F 1 9  ? 5.161   5.802   1.218   1.00 104.90 ? 8   ILE F O   1 
ATOM   881  C  CB  . ILE F 1 9  ? 8.091   5.221   2.588   1.00 100.88 ? 8   ILE F CB  1 
ATOM   882  C  CG1 . ILE F 1 9  ? 8.368   4.178   3.675   1.00 109.64 ? 8   ILE F CG1 1 
ATOM   883  C  CG2 . ILE F 1 9  ? 7.473   6.476   3.224   1.00 98.42  ? 8   ILE F CG2 1 
ATOM   884  C  CD1 . ILE F 1 9  ? 9.471   4.524   4.649   1.00 113.24 ? 8   ILE F CD1 1 
ATOM   885  N  N   . ILE F 1 10 ? 6.884   6.279   -0.150  1.00 94.93  ? 9   ILE F N   1 
ATOM   886  C  CA  . ILE F 1 10 ? 6.133   7.261   -0.915  1.00 100.48 ? 9   ILE F CA  1 
ATOM   887  C  C   . ILE F 1 10 ? 4.869   6.574   -1.439  1.00 100.97 ? 9   ILE F C   1 
ATOM   888  O  O   . ILE F 1 10 ? 3.754   7.018   -1.153  1.00 116.96 ? 9   ILE F O   1 
ATOM   889  C  CB  . ILE F 1 10 ? 6.925   7.905   -2.096  1.00 103.64 ? 9   ILE F CB  1 
ATOM   890  C  CG1 . ILE F 1 10 ? 8.358   8.328   -1.719  1.00 101.50 ? 9   ILE F CG1 1 
ATOM   891  C  CG2 . ILE F 1 10 ? 6.194   9.145   -2.588  1.00 105.49 ? 9   ILE F CG2 1 
ATOM   892  C  CD1 . ILE F 1 10 ? 8.477   9.103   -0.420  1.00 101.11 ? 9   ILE F CD1 1 
ATOM   893  N  N   . LEU F 1 11 ? 5.047   5.451   -2.133  1.00 94.22  ? 10  LEU F N   1 
ATOM   894  C  CA  . LEU F 1 11 ? 3.921   4.728   -2.751  1.00 94.16  ? 10  LEU F CA  1 
ATOM   895  C  C   . LEU F 1 11 ? 2.818   4.401   -1.745  1.00 89.92  ? 10  LEU F C   1 
ATOM   896  O  O   . LEU F 1 11 ? 1.633   4.524   -2.058  1.00 89.47  ? 10  LEU F O   1 
ATOM   897  C  CB  . LEU F 1 11 ? 4.391   3.454   -3.440  1.00 96.95  ? 10  LEU F CB  1 
ATOM   898  C  CG  . LEU F 1 11 ? 5.477   3.657   -4.504  1.00 102.53 ? 10  LEU F CG  1 
ATOM   899  C  CD1 . LEU F 1 11 ? 6.182   2.352   -4.841  1.00 110.90 ? 10  LEU F CD1 1 
ATOM   900  C  CD2 . LEU F 1 11 ? 4.894   4.299   -5.753  1.00 104.09 ? 10  LEU F CD2 1 
ATOM   901  N  N   . SER F 1 12 ? 3.211   4.023   -0.532  1.00 85.37  ? 11  SER F N   1 
ATOM   902  C  CA  . SER F 1 12 ? 2.249   3.884   0.548   1.00 88.16  ? 11  SER F CA  1 
ATOM   903  C  C   . SER F 1 12 ? 1.551   5.204   0.799   1.00 90.68  ? 11  SER F C   1 
ATOM   904  O  O   . SER F 1 12 ? 0.348   5.306   0.590   1.00 96.10  ? 11  SER F O   1 
ATOM   905  C  CB  . SER F 1 12 ? 2.900   3.401   1.829   1.00 89.67  ? 11  SER F CB  1 
ATOM   906  O  OG  . SER F 1 12 ? 3.333   2.070   1.698   1.00 98.89  ? 11  SER F OG  1 
ATOM   907  N  N   . GLU F 1 13 ? 2.307   6.223   1.205   1.00 95.11  ? 12  GLU F N   1 
ATOM   908  C  CA  . GLU F 1 13 ? 1.739   7.556   1.464   1.00 98.18  ? 12  GLU F CA  1 
ATOM   909  C  C   . GLU F 1 13 ? 0.834   8.012   0.323   1.00 90.28  ? 12  GLU F C   1 
ATOM   910  O  O   . GLU F 1 13 ? -0.182  8.648   0.559   1.00 96.13  ? 12  GLU F O   1 
ATOM   911  C  CB  . GLU F 1 13 ? 2.835   8.602   1.735   1.00 110.60 ? 12  GLU F CB  1 
ATOM   912  C  CG  . GLU F 1 13 ? 3.449   8.506   3.133   1.00 128.98 ? 12  GLU F CG  1 
ATOM   913  C  CD  . GLU F 1 13 ? 4.713   9.351   3.316   1.00 143.65 ? 12  GLU F CD  1 
ATOM   914  O  OE1 . GLU F 1 13 ? 4.882   10.373  2.610   1.00 153.57 ? 12  GLU F OE1 1 
ATOM   915  O  OE2 . GLU F 1 13 ? 5.549   8.992   4.180   1.00 156.74 ? 12  GLU F OE2 1 
ATOM   916  N  N   . ALA F 1 14 ? 1.187   7.659   -0.907  1.00 85.65  ? 13  ALA F N   1 
ATOM   917  C  CA  . ALA F 1 14 ? 0.346   7.966   -2.058  1.00 87.72  ? 13  ALA F CA  1 
ATOM   918  C  C   . ALA F 1 14 ? -0.973  7.230   -1.956  1.00 84.43  ? 13  ALA F C   1 
ATOM   919  O  O   . ALA F 1 14 ? -2.050  7.818   -2.058  1.00 89.02  ? 13  ALA F O   1 
ATOM   920  C  CB  . ALA F 1 14 ? 1.052   7.593   -3.354  1.00 88.55  ? 13  ALA F CB  1 
ATOM   921  N  N   . LEU F 1 15 ? -0.876  5.935   -1.744  1.00 82.29  ? 14  LEU F N   1 
ATOM   922  C  CA  . LEU F 1 15 ? -2.058  5.106   -1.665  1.00 88.77  ? 14  LEU F CA  1 
ATOM   923  C  C   . LEU F 1 15 ? -2.956  5.528   -0.505  1.00 93.40  ? 14  LEU F C   1 
ATOM   924  O  O   . LEU F 1 15 ? -4.165  5.395   -0.591  1.00 99.26  ? 14  LEU F O   1 
ATOM   925  C  CB  . LEU F 1 15 ? -1.648  3.638   -1.527  1.00 90.04  ? 14  LEU F CB  1 
ATOM   926  C  CG  . LEU F 1 15 ? -2.689  2.543   -1.712  1.00 84.50  ? 14  LEU F CG  1 
ATOM   927  C  CD1 . LEU F 1 15 ? -3.534  2.793   -2.945  1.00 84.83  ? 14  LEU F CD1 1 
ATOM   928  C  CD2 . LEU F 1 15 ? -1.973  1.205   -1.819  1.00 82.50  ? 14  LEU F CD2 1 
ATOM   929  N  N   . HIS F 1 16 ? -2.356  6.030   0.570   1.00 100.20 ? 15  HIS F N   1 
ATOM   930  C  CA  . HIS F 1 16 ? -3.090  6.573   1.720   1.00 106.59 ? 15  HIS F CA  1 
ATOM   931  C  C   . HIS F 1 16 ? -4.061  7.664   1.266   1.00 99.39  ? 15  HIS F C   1 
ATOM   932  O  O   . HIS F 1 16 ? -5.267  7.585   1.517   1.00 97.39  ? 15  HIS F O   1 
ATOM   933  C  CB  . HIS F 1 16 ? -2.092  7.153   2.737   1.00 121.12 ? 15  HIS F CB  1 
ATOM   934  C  CG  . HIS F 1 16 ? -2.659  7.395   4.099   1.00 130.92 ? 15  HIS F CG  1 
ATOM   935  N  ND1 . HIS F 1 16 ? -4.010  7.374   4.367   1.00 134.65 ? 15  HIS F ND1 1 
ATOM   936  C  CD2 . HIS F 1 16 ? -2.047  7.694   5.270   1.00 140.27 ? 15  HIS F CD2 1 
ATOM   937  C  CE1 . HIS F 1 16 ? -4.206  7.629   5.649   1.00 143.58 ? 15  HIS F CE1 1 
ATOM   938  N  NE2 . HIS F 1 16 ? -3.030  7.829   6.218   1.00 148.70 ? 15  HIS F NE2 1 
ATOM   939  N  N   . LEU F 1 17 ? -3.520  8.663   0.573   1.00 94.58  ? 16  LEU F N   1 
ATOM   940  C  CA  . LEU F 1 17 ? -4.309  9.778   0.041   1.00 89.78  ? 16  LEU F CA  1 
ATOM   941  C  C   . LEU F 1 17 ? -5.228  9.330   -1.085  1.00 84.94  ? 16  LEU F C   1 
ATOM   942  O  O   . LEU F 1 17 ? -6.331  9.851   -1.215  1.00 86.64  ? 16  LEU F O   1 
ATOM   943  C  CB  . LEU F 1 17 ? -3.400  10.909  -0.467  1.00 86.41  ? 16  LEU F CB  1 
ATOM   944  N  N   . ALA F 1 18 ? -4.773  8.376   -1.899  1.00 79.38  ? 17  ALA F N   1 
ATOM   945  C  CA  . ALA F 1 18 ? -5.591  7.848   -2.986  1.00 76.05  ? 17  ALA F CA  1 
ATOM   946  C  C   . ALA F 1 18 ? -6.893  7.320   -2.422  1.00 77.40  ? 17  ALA F C   1 
ATOM   947  O  O   . ALA F 1 18 ? -7.950  7.635   -2.931  1.00 74.26  ? 17  ALA F O   1 
ATOM   948  C  CB  . ALA F 1 18 ? -4.857  6.755   -3.741  1.00 74.01  ? 17  ALA F CB  1 
ATOM   949  N  N   . ILE F 1 19 ? -6.796  6.552   -1.338  1.00 86.63  ? 18  ILE F N   1 
ATOM   950  C  CA  . ILE F 1 19 ? -7.957  5.924   -0.693  1.00 90.23  ? 18  ILE F CA  1 
ATOM   951  C  C   . ILE F 1 19 ? -8.730  6.930   0.151   1.00 87.08  ? 18  ILE F C   1 
ATOM   952  O  O   . ILE F 1 19 ? -9.964  6.943   0.120   1.00 88.05  ? 18  ILE F O   1 
ATOM   953  C  CB  . ILE F 1 19 ? -7.553  4.719   0.201   1.00 94.09  ? 18  ILE F CB  1 
ATOM   954  C  CG1 . ILE F 1 19 ? -6.861  3.619   -0.623  1.00 92.13  ? 18  ILE F CG1 1 
ATOM   955  C  CG2 . ILE F 1 19 ? -8.780  4.123   0.890   1.00 98.13  ? 18  ILE F CG2 1 
ATOM   956  C  CD1 . ILE F 1 19 ? -5.949  2.725   0.187   1.00 88.40  ? 18  ILE F CD1 1 
ATOM   957  N  N   . LEU F 1 20 ? -8.013  7.761   0.904   1.00 82.26  ? 19  LEU F N   1 
ATOM   958  C  CA  . LEU F 1 20 ? -8.652  8.780   1.733   1.00 79.56  ? 19  LEU F CA  1 
ATOM   959  C  C   . LEU F 1 20 ? -9.483  9.755   0.894   1.00 80.22  ? 19  LEU F C   1 
ATOM   960  O  O   . LEU F 1 20 ? -10.549 10.178  1.319   1.00 82.72  ? 19  LEU F O   1 
ATOM   961  C  CB  . LEU F 1 20 ? -7.612  9.538   2.558   1.00 76.33  ? 19  LEU F CB  1 
ATOM   962  N  N   . LEU F 1 21 ? -8.992  10.101  -0.295  1.00 82.93  ? 20  LEU F N   1 
ATOM   963  C  CA  . LEU F 1 21 ? -9.757  10.906  -1.251  1.00 85.39  ? 20  LEU F CA  1 
ATOM   964  C  C   . LEU F 1 21 ? -10.820 10.077  -1.980  1.00 88.77  ? 20  LEU F C   1 
ATOM   965  O  O   . LEU F 1 21 ? -11.743 10.643  -2.560  1.00 103.71 ? 20  LEU F O   1 
ATOM   966  C  CB  . LEU F 1 21 ? -8.829  11.580  -2.278  1.00 81.80  ? 20  LEU F CB  1 
ATOM   967  N  N   . LEU F 1 22 ? -10.678 8.753   -1.977  1.00 86.42  ? 21  LEU F N   1 
ATOM   968  C  CA  . LEU F 1 22 ? -11.654 7.880   -2.616  1.00 91.17  ? 21  LEU F CA  1 
ATOM   969  C  C   . LEU F 1 22 ? -12.883 7.666   -1.747  1.00 97.47  ? 21  LEU F C   1 
ATOM   970  O  O   . LEU F 1 22 ? -13.938 7.316   -2.267  1.00 102.76 ? 21  LEU F O   1 
ATOM   971  C  CB  . LEU F 1 22 ? -11.041 6.523   -2.990  1.00 92.93  ? 21  LEU F CB  1 
ATOM   972  C  CG  . LEU F 1 22 ? -11.250 6.144   -4.462  1.00 99.41  ? 21  LEU F CG  1 
ATOM   973  C  CD1 . LEU F 1 22 ? -10.482 4.872   -4.808  1.00 100.46 ? 21  LEU F CD1 1 
ATOM   974  C  CD2 . LEU F 1 22 ? -12.728 6.021   -4.818  1.00 101.36 ? 21  LEU F CD2 1 
ATOM   975  N  N   . ILE F 1 23 ? -12.747 7.857   -0.436  1.00 104.76 ? 22  ILE F N   1 
ATOM   976  C  CA  . ILE F 1 23 ? -13.868 7.705   0.502   1.00 113.52 ? 22  ILE F CA  1 
ATOM   977  C  C   . ILE F 1 23 ? -14.695 8.984   0.692   1.00 121.22 ? 22  ILE F C   1 
ATOM   978  O  O   . ILE F 1 23 ? -15.895 8.911   0.982   1.00 127.73 ? 22  ILE F O   1 
ATOM   979  C  CB  . ILE F 1 23 ? -13.374 7.235   1.886   1.00 110.87 ? 22  ILE F CB  1 
ATOM   980  N  N   . LYS F 1 24 ? -14.054 10.145  0.538   1.00 123.93 ? 23  LYS F N   1 
ATOM   981  C  CA  . LYS F 1 24 ? -14.706 11.440  0.743   1.00 126.04 ? 23  LYS F CA  1 
ATOM   982  C  C   . LYS F 1 24 ? -15.470 11.883  -0.495  1.00 134.51 ? 23  LYS F C   1 
ATOM   983  O  O   . LYS F 1 24 ? -16.676 12.154  -0.423  1.00 146.55 ? 23  LYS F O   1 
ATOM   984  C  CB  . LYS F 1 24 ? -13.675 12.495  1.146   1.00 119.64 ? 23  LYS F CB  1 
ATOM   985  C  CG  . LYS F 1 24 ? -13.008 12.159  2.465   1.00 116.86 ? 23  LYS F CG  1 
ATOM   986  C  CD  . LYS F 1 24 ? -11.951 13.170  2.860   1.00 118.12 ? 23  LYS F CD  1 
ATOM   987  C  CE  . LYS F 1 24 ? -12.541 14.424  3.488   1.00 123.72 ? 23  LYS F CE  1 
ATOM   988  N  NZ  . LYS F 1 24 ? -11.714 14.902  4.640   1.00 126.68 ? 23  LYS F NZ  1 
ATOM   989  N  N   . TRP F 1 25 ? -14.764 11.948  -1.623  1.00 137.46 ? 24  TRP F N   1 
ATOM   990  C  CA  . TRP F 1 25 ? -15.365 12.311  -2.909  1.00 145.16 ? 24  TRP F CA  1 
ATOM   991  C  C   . TRP F 1 25 ? -16.470 11.329  -3.315  1.00 152.22 ? 24  TRP F C   1 
ATOM   992  O  O   . TRP F 1 25 ? -17.626 11.728  -3.529  1.00 163.29 ? 24  TRP F O   1 
ATOM   993  C  CB  . TRP F 1 25 ? -14.294 12.362  -4.003  1.00 140.99 ? 24  TRP F CB  1 
ATOM   994  N  N   . GLY F 1 26 ? -16.101 10.050  -3.394  1.00 144.39 ? 25  GLY F N   1 
ATOM   995  C  CA  . GLY F 1 26 ? -17.009 8.974   -3.792  1.00 138.90 ? 25  GLY F CA  1 
ATOM   996  C  C   . GLY F 1 26 ? -16.995 7.831   -2.797  1.00 138.80 ? 25  GLY F C   1 
ATOM   997  O  O   . GLY F 1 26 ? -17.513 7.954   -1.685  1.00 138.91 ? 25  GLY F O   1 
ATOM   998  N  N   . SER G 1 2  ? -11.607 17.947  -15.044 1.00 152.89 ? 1   SER G N   1 
ATOM   999  C  CA  . SER G 1 2  ? -10.836 17.809  -16.317 1.00 149.69 ? 1   SER G CA  1 
ATOM   1000 C  C   . SER G 1 2  ? -9.433  18.404  -16.265 1.00 144.82 ? 1   SER G C   1 
ATOM   1001 O  O   . SER G 1 2  ? -8.591  18.047  -17.090 1.00 144.16 ? 1   SER G O   1 
ATOM   1002 C  CB  . SER G 1 2  ? -11.604 18.449  -17.479 1.00 148.62 ? 1   SER G CB  1 
ATOM   1003 N  N   . LYS G 1 3  ? -9.185  19.308  -15.318 1.00 138.44 ? 2   LYS G N   1 
ATOM   1004 C  CA  . LYS G 1 3  ? -7.917  20.017  -15.247 1.00 135.68 ? 2   LYS G CA  1 
ATOM   1005 C  C   . LYS G 1 3  ? -6.795  19.119  -14.678 1.00 124.63 ? 2   LYS G C   1 
ATOM   1006 O  O   . LYS G 1 3  ? -5.979  18.557  -15.434 1.00 114.31 ? 2   LYS G O   1 
ATOM   1007 C  CB  . LYS G 1 3  ? -8.098  21.303  -14.425 1.00 138.38 ? 2   LYS G CB  1 
ATOM   1008 N  N   . LEU G 1 4  ? -6.765  18.979  -13.352 1.00 112.55 ? 3   LEU G N   1 
ATOM   1009 C  CA  . LEU G 1 4  ? -5.743  18.165  -12.680 1.00 100.16 ? 3   LEU G CA  1 
ATOM   1010 C  C   . LEU G 1 4  ? -6.054  16.666  -12.823 1.00 96.74  ? 3   LEU G C   1 
ATOM   1011 O  O   . LEU G 1 4  ? -5.169  15.837  -12.681 1.00 90.65  ? 3   LEU G O   1 
ATOM   1012 C  CB  . LEU G 1 4  ? -5.591  18.564  -11.209 1.00 87.39  ? 3   LEU G CB  1 
ATOM   1013 N  N   . LEU G 1 5  ? -7.309  16.333  -13.121 1.00 96.69  ? 4   LEU G N   1 
ATOM   1014 C  CA  . LEU G 1 5  ? -7.717  14.962  -13.404 1.00 93.51  ? 4   LEU G CA  1 
ATOM   1015 C  C   . LEU G 1 5  ? -7.043  14.425  -14.648 1.00 84.86  ? 4   LEU G C   1 
ATOM   1016 O  O   . LEU G 1 5  ? -6.555  13.306  -14.646 1.00 77.44  ? 4   LEU G O   1 
ATOM   1017 C  CB  . LEU G 1 5  ? -9.238  14.882  -13.577 1.00 98.66  ? 4   LEU G CB  1 
ATOM   1018 N  N   . LEU G 1 6  ? -7.020  15.214  -15.712 1.00 84.72  ? 5   LEU G N   1 
ATOM   1019 C  CA  . LEU G 1 6  ? -6.314  14.801  -16.926 1.00 93.24  ? 5   LEU G CA  1 
ATOM   1020 C  C   . LEU G 1 6  ? -4.808  14.754  -16.695 1.00 96.82  ? 5   LEU G C   1 
ATOM   1021 O  O   . LEU G 1 6  ? -4.115  13.929  -17.286 1.00 92.72  ? 5   LEU G O   1 
ATOM   1022 C  CB  . LEU G 1 6  ? -6.620  15.741  -18.088 1.00 95.77  ? 5   LEU G CB  1 
ATOM   1023 N  N   . LEU G 1 7  ? -4.309  15.664  -15.860 1.00 102.11 ? 6   LEU G N   1 
ATOM   1024 C  CA  . LEU G 1 7  ? -2.904  15.662  -15.446 1.00 100.86 ? 6   LEU G CA  1 
ATOM   1025 C  C   . LEU G 1 7  ? -2.552  14.486  -14.521 1.00 104.08 ? 6   LEU G C   1 
ATOM   1026 O  O   . LEU G 1 7  ? -1.416  14.015  -14.529 1.00 106.76 ? 6   LEU G O   1 
ATOM   1027 C  CB  . LEU G 1 7  ? -2.563  16.986  -14.756 1.00 95.20  ? 6   LEU G CB  1 
ATOM   1028 C  CG  . LEU G 1 7  ? -1.244  17.047  -13.979 1.00 93.82  ? 6   LEU G CG  1 
ATOM   1029 C  CD1 . LEU G 1 7  ? -0.042  16.921  -14.911 1.00 98.80  ? 6   LEU G CD1 1 
ATOM   1030 C  CD2 . LEU G 1 7  ? -1.186  18.305  -13.130 1.00 91.42  ? 6   LEU G CD2 1 
ATOM   1031 N  N   . LEU G 1 8  ? -3.502  14.044  -13.701 1.00 103.13 ? 7   LEU G N   1 
ATOM   1032 C  CA  . LEU G 1 8  ? -3.251  12.960  -12.764 1.00 103.00 ? 7   LEU G CA  1 
ATOM   1033 C  C   . LEU G 1 8  ? -3.114  11.640  -13.509 1.00 111.27 ? 7   LEU G C   1 
ATOM   1034 O  O   . LEU G 1 8  ? -2.143  10.928  -13.277 1.00 117.53 ? 7   LEU G O   1 
ATOM   1035 C  CB  . LEU G 1 8  ? -4.352  12.884  -11.708 1.00 100.59 ? 7   LEU G CB  1 
ATOM   1036 C  CG  . LEU G 1 8  ? -4.297  11.739  -10.688 1.00 98.13  ? 7   LEU G CG  1 
ATOM   1037 C  CD1 . LEU G 1 8  ? -2.900  11.510  -10.121 1.00 97.22  ? 7   LEU G CD1 1 
ATOM   1038 C  CD2 . LEU G 1 8  ? -5.300  11.980  -9.567  1.00 95.72  ? 7   LEU G CD2 1 
ATOM   1039 N  N   . ILE G 1 9  ? -4.061  11.317  -14.399 1.00 112.53 ? 8   ILE G N   1 
ATOM   1040 C  CA  . ILE G 1 9  ? -3.923  10.112  -15.253 1.00 108.34 ? 8   ILE G CA  1 
ATOM   1041 C  C   . ILE G 1 9  ? -2.581  10.076  -15.959 1.00 104.63 ? 8   ILE G C   1 
ATOM   1042 O  O   . ILE G 1 9  ? -1.925  9.035   -15.973 1.00 113.62 ? 8   ILE G O   1 
ATOM   1043 C  CB  . ILE G 1 9  ? -5.034  9.894   -16.324 1.00 107.45 ? 8   ILE G CB  1 
ATOM   1044 C  CG1 . ILE G 1 9  ? -4.639  8.718   -17.247 1.00 106.27 ? 8   ILE G CG1 1 
ATOM   1045 C  CG2 . ILE G 1 9  ? -5.289  11.132  -17.173 1.00 105.34 ? 8   ILE G CG2 1 
ATOM   1046 C  CD1 . ILE G 1 9  ? -5.745  8.145   -18.089 1.00 110.86 ? 8   ILE G CD1 1 
ATOM   1047 N  N   . ILE G 1 10 ? -2.176  11.197  -16.540 1.00 93.16  ? 9   ILE G N   1 
ATOM   1048 C  CA  . ILE G 1 10 ? -0.911  11.242  -17.241 1.00 92.70  ? 9   ILE G CA  1 
ATOM   1049 C  C   . ILE G 1 10 ? 0.188   10.865  -16.245 1.00 84.92  ? 9   ILE G C   1 
ATOM   1050 O  O   . ILE G 1 10 ? 0.851   9.836   -16.409 1.00 84.91  ? 9   ILE G O   1 
ATOM   1051 C  CB  . ILE G 1 10 ? -0.690  12.608  -17.936 1.00 96.60  ? 9   ILE G CB  1 
ATOM   1052 C  CG1 . ILE G 1 10 ? -1.192  12.586  -19.394 1.00 102.85 ? 9   ILE G CG1 1 
ATOM   1053 C  CG2 . ILE G 1 10 ? 0.778   12.938  -18.030 1.00 97.93  ? 9   ILE G CG2 1 
ATOM   1054 C  CD1 . ILE G 1 10 ? -2.611  12.112  -19.623 1.00 109.52 ? 9   ILE G CD1 1 
ATOM   1055 N  N   . LEU G 1 11 ? 0.324   11.664  -15.195 1.00 83.14  ? 10  LEU G N   1 
ATOM   1056 C  CA  . LEU G 1 11 ? 1.340   11.441  -14.161 1.00 89.92  ? 10  LEU G CA  1 
ATOM   1057 C  C   . LEU G 1 11 ? 1.420   9.960   -13.765 1.00 93.81  ? 10  LEU G C   1 
ATOM   1058 O  O   . LEU G 1 11 ? 2.476   9.329   -13.866 1.00 104.00 ? 10  LEU G O   1 
ATOM   1059 C  CB  . LEU G 1 11 ? 1.066   12.311  -12.914 1.00 90.81  ? 10  LEU G CB  1 
ATOM   1060 C  CG  . LEU G 1 11 ? 2.239   12.711  -11.998 1.00 91.81  ? 10  LEU G CG  1 
ATOM   1061 C  CD1 . LEU G 1 11 ? 3.052   11.533  -11.496 1.00 92.15  ? 10  LEU G CD1 1 
ATOM   1062 C  CD2 . LEU G 1 11 ? 3.169   13.677  -12.712 1.00 97.97  ? 10  LEU G CD2 1 
ATOM   1063 N  N   . SER G 1 12 ? 0.293   9.407   -13.339 1.00 92.78  ? 11  SER G N   1 
ATOM   1064 C  CA  . SER G 1 12 ? 0.252   8.040   -12.833 1.00 90.60  ? 11  SER G CA  1 
ATOM   1065 C  C   . SER G 1 12 ? 0.810   7.049   -13.838 1.00 85.08  ? 11  SER G C   1 
ATOM   1066 O  O   . SER G 1 12 ? 1.634   6.208   -13.480 1.00 86.10  ? 11  SER G O   1 
ATOM   1067 C  CB  . SER G 1 12 ? -1.174  7.642   -12.469 1.00 94.60  ? 11  SER G CB  1 
ATOM   1068 O  OG  . SER G 1 12 ? -1.986  7.568   -13.625 1.00 101.10 ? 11  SER G OG  1 
ATOM   1069 N  N   . GLU G 1 13 ? 0.377   7.164   -15.090 1.00 84.80  ? 12  GLU G N   1 
ATOM   1070 C  CA  . GLU G 1 13 ? 0.807   6.224   -16.119 1.00 94.04  ? 12  GLU G CA  1 
ATOM   1071 C  C   . GLU G 1 13 ? 2.324   6.299   -16.325 1.00 93.22  ? 12  GLU G C   1 
ATOM   1072 O  O   . GLU G 1 13 ? 2.995   5.262   -16.429 1.00 96.05  ? 12  GLU G O   1 
ATOM   1073 C  CB  . GLU G 1 13 ? 0.041   6.434   -17.427 1.00 102.49 ? 12  GLU G CB  1 
ATOM   1074 C  CG  . GLU G 1 13 ? -1.473  6.158   -17.364 1.00 115.29 ? 12  GLU G CG  1 
ATOM   1075 C  CD  . GLU G 1 13 ? -1.885  4.762   -16.872 1.00 127.35 ? 12  GLU G CD  1 
ATOM   1076 O  OE1 . GLU G 1 13 ? -1.122  3.784   -17.052 1.00 145.36 ? 12  GLU G OE1 1 
ATOM   1077 O  OE2 . GLU G 1 13 ? -3.004  4.633   -16.312 1.00 122.11 ? 12  GLU G OE2 1 
ATOM   1078 N  N   . ALA G 1 14 ? 2.857   7.520   -16.318 1.00 93.50  ? 13  ALA G N   1 
ATOM   1079 C  CA  . ALA G 1 14 ? 4.321   7.757   -16.277 1.00 91.96  ? 13  ALA G CA  1 
ATOM   1080 C  C   . ALA G 1 14 ? 4.973   6.911   -15.205 1.00 87.63  ? 13  ALA G C   1 
ATOM   1081 O  O   . ALA G 1 14 ? 5.935   6.194   -15.453 1.00 81.21  ? 13  ALA G O   1 
ATOM   1082 C  CB  . ALA G 1 14 ? 4.638   9.227   -15.998 1.00 92.99  ? 13  ALA G CB  1 
ATOM   1083 N  N   . LEU G 1 15 ? 4.416   7.005   -14.008 1.00 90.47  ? 14  LEU G N   1 
ATOM   1084 C  CA  . LEU G 1 15 ? 4.969   6.313   -12.857 1.00 92.30  ? 14  LEU G CA  1 
ATOM   1085 C  C   . LEU G 1 15 ? 4.868   4.800   -13.009 1.00 90.08  ? 14  LEU G C   1 
ATOM   1086 O  O   . LEU G 1 15 ? 5.781   4.079   -12.626 1.00 87.16  ? 14  LEU G O   1 
ATOM   1087 C  CB  . LEU G 1 15 ? 4.305   6.779   -11.557 1.00 92.64  ? 14  LEU G CB  1 
ATOM   1088 C  CG  . LEU G 1 15 ? 5.329   7.113   -10.468 1.00 94.92  ? 14  LEU G CG  1 
ATOM   1089 C  CD1 . LEU G 1 15 ? 4.635   7.745   -9.278  1.00 98.99  ? 14  LEU G CD1 1 
ATOM   1090 C  CD2 . LEU G 1 15 ? 6.138   5.890   -10.062 1.00 96.01  ? 14  LEU G CD2 1 
ATOM   1091 N  N   . HIS G 1 16 ? 3.775   4.320   -13.583 1.00 93.26  ? 15  HIS G N   1 
ATOM   1092 C  CA  . HIS G 1 16 ? 3.634   2.892   -13.810 1.00 96.45  ? 15  HIS G CA  1 
ATOM   1093 C  C   . HIS G 1 16 ? 4.763   2.395   -14.701 1.00 87.77  ? 15  HIS G C   1 
ATOM   1094 O  O   . HIS G 1 16 ? 5.431   1.413   -14.370 1.00 82.95  ? 15  HIS G O   1 
ATOM   1095 C  CB  . HIS G 1 16 ? 2.275   2.559   -14.417 1.00 108.24 ? 15  HIS G CB  1 
ATOM   1096 C  CG  . HIS G 1 16 ? 1.956   1.098   -14.399 1.00 119.36 ? 15  HIS G CG  1 
ATOM   1097 N  ND1 . HIS G 1 16 ? 1.403   0.444   -15.480 1.00 129.42 ? 15  HIS G ND1 1 
ATOM   1098 C  CD2 . HIS G 1 16 ? 2.131   0.160   -13.439 1.00 122.15 ? 15  HIS G CD2 1 
ATOM   1099 C  CE1 . HIS G 1 16 ? 1.239   -0.832  -15.179 1.00 134.34 ? 15  HIS G CE1 1 
ATOM   1100 N  NE2 . HIS G 1 16 ? 1.679   -1.032  -13.949 1.00 129.15 ? 15  HIS G NE2 1 
ATOM   1101 N  N   . LEU G 1 17 ? 4.990   3.099   -15.809 1.00 85.67  ? 16  LEU G N   1 
ATOM   1102 C  CA  . LEU G 1 17 ? 6.077   2.756   -16.730 1.00 87.62  ? 16  LEU G CA  1 
ATOM   1103 C  C   . LEU G 1 17 ? 7.426   2.801   -16.015 1.00 89.22  ? 16  LEU G C   1 
ATOM   1104 O  O   . LEU G 1 17 ? 8.217   1.863   -16.116 1.00 91.63  ? 16  LEU G O   1 
ATOM   1105 C  CB  . LEU G 1 17 ? 6.093   3.679   -17.957 1.00 81.18  ? 16  LEU G CB  1 
ATOM   1106 N  N   . ALA G 1 18 ? 7.664   3.886   -15.279 1.00 94.28  ? 17  ALA G N   1 
ATOM   1107 C  CA  . ALA G 1 18 ? 8.937   4.096   -14.562 1.00 100.82 ? 17  ALA G CA  1 
ATOM   1108 C  C   . ALA G 1 18 ? 9.250   2.962   -13.605 1.00 104.70 ? 17  ALA G C   1 
ATOM   1109 O  O   . ALA G 1 18 ? 10.391  2.510   -13.504 1.00 112.20 ? 17  ALA G O   1 
ATOM   1110 C  CB  . ALA G 1 18 ? 8.915   5.412   -13.797 1.00 103.63 ? 17  ALA G CB  1 
ATOM   1111 N  N   . ILE G 1 19 ? 8.218   2.506   -12.911 1.00 104.54 ? 18  ILE G N   1 
ATOM   1112 C  CA  . ILE G 1 19 ? 8.349   1.401   -11.986 1.00 101.65 ? 18  ILE G CA  1 
ATOM   1113 C  C   . ILE G 1 19 ? 8.601   0.107   -12.783 1.00 99.82  ? 18  ILE G C   1 
ATOM   1114 O  O   . ILE G 1 19 ? 9.591   -0.599  -12.543 1.00 91.52  ? 18  ILE G O   1 
ATOM   1115 C  CB  . ILE G 1 19 ? 7.100   1.319   -11.076 1.00 101.44 ? 18  ILE G CB  1 
ATOM   1116 C  CG1 . ILE G 1 19 ? 7.002   2.567   -10.177 1.00 92.95  ? 18  ILE G CG1 1 
ATOM   1117 C  CG2 . ILE G 1 19 ? 7.115   0.048   -10.237 1.00 113.31 ? 18  ILE G CG2 1 
ATOM   1118 C  CD1 . ILE G 1 19 ? 8.003   2.638   -9.043  1.00 91.22  ? 18  ILE G CD1 1 
ATOM   1119 N  N   . LEU G 1 20 ? 7.725   -0.175  -13.748 1.00 101.16 ? 19  LEU G N   1 
ATOM   1120 C  CA  . LEU G 1 20 ? 7.882   -1.338  -14.630 1.00 103.48 ? 19  LEU G CA  1 
ATOM   1121 C  C   . LEU G 1 20 ? 9.301   -1.422  -15.213 1.00 109.76 ? 19  LEU G C   1 
ATOM   1122 O  O   . LEU G 1 20 ? 9.876   -2.512  -15.302 1.00 115.94 ? 19  LEU G O   1 
ATOM   1123 C  CB  . LEU G 1 20 ? 6.851   -1.296  -15.760 1.00 98.91  ? 19  LEU G CB  1 
ATOM   1124 N  N   . LEU G 1 21 ? 9.853   -0.259  -15.588 1.00 112.27 ? 20  LEU G N   1 
ATOM   1125 C  CA  . LEU G 1 21 ? 11.250  -0.135  -16.036 1.00 106.74 ? 20  LEU G CA  1 
ATOM   1126 C  C   . LEU G 1 21 ? 12.174  -0.500  -14.896 1.00 104.97 ? 20  LEU G C   1 
ATOM   1127 O  O   . LEU G 1 21 ? 12.983  -1.418  -15.014 1.00 116.57 ? 20  LEU G O   1 
ATOM   1128 C  CB  . LEU G 1 21 ? 11.569  1.288   -16.524 1.00 95.37  ? 20  LEU G CB  1 
ATOM   1129 N  N   . LEU G 1 22 ? 12.006  0.192   -13.776 1.00 102.03 ? 21  LEU G N   1 
ATOM   1130 C  CA  . LEU G 1 22 ? 12.817  -0.039  -12.583 1.00 98.29  ? 21  LEU G CA  1 
ATOM   1131 C  C   . LEU G 1 22 ? 12.817  -1.503  -12.116 1.00 93.15  ? 21  LEU G C   1 
ATOM   1132 O  O   . LEU G 1 22 ? 13.777  -1.953  -11.491 1.00 79.98  ? 21  LEU G O   1 
ATOM   1133 C  CB  . LEU G 1 22 ? 12.342  0.878   -11.457 1.00 100.67 ? 21  LEU G CB  1 
ATOM   1134 C  CG  . LEU G 1 22 ? 13.154  0.889   -10.168 1.00 104.88 ? 21  LEU G CG  1 
ATOM   1135 C  CD1 . LEU G 1 22 ? 14.636  1.088   -10.443 1.00 109.24 ? 21  LEU G CD1 1 
ATOM   1136 C  CD2 . LEU G 1 22 ? 12.620  1.980   -9.249  1.00 106.17 ? 21  LEU G CD2 1 
ATOM   1137 N  N   . ILE G 1 23 ? 11.740  -2.230  -12.416 1.00 94.48  ? 22  ILE G N   1 
ATOM   1138 C  CA  . ILE G 1 23 ? 11.743  -3.684  -12.312 1.00 95.81  ? 22  ILE G CA  1 
ATOM   1139 C  C   . ILE G 1 23 ? 12.788  -4.262  -13.273 1.00 101.14 ? 22  ILE G C   1 
ATOM   1140 O  O   . ILE G 1 23 ? 13.792  -4.799  -12.815 1.00 103.01 ? 22  ILE G O   1 
ATOM   1141 C  CB  . ILE G 1 23 ? 10.353  -4.288  -12.602 1.00 93.13  ? 22  ILE G CB  1 
ATOM   1142 N  N   . LYS G 1 24 ? 12.574  -4.095  -14.586 1.00 108.38 ? 23  LYS G N   1 
ATOM   1143 C  CA  . LYS G 1 24 ? 13.423  -4.696  -15.653 1.00 110.91 ? 23  LYS G CA  1 
ATOM   1144 C  C   . LYS G 1 24 ? 14.935  -4.458  -15.520 1.00 114.29 ? 23  LYS G C   1 
ATOM   1145 O  O   . LYS G 1 24 ? 15.707  -5.413  -15.471 1.00 108.15 ? 23  LYS G O   1 
ATOM   1146 C  CB  . LYS G 1 24 ? 12.973  -4.218  -17.040 1.00 106.29 ? 23  LYS G CB  1 
ATOM   1147 N  N   . TRP G 1 25 ? 15.344  -3.191  -15.470 1.00 129.19 ? 24  TRP G N   1 
ATOM   1148 C  CA  . TRP G 1 25 ? 16.763  -2.817  -15.277 1.00 134.84 ? 24  TRP G CA  1 
ATOM   1149 C  C   . TRP G 1 25 ? 17.242  -2.993  -13.814 1.00 132.23 ? 24  TRP G C   1 
ATOM   1150 O  O   . TRP G 1 25 ? 18.292  -3.600  -13.559 1.00 122.23 ? 24  TRP G O   1 
ATOM   1151 C  CB  . TRP G 1 25 ? 17.009  -1.374  -15.750 1.00 129.17 ? 24  TRP G CB  1 
ATOM   1152 N  N   . GLY G 1 26 ? 16.467  -2.465  -12.865 1.00 129.45 ? 25  GLY G N   1 
ATOM   1153 C  CA  . GLY G 1 26 ? 16.804  -2.529  -11.439 1.00 118.93 ? 25  GLY G CA  1 
ATOM   1154 C  C   . GLY G 1 26 ? 16.223  -3.764  -10.785 1.00 108.81 ? 25  GLY G C   1 
ATOM   1155 O  O   . GLY G 1 26 ? 16.783  -4.849  -10.884 1.00 103.99 ? 25  GLY G O   1 
ATOM   1156 N  N   . SER H 1 2  ? -6.867  21.464  -4.457  1.00 138.76 ? 1   SER H N   1 
ATOM   1157 C  CA  . SER H 1 2  ? -6.401  22.041  -3.154  1.00 141.31 ? 1   SER H CA  1 
ATOM   1158 C  C   . SER H 1 2  ? -5.729  20.983  -2.273  1.00 134.94 ? 1   SER H C   1 
ATOM   1159 O  O   . SER H 1 2  ? -4.708  21.255  -1.635  1.00 130.93 ? 1   SER H O   1 
ATOM   1160 C  CB  . SER H 1 2  ? -7.571  22.683  -2.400  1.00 145.83 ? 1   SER H CB  1 
ATOM   1161 N  N   . LYS H 1 3  ? -6.338  19.800  -2.218  1.00 125.49 ? 2   LYS H N   1 
ATOM   1162 C  CA  . LYS H 1 3  ? -5.744  18.618  -1.583  1.00 112.52 ? 2   LYS H CA  1 
ATOM   1163 C  C   . LYS H 1 3  ? -5.263  17.600  -2.601  1.00 98.43  ? 2   LYS H C   1 
ATOM   1164 O  O   . LYS H 1 3  ? -4.301  16.900  -2.343  1.00 89.08  ? 2   LYS H O   1 
ATOM   1165 C  CB  . LYS H 1 3  ? -6.755  17.949  -0.649  1.00 115.18 ? 2   LYS H CB  1 
ATOM   1166 N  N   . LEU H 1 4  ? -5.948  17.509  -3.744  1.00 95.04  ? 3   LEU H N   1 
ATOM   1167 C  CA  . LEU H 1 4  ? -5.582  16.570  -4.804  1.00 89.85  ? 3   LEU H CA  1 
ATOM   1168 C  C   . LEU H 1 4  ? -4.172  16.765  -5.270  1.00 85.41  ? 3   LEU H C   1 
ATOM   1169 O  O   . LEU H 1 4  ? -3.479  15.790  -5.507  1.00 73.43  ? 3   LEU H O   1 
ATOM   1170 C  CB  . LEU H 1 4  ? -6.491  16.714  -6.022  1.00 86.70  ? 3   LEU H CB  1 
ATOM   1171 C  CG  . LEU H 1 4  ? -6.073  15.902  -7.257  1.00 83.88  ? 3   LEU H CG  1 
ATOM   1172 C  CD1 . LEU H 1 4  ? -5.980  14.416  -6.966  1.00 80.83  ? 3   LEU H CD1 1 
ATOM   1173 C  CD2 . LEU H 1 4  ? -7.038  16.139  -8.397  1.00 89.95  ? 3   LEU H CD2 1 
ATOM   1174 N  N   . LEU H 1 5  ? -3.757  18.019  -5.418  1.00 97.30  ? 4   LEU H N   1 
ATOM   1175 C  CA  . LEU H 1 5  ? -2.382  18.313  -5.845  1.00 109.62 ? 4   LEU H CA  1 
ATOM   1176 C  C   . LEU H 1 5  ? -1.346  17.681  -4.888  1.00 110.04 ? 4   LEU H C   1 
ATOM   1177 O  O   . LEU H 1 5  ? -0.264  17.281  -5.337  1.00 112.97 ? 4   LEU H O   1 
ATOM   1178 C  CB  . LEU H 1 5  ? -2.133  19.832  -6.071  1.00 110.45 ? 4   LEU H CB  1 
ATOM   1179 C  CG  . LEU H 1 5  ? -1.475  20.732  -5.005  1.00 109.05 ? 4   LEU H CG  1 
ATOM   1180 C  CD1 . LEU H 1 5  ? -1.177  22.122  -5.556  1.00 103.88 ? 4   LEU H CD1 1 
ATOM   1181 C  CD2 . LEU H 1 5  ? -2.318  20.808  -3.738  1.00 113.58 ? 4   LEU H CD2 1 
ATOM   1182 N  N   . LEU H 1 6  ? -1.691  17.553  -3.600  1.00 98.61  ? 5   LEU H N   1 
ATOM   1183 C  CA  . LEU H 1 6  ? -0.873  16.795  -2.650  1.00 89.82  ? 5   LEU H CA  1 
ATOM   1184 C  C   . LEU H 1 6  ? -0.685  15.326  -3.082  1.00 86.92  ? 5   LEU H C   1 
ATOM   1185 O  O   . LEU H 1 6  ? 0.367   14.748  -2.829  1.00 85.36  ? 5   LEU H O   1 
ATOM   1186 C  CB  . LEU H 1 6  ? -1.455  16.882  -1.236  1.00 85.55  ? 5   LEU H CB  1 
ATOM   1187 N  N   . LEU H 1 7  ? -1.684  14.736  -3.743  1.00 83.28  ? 6   LEU H N   1 
ATOM   1188 C  CA  . LEU H 1 7  ? -1.512  13.426  -4.381  1.00 80.24  ? 6   LEU H CA  1 
ATOM   1189 C  C   . LEU H 1 7  ? -0.494  13.526  -5.509  1.00 73.49  ? 6   LEU H C   1 
ATOM   1190 O  O   . LEU H 1 7  ? 0.433   12.743  -5.577  1.00 70.81  ? 6   LEU H O   1 
ATOM   1191 C  CB  . LEU H 1 7  ? -2.832  12.873  -4.931  1.00 83.29  ? 6   LEU H CB  1 
ATOM   1192 C  CG  . LEU H 1 7  ? -3.024  11.345  -4.994  1.00 90.72  ? 6   LEU H CG  1 
ATOM   1193 C  CD1 . LEU H 1 7  ? -4.125  10.985  -5.987  1.00 92.52  ? 6   LEU H CD1 1 
ATOM   1194 C  CD2 . LEU H 1 7  ? -1.773  10.557  -5.358  1.00 95.19  ? 6   LEU H CD2 1 
ATOM   1195 N  N   . LEU H 1 8  ? -0.649  14.509  -6.375  1.00 72.38  ? 7   LEU H N   1 
ATOM   1196 C  CA  . LEU H 1 8  ? 0.241   14.623  -7.520  1.00 75.42  ? 7   LEU H CA  1 
ATOM   1197 C  C   . LEU H 1 8  ? 1.634   15.025  -7.122  1.00 74.25  ? 7   LEU H C   1 
ATOM   1198 O  O   . LEU H 1 8  ? 2.587   14.533  -7.706  1.00 76.92  ? 7   LEU H O   1 
ATOM   1199 C  CB  . LEU H 1 8  ? -0.314  15.561  -8.588  1.00 81.05  ? 7   LEU H CB  1 
ATOM   1200 C  CG  . LEU H 1 8  ? -1.365  14.848  -9.455  1.00 89.03  ? 7   LEU H CG  1 
ATOM   1201 C  CD1 . LEU H 1 8  ? -2.686  14.756  -8.711  1.00 94.26  ? 7   LEU H CD1 1 
ATOM   1202 C  CD2 . LEU H 1 8  ? -1.559  15.511  -10.804 1.00 94.68  ? 7   LEU H CD2 1 
ATOM   1203 N  N   . ILE H 1 9  ? 1.757   15.892  -6.121  1.00 77.98  ? 8   ILE H N   1 
ATOM   1204 C  CA  . ILE H 1 9  ? 3.065   16.213  -5.517  1.00 87.89  ? 8   ILE H CA  1 
ATOM   1205 C  C   . ILE H 1 9  ? 3.796   14.939  -5.119  1.00 92.00  ? 8   ILE H C   1 
ATOM   1206 O  O   . ILE H 1 9  ? 4.973   14.768  -5.425  1.00 100.08 ? 8   ILE H O   1 
ATOM   1207 C  CB  . ILE H 1 9  ? 2.938   17.126  -4.268  1.00 89.96  ? 8   ILE H CB  1 
ATOM   1208 C  CG1 . ILE H 1 9  ? 2.576   18.541  -4.700  1.00 90.72  ? 8   ILE H CG1 1 
ATOM   1209 C  CG2 . ILE H 1 9  ? 4.243   17.189  -3.459  1.00 90.99  ? 8   ILE H CG2 1 
ATOM   1210 C  CD1 . ILE H 1 9  ? 1.865   19.377  -3.664  1.00 96.82  ? 8   ILE H CD1 1 
ATOM   1211 N  N   . ILE H 1 10 ? 3.078   14.056  -4.443  1.00 92.92  ? 9   ILE H N   1 
ATOM   1212 C  CA  . ILE H 1 10 ? 3.629   12.791  -3.965  1.00 92.75  ? 9   ILE H CA  1 
ATOM   1213 C  C   . ILE H 1 10 ? 3.987   11.850  -5.134  1.00 85.70  ? 9   ILE H C   1 
ATOM   1214 O  O   . ILE H 1 10 ? 4.988   11.148  -5.070  1.00 80.51  ? 9   ILE H O   1 
ATOM   1215 C  CB  . ILE H 1 10 ? 2.665   12.147  -2.923  1.00 97.40  ? 9   ILE H CB  1 
ATOM   1216 C  CG1 . ILE H 1 10 ? 2.627   12.990  -1.627  1.00 96.83  ? 9   ILE H CG1 1 
ATOM   1217 C  CG2 . ILE H 1 10 ? 3.037   10.706  -2.608  1.00 98.73  ? 9   ILE H CG2 1 
ATOM   1218 C  CD1 . ILE H 1 10 ? 3.886   12.956  -0.773  1.00 98.69  ? 9   ILE H CD1 1 
ATOM   1219 N  N   . LEU H 1 11 ? 3.194   11.850  -6.200  1.00 84.67  ? 10  LEU H N   1 
ATOM   1220 C  CA  . LEU H 1 11 ? 3.536   11.073  -7.393  1.00 86.46  ? 10  LEU H CA  1 
ATOM   1221 C  C   . LEU H 1 11 ? 4.756   11.654  -8.141  1.00 89.42  ? 10  LEU H C   1 
ATOM   1222 O  O   . LEU H 1 11 ? 5.653   10.918  -8.530  1.00 88.29  ? 10  LEU H O   1 
ATOM   1223 C  CB  . LEU H 1 11 ? 2.337   10.958  -8.338  1.00 85.80  ? 10  LEU H CB  1 
ATOM   1224 C  CG  . LEU H 1 11 ? 0.996   10.430  -7.819  1.00 82.96  ? 10  LEU H CG  1 
ATOM   1225 C  CD1 . LEU H 1 11 ? -0.018  10.307  -8.945  1.00 82.77  ? 10  LEU H CD1 1 
ATOM   1226 C  CD2 . LEU H 1 11 ? 1.178   9.088   -7.138  1.00 86.52  ? 10  LEU H CD2 1 
ATOM   1227 N  N   . SER H 1 12 ? 4.789   12.970  -8.330  1.00 95.47  ? 11  SER H N   1 
ATOM   1228 C  CA  . SER H 1 12 ? 5.954   13.646  -8.911  1.00 100.80 ? 11  SER H CA  1 
ATOM   1229 C  C   . SER H 1 12 ? 7.201   13.323  -8.108  1.00 97.82  ? 11  SER H C   1 
ATOM   1230 O  O   . SER H 1 12 ? 8.161   12.753  -8.629  1.00 105.96 ? 11  SER H O   1 
ATOM   1231 C  CB  . SER H 1 12 ? 5.759   15.169  -8.928  1.00 108.78 ? 11  SER H CB  1 
ATOM   1232 O  OG  . SER H 1 12 ? 4.603   15.537  -9.661  1.00 117.60 ? 11  SER H OG  1 
ATOM   1233 N  N   . GLU H 1 13 ? 7.140   13.653  -6.822  1.00 95.48  ? 12  GLU H N   1 
ATOM   1234 C  CA  . GLU H 1 13 ? 8.247   13.455  -5.892  1.00 100.95 ? 12  GLU H CA  1 
ATOM   1235 C  C   . GLU H 1 13 ? 8.740   12.010  -5.904  1.00 96.31  ? 12  GLU H C   1 
ATOM   1236 O  O   . GLU H 1 13 ? 9.927   11.757  -5.713  1.00 101.45 ? 12  GLU H O   1 
ATOM   1237 C  CB  . GLU H 1 13 ? 7.803   13.855  -4.485  1.00 110.07 ? 12  GLU H CB  1 
ATOM   1238 C  CG  . GLU H 1 13 ? 8.907   14.122  -3.480  1.00 123.14 ? 12  GLU H CG  1 
ATOM   1239 C  CD  . GLU H 1 13 ? 8.388   14.882  -2.251  1.00 140.29 ? 12  GLU H CD  1 
ATOM   1240 O  OE1 . GLU H 1 13 ? 7.210   14.680  -1.863  1.00 144.92 ? 12  GLU H OE1 1 
ATOM   1241 O  OE2 . GLU H 1 13 ? 9.151   15.691  -1.669  1.00 165.07 ? 12  GLU H OE2 1 
ATOM   1242 N  N   . ALA H 1 14 ? 7.822   11.075  -6.136  1.00 93.01  ? 13  ALA H N   1 
ATOM   1243 C  CA  . ALA H 1 14 ? 8.163   9.660   -6.286  1.00 94.15  ? 13  ALA H CA  1 
ATOM   1244 C  C   . ALA H 1 14 ? 8.788   9.341   -7.625  1.00 94.12  ? 13  ALA H C   1 
ATOM   1245 O  O   . ALA H 1 14 ? 9.760   8.612   -7.683  1.00 94.57  ? 13  ALA H O   1 
ATOM   1246 C  CB  . ALA H 1 14 ? 6.930   8.800   -6.111  1.00 96.68  ? 13  ALA H CB  1 
ATOM   1247 N  N   . LEU H 1 15 ? 8.203   9.844   -8.705  1.00 100.28 ? 14  LEU H N   1 
ATOM   1248 C  CA  . LEU H 1 15 ? 8.708   9.553   -10.053 1.00 101.51 ? 14  LEU H CA  1 
ATOM   1249 C  C   . LEU H 1 15 ? 10.133  10.092  -10.194 1.00 96.93  ? 14  LEU H C   1 
ATOM   1250 O  O   . LEU H 1 15 ? 11.011  9.400   -10.698 1.00 92.08  ? 14  LEU H O   1 
ATOM   1251 C  CB  . LEU H 1 15 ? 7.789   10.143  -11.132 1.00 106.81 ? 14  LEU H CB  1 
ATOM   1252 C  CG  . LEU H 1 15 ? 7.644   9.367   -12.449 1.00 107.84 ? 14  LEU H CG  1 
ATOM   1253 C  CD1 . LEU H 1 15 ? 6.741   10.132  -13.407 1.00 104.81 ? 14  LEU H CD1 1 
ATOM   1254 C  CD2 . LEU H 1 15 ? 8.990   9.067   -13.083 1.00 111.37 ? 14  LEU H CD2 1 
ATOM   1255 N  N   . HIS H 1 16 ? 10.354  11.311  -9.714  1.00 98.79  ? 15  HIS H N   1 
ATOM   1256 C  CA  . HIS H 1 16 ? 11.686  11.907  -9.676  1.00 97.91  ? 15  HIS H CA  1 
ATOM   1257 C  C   . HIS H 1 16 ? 12.711  10.947  -9.081  1.00 91.38  ? 15  HIS H C   1 
ATOM   1258 O  O   . HIS H 1 16 ? 13.734  10.672  -9.700  1.00 96.81  ? 15  HIS H O   1 
ATOM   1259 C  CB  . HIS H 1 16 ? 11.673  13.211  -8.875  1.00 101.49 ? 15  HIS H CB  1 
ATOM   1260 C  CG  . HIS H 1 16 ? 12.992  13.906  -8.860  1.00 104.29 ? 15  HIS H CG  1 
ATOM   1261 N  ND1 . HIS H 1 16 ? 13.583  14.369  -7.704  1.00 113.76 ? 15  HIS H ND1 1 
ATOM   1262 C  CD2 . HIS H 1 16 ? 13.852  14.189  -9.863  1.00 107.32 ? 15  HIS H CD2 1 
ATOM   1263 C  CE1 . HIS H 1 16 ? 14.752  14.911  -8.000  1.00 117.05 ? 15  HIS H CE1 1 
ATOM   1264 N  NE2 . HIS H 1 16 ? 14.935  14.821  -9.305  1.00 113.74 ? 15  HIS H NE2 1 
ATOM   1265 N  N   . LEU H 1 17 ? 12.407  10.426  -7.898  1.00 86.42  ? 16  LEU H N   1 
ATOM   1266 C  CA  . LEU H 1 17 ? 13.300  9.513   -7.180  1.00 86.76  ? 16  LEU H CA  1 
ATOM   1267 C  C   . LEU H 1 17 ? 13.285  8.076   -7.694  1.00 82.20  ? 16  LEU H C   1 
ATOM   1268 O  O   . LEU H 1 17 ? 14.207  7.319   -7.393  1.00 86.60  ? 16  LEU H O   1 
ATOM   1269 C  CB  . LEU H 1 17 ? 12.960  9.501   -5.686  1.00 90.32  ? 16  LEU H CB  1 
ATOM   1270 N  N   . ALA H 1 18 ? 12.225  7.689   -8.411  1.00 80.09  ? 17  ALA H N   1 
ATOM   1271 C  CA  . ALA H 1 18 ? 12.181  6.409   -9.152  1.00 81.74  ? 17  ALA H CA  1 
ATOM   1272 C  C   . ALA H 1 18 ? 13.244  6.413   -10.228 1.00 85.32  ? 17  ALA H C   1 
ATOM   1273 O  O   . ALA H 1 18 ? 13.883  5.394   -10.537 1.00 83.30  ? 17  ALA H O   1 
ATOM   1274 C  CB  . ALA H 1 18 ? 10.809  6.188   -9.799  1.00 77.97  ? 17  ALA H CB  1 
ATOM   1275 N  N   . ILE H 1 19 ? 13.402  7.597   -10.803 1.00 91.49  ? 18  ILE H N   1 
ATOM   1276 C  CA  . ILE H 1 19 ? 14.343  7.829   -11.870 1.00 90.80  ? 18  ILE H CA  1 
ATOM   1277 C  C   . ILE H 1 19 ? 15.730  8.124   -11.279 1.00 83.01  ? 18  ILE H C   1 
ATOM   1278 O  O   . ILE H 1 19 ? 16.703  7.504   -11.683 1.00 76.67  ? 18  ILE H O   1 
ATOM   1279 C  CB  . ILE H 1 19 ? 13.795  8.924   -12.818 1.00 95.30  ? 18  ILE H CB  1 
ATOM   1280 C  CG1 . ILE H 1 19 ? 12.876  8.296   -13.878 1.00 93.85  ? 18  ILE H CG1 1 
ATOM   1281 C  CG2 . ILE H 1 19 ? 14.915  9.636   -13.513 1.00 99.64  ? 18  ILE H CG2 1 
ATOM   1282 C  CD1 . ILE H 1 19 ? 12.002  9.290   -14.616 1.00 93.70  ? 18  ILE H CD1 1 
ATOM   1283 N  N   . LEU H 1 20 ? 15.808  9.046   -10.315 1.00 82.36  ? 19  LEU H N   1 
ATOM   1284 C  CA  . LEU H 1 20 ? 17.069  9.368   -9.604  1.00 82.38  ? 19  LEU H CA  1 
ATOM   1285 C  C   . LEU H 1 20 ? 17.855  8.121   -9.194  1.00 85.04  ? 19  LEU H C   1 
ATOM   1286 O  O   . LEU H 1 20 ? 19.082  8.059   -9.358  1.00 86.53  ? 19  LEU H O   1 
ATOM   1287 C  CB  . LEU H 1 20 ? 16.799  10.227  -8.361  1.00 77.00  ? 19  LEU H CB  1 
ATOM   1288 N  N   . LEU H 1 21 ? 17.135  7.130   -8.669  1.00 89.91  ? 20  LEU H N   1 
ATOM   1289 C  CA  . LEU H 1 21 ? 17.689  5.799   -8.423  1.00 86.97  ? 20  LEU H CA  1 
ATOM   1290 C  C   . LEU H 1 21 ? 18.137  5.203   -9.754  1.00 85.40  ? 20  LEU H C   1 
ATOM   1291 O  O   . LEU H 1 21 ? 19.302  4.865   -9.932  1.00 81.95  ? 20  LEU H O   1 
ATOM   1292 C  CB  . LEU H 1 21 ? 16.662  4.881   -7.738  1.00 84.77  ? 20  LEU H CB  1 
ATOM   1293 N  N   . LEU H 1 22 ? 17.217  5.137   -10.705 1.00 86.93  ? 21  LEU H N   1 
ATOM   1294 C  CA  . LEU H 1 22 ? 17.516  4.617   -12.044 1.00 94.23  ? 21  LEU H CA  1 
ATOM   1295 C  C   . LEU H 1 22 ? 18.775  5.184   -12.761 1.00 98.62  ? 21  LEU H C   1 
ATOM   1296 O  O   . LEU H 1 22 ? 19.201  4.611   -13.757 1.00 96.26  ? 21  LEU H O   1 
ATOM   1297 C  CB  . LEU H 1 22 ? 16.289  4.785   -12.948 1.00 97.88  ? 21  LEU H CB  1 
ATOM   1298 C  CG  . LEU H 1 22 ? 15.766  3.492   -13.550 1.00 107.06 ? 21  LEU H CG  1 
ATOM   1299 C  CD1 . LEU H 1 22 ? 14.396  3.736   -14.162 1.00 109.84 ? 21  LEU H CD1 1 
ATOM   1300 C  CD2 . LEU H 1 22 ? 16.756  2.922   -14.561 1.00 114.46 ? 21  LEU H CD2 1 
ATOM   1301 N  N   . ILE H 1 23 ? 19.348  6.297   -12.288 1.00 103.58 ? 22  ILE H N   1 
ATOM   1302 C  CA  . ILE H 1 23 ? 20.671  6.766   -12.750 1.00 102.98 ? 22  ILE H CA  1 
ATOM   1303 C  C   . ILE H 1 23 ? 21.829  6.081   -12.008 1.00 107.16 ? 22  ILE H C   1 
ATOM   1304 O  O   . ILE H 1 23 ? 22.905  5.911   -12.582 1.00 117.96 ? 22  ILE H O   1 
ATOM   1305 C  CB  . ILE H 1 23 ? 20.819  8.300   -12.623 1.00 95.75  ? 22  ILE H CB  1 
ATOM   1306 N  N   . LYS H 1 24 ? 21.623  5.722   -10.738 1.00 105.45 ? 23  LYS H N   1 
ATOM   1307 C  CA  . LYS H 1 24 ? 22.572  4.888   -9.970  1.00 109.69 ? 23  LYS H CA  1 
ATOM   1308 C  C   . LYS H 1 24 ? 22.654  3.453   -10.512 1.00 113.64 ? 23  LYS H C   1 
ATOM   1309 O  O   . LYS H 1 24 ? 23.673  2.781   -10.319 1.00 116.91 ? 23  LYS H O   1 
ATOM   1310 C  CB  . LYS H 1 24 ? 22.211  4.894   -8.466  1.00 115.55 ? 23  LYS H CB  1 
ATOM   1311 C  CG  . LYS H 1 24 ? 22.814  3.790   -7.586  1.00 120.38 ? 23  LYS H CG  1 
ATOM   1312 C  CD  . LYS H 1 24 ? 22.478  3.985   -6.106  1.00 121.46 ? 23  LYS H CD  1 
ATOM   1313 C  CE  . LYS H 1 24 ? 23.634  4.556   -5.293  1.00 124.76 ? 23  LYS H CE  1 
ATOM   1314 N  NZ  . LYS H 1 24 ? 23.978  5.967   -5.633  1.00 127.55 ? 23  LYS H NZ  1 
ATOM   1315 N  N   . TRP H 1 25 ? 21.580  2.997   -11.165 1.00 117.51 ? 24  TRP H N   1 
ATOM   1316 C  CA  . TRP H 1 25 ? 21.536  1.702   -11.852 1.00 120.84 ? 24  TRP H CA  1 
ATOM   1317 C  C   . TRP H 1 25 ? 21.943  1.813   -13.342 1.00 121.08 ? 24  TRP H C   1 
ATOM   1318 O  O   . TRP H 1 25 ? 22.803  1.064   -13.813 1.00 130.32 ? 24  TRP H O   1 
ATOM   1319 C  CB  . TRP H 1 25 ? 20.136  1.085   -11.718 1.00 116.72 ? 24  TRP H CB  1 
ATOM   1320 N  N   . GLY H 1 26 ? 21.331  2.747   -14.070 1.00 115.58 ? 25  GLY H N   1 
ATOM   1321 C  CA  . GLY H 1 26 ? 21.580  2.928   -15.509 1.00 115.33 ? 25  GLY H CA  1 
ATOM   1322 C  C   . GLY H 1 26 ? 22.714  3.879   -15.854 1.00 108.04 ? 25  GLY H C   1 
ATOM   1323 O  O   . GLY H 1 26 ? 23.787  3.822   -15.260 1.00 103.10 ? 25  GLY H O   1 
HETATM 1324 C  C1  . MPD I 2 .  ? -7.141  6.246   17.013  1.00 136.97 ? 101 MPD B C1  1 
HETATM 1325 C  C2  . MPD I 2 .  ? -6.468  5.029   16.388  1.00 131.95 ? 101 MPD B C2  1 
HETATM 1326 O  O2  . MPD I 2 .  ? -7.319  3.891   16.565  1.00 132.84 ? 101 MPD B O2  1 
HETATM 1327 C  CM  . MPD I 2 .  ? -5.135  4.754   17.073  1.00 126.24 ? 101 MPD B CM  1 
HETATM 1328 C  C3  . MPD I 2 .  ? -6.256  5.254   14.895  1.00 126.70 ? 101 MPD B C3  1 
HETATM 1329 C  C4  . MPD I 2 .  ? -7.463  5.945   14.271  1.00 120.69 ? 101 MPD B C4  1 
HETATM 1330 O  O4  . MPD I 2 .  ? -7.433  5.764   12.851  1.00 113.04 ? 101 MPD B O4  1 
HETATM 1331 C  C5  . MPD I 2 .  ? -8.764  5.381   14.828  1.00 114.42 ? 101 MPD B C5  1 
HETATM 1332 ZN ZN  . ZN  J 3 .  ? 12.538  16.349  -7.073  0.50 137.46 ? 101 ZN  H ZN  1 
HETATM 1333 O  O   . HOH K 4 .  ? 6.545   13.110  4.727   1.00 79.16  ? 101 HOH F O   1 
HETATM 1334 O  O   . HOH L 4 .  ? -3.860  6.190   -21.908 1.00 82.48  ? 101 HOH G O   1 
HETATM 1335 O  O   . HOH M 4 .  ? 25.257  -1.264  -11.376 1.00 47.84  ? 201 HOH H O   1 
# 
